data_7O74
#
_entry.id   7O74
#
_cell.length_a   130.146
_cell.length_b   117.592
_cell.length_c   106.991
_cell.angle_alpha   90.000
_cell.angle_beta   94.260
_cell.angle_gamma   90.000
#
_symmetry.space_group_name_H-M   'C 1 2 1'
#
loop_
_entity.id
_entity.type
_entity.pdbx_description
1 polymer 'Cyanate hydratase'
2 non-polymer 'CHLORIDE ION'
3 water water
#
_entity_poly.entity_id   1
_entity_poly.type   'polypeptide(L)'
_entity_poly.pdbx_seq_one_letter_code
;MLQSQFAQTPRLALADTVIDLKARKNLSWQALTDGTGLSLAFVTAALLGQHPLPKEAADIVCGKLGLDEDASRLLQSVPL
RGSFPSGVPTDPTMYRFYEMLQVYGSTLKALVHEQFGDGIISAINFKLDIKKVEDPDGGSRAVITLDGKYLPTKPF
;
_entity_poly.pdbx_strand_id   A,B,C,D,E,F,G,H,I,J
#
# COMPACT_ATOMS: atom_id res chain seq x y z
N MET A 1 23.66 -16.34 -28.68
CA MET A 1 22.32 -16.44 -28.11
C MET A 1 22.06 -15.16 -27.29
N LEU A 2 20.97 -14.46 -27.60
CA LEU A 2 20.61 -13.27 -26.83
C LEU A 2 20.31 -13.69 -25.39
N GLN A 3 20.84 -12.93 -24.44
CA GLN A 3 20.68 -13.22 -23.02
C GLN A 3 19.75 -12.20 -22.38
N SER A 4 19.14 -12.60 -21.27
CA SER A 4 18.21 -11.71 -20.57
C SER A 4 18.38 -11.84 -19.06
N GLN A 5 17.98 -10.78 -18.37
CA GLN A 5 18.00 -10.69 -16.92
C GLN A 5 16.63 -11.04 -16.35
N PHE A 6 16.63 -11.64 -15.15
CA PHE A 6 15.37 -11.87 -14.45
C PHE A 6 15.22 -11.00 -13.22
N ALA A 7 16.26 -10.27 -12.82
CA ALA A 7 16.24 -9.34 -11.70
C ALA A 7 16.95 -8.06 -12.09
N GLN A 8 16.62 -6.96 -11.43
CA GLN A 8 17.28 -5.70 -11.78
C GLN A 8 18.66 -5.55 -11.16
N THR A 9 18.99 -6.35 -10.15
CA THR A 9 20.18 -6.05 -9.35
C THR A 9 21.46 -5.93 -10.18
N PRO A 10 21.80 -6.85 -11.08
CA PRO A 10 23.07 -6.69 -11.81
C PRO A 10 23.15 -5.46 -12.68
N ARG A 11 22.08 -5.13 -13.41
CA ARG A 11 22.15 -3.95 -14.28
C ARG A 11 22.07 -2.66 -13.47
N LEU A 12 21.42 -2.68 -12.31
CA LEU A 12 21.46 -1.48 -11.48
C LEU A 12 22.85 -1.27 -10.92
N ALA A 13 23.54 -2.37 -10.60
CA ALA A 13 24.92 -2.28 -10.12
C ALA A 13 25.85 -1.77 -11.21
N LEU A 14 25.62 -2.21 -12.44
CA LEU A 14 26.41 -1.69 -13.56
C LEU A 14 26.12 -0.20 -13.76
N ALA A 15 24.85 0.19 -13.64
CA ALA A 15 24.52 1.61 -13.76
C ALA A 15 25.24 2.42 -12.68
N ASP A 16 25.32 1.88 -11.46
CA ASP A 16 26.10 2.49 -10.39
C ASP A 16 27.54 2.74 -10.82
N THR A 17 28.16 1.74 -11.45
N THR A 17 28.17 1.75 -11.46
CA THR A 17 29.55 1.89 -11.88
CA THR A 17 29.55 1.92 -11.86
C THR A 17 29.65 2.93 -13.00
C THR A 17 29.67 2.90 -13.03
N VAL A 18 28.67 2.98 -13.91
CA VAL A 18 28.68 3.99 -14.97
C VAL A 18 28.64 5.39 -14.36
N ILE A 19 27.71 5.62 -13.42
CA ILE A 19 27.61 6.95 -12.81
C ILE A 19 28.94 7.32 -12.17
N ASP A 20 29.56 6.37 -11.46
CA ASP A 20 30.80 6.69 -10.75
C ASP A 20 31.94 6.96 -11.73
N LEU A 21 32.11 6.08 -12.73
CA LEU A 21 33.21 6.25 -13.68
C LEU A 21 33.02 7.49 -14.56
N LYS A 22 31.79 7.77 -15.01
CA LYS A 22 31.63 8.99 -15.81
C LYS A 22 31.99 10.23 -15.00
N ALA A 23 31.68 10.24 -13.70
CA ALA A 23 32.07 11.37 -12.87
C ALA A 23 33.59 11.44 -12.69
N ARG A 24 34.21 10.28 -12.43
CA ARG A 24 35.66 10.25 -12.24
C ARG A 24 36.40 10.65 -13.51
N LYS A 25 35.90 10.25 -14.67
CA LYS A 25 36.54 10.58 -15.94
C LYS A 25 36.07 11.89 -16.56
N ASN A 26 35.12 12.58 -15.93
CA ASN A 26 34.57 13.82 -16.47
C ASN A 26 33.97 13.62 -17.85
N LEU A 27 33.18 12.55 -17.99
CA LEU A 27 32.48 12.30 -19.24
C LEU A 27 31.02 12.71 -19.11
N SER A 28 30.44 13.07 -20.24
CA SER A 28 29.02 13.40 -20.35
C SER A 28 28.28 12.24 -21.00
N TRP A 29 26.94 12.24 -20.87
CA TRP A 29 26.14 11.25 -21.57
C TRP A 29 26.30 11.38 -23.08
N GLN A 30 26.39 12.61 -23.59
CA GLN A 30 26.62 12.77 -25.03
C GLN A 30 27.95 12.18 -25.43
N ALA A 31 28.98 12.40 -24.60
CA ALA A 31 30.29 11.85 -24.95
C ALA A 31 30.23 10.34 -25.09
N LEU A 32 29.43 9.67 -24.25
CA LEU A 32 29.33 8.22 -24.34
C LEU A 32 28.56 7.78 -25.57
N THR A 33 27.55 8.55 -25.95
CA THR A 33 26.72 8.21 -27.10
C THR A 33 27.49 8.42 -28.40
N ASP A 34 28.42 9.37 -28.43
CA ASP A 34 29.14 9.70 -29.66
C ASP A 34 29.77 8.47 -30.28
N GLY A 35 29.49 8.27 -31.57
CA GLY A 35 30.09 7.17 -32.30
C GLY A 35 29.30 5.88 -32.30
N THR A 36 28.24 5.78 -31.48
CA THR A 36 27.44 4.55 -31.46
C THR A 36 26.45 4.49 -32.60
N GLY A 37 26.16 5.63 -33.22
CA GLY A 37 25.09 5.66 -34.19
C GLY A 37 23.71 5.57 -33.59
N LEU A 38 23.60 5.59 -32.26
CA LEU A 38 22.30 5.48 -31.60
C LEU A 38 21.97 6.79 -30.91
N SER A 39 20.69 6.97 -30.59
CA SER A 39 20.23 8.23 -30.01
C SER A 39 20.64 8.36 -28.55
N LEU A 40 20.86 9.61 -28.14
CA LEU A 40 21.26 9.91 -26.78
C LEU A 40 20.31 9.28 -25.78
N ALA A 41 19.01 9.42 -26.00
CA ALA A 41 18.05 8.91 -25.03
C ALA A 41 18.11 7.38 -24.94
N PHE A 42 18.36 6.71 -26.06
CA PHE A 42 18.40 5.25 -26.05
C PHE A 42 19.65 4.74 -25.34
N VAL A 43 20.81 5.31 -25.68
CA VAL A 43 22.06 4.86 -25.06
C VAL A 43 22.05 5.19 -23.57
N THR A 44 21.57 6.39 -23.22
CA THR A 44 21.53 6.75 -21.81
C THR A 44 20.62 5.80 -21.05
N ALA A 45 19.44 5.51 -21.61
CA ALA A 45 18.52 4.57 -20.95
C ALA A 45 19.16 3.20 -20.79
N ALA A 46 19.86 2.73 -21.82
CA ALA A 46 20.55 1.44 -21.72
C ALA A 46 21.56 1.44 -20.58
N LEU A 47 22.37 2.50 -20.47
CA LEU A 47 23.39 2.53 -19.42
C LEU A 47 22.74 2.57 -18.04
N LEU A 48 21.58 3.21 -17.95
CA LEU A 48 20.84 3.27 -16.69
C LEU A 48 20.00 2.02 -16.46
N GLY A 49 20.17 0.98 -17.26
CA GLY A 49 19.57 -0.30 -16.99
C GLY A 49 18.27 -0.62 -17.70
N GLN A 50 17.87 0.16 -18.73
CA GLN A 50 16.54 0.04 -19.29
C GLN A 50 16.50 -0.48 -20.72
N HIS A 51 17.64 -0.79 -21.33
CA HIS A 51 17.70 -1.36 -22.67
C HIS A 51 18.97 -2.16 -22.79
N PRO A 52 19.02 -3.14 -23.70
CA PRO A 52 20.31 -3.71 -24.10
C PRO A 52 20.93 -2.85 -25.17
N LEU A 53 22.25 -2.86 -25.23
CA LEU A 53 22.94 -2.27 -26.35
C LEU A 53 23.41 -3.38 -27.30
N PRO A 54 23.45 -3.12 -28.61
CA PRO A 54 24.12 -4.03 -29.53
C PRO A 54 25.60 -4.11 -29.17
N LYS A 55 26.26 -5.19 -29.58
CA LYS A 55 27.63 -5.43 -29.17
C LYS A 55 28.55 -4.26 -29.52
N GLU A 56 28.43 -3.73 -30.73
CA GLU A 56 29.35 -2.66 -31.14
C GLU A 56 29.20 -1.44 -30.24
N ALA A 57 27.96 -1.01 -29.99
CA ALA A 57 27.72 0.15 -29.14
C ALA A 57 28.17 -0.11 -27.71
N ALA A 58 27.90 -1.33 -27.20
CA ALA A 58 28.31 -1.67 -25.85
C ALA A 58 29.82 -1.59 -25.69
N ASP A 59 30.57 -2.12 -26.67
CA ASP A 59 32.03 -2.02 -26.59
C ASP A 59 32.50 -0.57 -26.68
N ILE A 60 31.83 0.25 -27.48
CA ILE A 60 32.22 1.67 -27.58
C ILE A 60 32.07 2.36 -26.23
N VAL A 61 30.90 2.22 -25.59
CA VAL A 61 30.71 2.95 -24.34
C VAL A 61 31.59 2.36 -23.24
N CYS A 62 31.80 1.05 -23.25
CA CYS A 62 32.61 0.44 -22.22
C CYS A 62 34.07 0.84 -22.38
N GLY A 63 34.52 0.99 -23.64
CA GLY A 63 35.87 1.46 -23.87
C GLY A 63 36.11 2.85 -23.33
N LYS A 64 35.12 3.74 -23.47
CA LYS A 64 35.29 5.09 -22.96
C LYS A 64 35.33 5.12 -21.45
N LEU A 65 34.57 4.25 -20.80
CA LEU A 65 34.47 4.30 -19.35
C LEU A 65 35.54 3.47 -18.66
N GLY A 66 36.24 2.62 -19.41
CA GLY A 66 37.17 1.70 -18.80
C GLY A 66 36.52 0.46 -18.24
N LEU A 67 35.36 0.06 -18.76
CA LEU A 67 34.68 -1.13 -18.29
C LEU A 67 35.14 -2.33 -19.10
N ASP A 68 35.14 -3.50 -18.46
CA ASP A 68 35.73 -4.67 -19.09
C ASP A 68 34.68 -5.47 -19.87
N GLU A 69 35.10 -6.65 -20.36
CA GLU A 69 34.23 -7.45 -21.21
C GLU A 69 33.03 -7.99 -20.44
N ASP A 70 33.20 -8.28 -19.15
CA ASP A 70 32.06 -8.73 -18.35
C ASP A 70 30.98 -7.67 -18.31
N ALA A 71 31.37 -6.40 -18.14
CA ALA A 71 30.41 -5.30 -18.14
C ALA A 71 29.72 -5.15 -19.49
N SER A 72 30.49 -5.25 -20.58
CA SER A 72 29.88 -5.13 -21.89
C SER A 72 28.90 -6.26 -22.15
N ARG A 73 29.24 -7.48 -21.74
CA ARG A 73 28.31 -8.62 -21.90
C ARG A 73 27.00 -8.36 -21.16
N LEU A 74 27.09 -7.82 -19.95
CA LEU A 74 25.90 -7.50 -19.17
C LEU A 74 25.08 -6.39 -19.84
N LEU A 75 25.77 -5.39 -20.39
N LEU A 75 25.75 -5.37 -20.37
CA LEU A 75 25.12 -4.29 -21.10
CA LEU A 75 25.06 -4.30 -21.11
C LEU A 75 24.39 -4.78 -22.34
C LEU A 75 24.33 -4.82 -22.34
N GLN A 76 24.80 -5.93 -22.90
CA GLN A 76 24.16 -6.50 -24.08
C GLN A 76 22.98 -7.40 -23.75
N SER A 77 22.76 -7.69 -22.47
N SER A 77 22.75 -7.69 -22.46
CA SER A 77 21.64 -8.50 -22.04
CA SER A 77 21.63 -8.55 -22.07
C SER A 77 20.35 -7.69 -21.99
C SER A 77 20.35 -7.73 -21.89
N VAL A 78 19.22 -8.36 -22.22
CA VAL A 78 17.91 -7.72 -22.13
C VAL A 78 17.56 -7.53 -20.65
N PRO A 79 17.29 -6.30 -20.22
CA PRO A 79 17.07 -6.04 -18.80
C PRO A 79 15.64 -6.33 -18.38
N LEU A 80 15.46 -6.41 -17.05
CA LEU A 80 14.15 -6.31 -16.42
C LEU A 80 13.90 -4.82 -16.19
N ARG A 81 13.02 -4.23 -16.99
CA ARG A 81 12.94 -2.78 -17.08
C ARG A 81 12.06 -2.18 -15.97
N GLY A 82 12.33 -0.90 -15.68
CA GLY A 82 11.54 -0.10 -14.75
C GLY A 82 12.44 0.81 -13.94
N SER A 83 12.37 2.12 -14.15
CA SER A 83 13.31 3.02 -13.47
C SER A 83 12.81 3.50 -12.11
N PHE A 84 11.54 3.29 -11.75
CA PHE A 84 11.06 3.54 -10.39
C PHE A 84 10.12 2.42 -9.95
N PRO A 85 10.68 1.25 -9.62
CA PRO A 85 9.85 0.12 -9.20
C PRO A 85 9.37 0.18 -7.75
N SER A 86 9.85 1.12 -6.96
N SER A 86 9.85 1.11 -6.94
CA SER A 86 9.53 1.13 -5.54
CA SER A 86 9.54 1.08 -5.51
C SER A 86 8.78 2.38 -5.16
C SER A 86 8.52 2.14 -5.10
N GLY A 87 7.94 2.87 -6.05
CA GLY A 87 6.96 3.89 -5.72
C GLY A 87 7.06 5.11 -6.63
N VAL A 88 6.04 5.96 -6.55
CA VAL A 88 6.04 7.23 -7.29
C VAL A 88 7.31 7.98 -6.94
N PRO A 89 8.00 8.60 -7.89
CA PRO A 89 9.27 9.28 -7.55
C PRO A 89 9.05 10.38 -6.54
N THR A 90 10.02 10.53 -5.63
CA THR A 90 10.10 11.72 -4.80
C THR A 90 10.97 12.79 -5.42
N ASP A 91 11.82 12.43 -6.36
CA ASP A 91 12.72 13.42 -6.96
C ASP A 91 11.94 14.45 -7.77
N PRO A 92 12.09 15.74 -7.52
CA PRO A 92 11.29 16.73 -8.26
C PRO A 92 11.41 16.63 -9.77
N THR A 93 12.63 16.42 -10.28
CA THR A 93 12.82 16.39 -11.73
C THR A 93 12.01 15.25 -12.39
N MET A 94 12.07 14.04 -11.81
CA MET A 94 11.29 12.91 -12.30
C MET A 94 9.80 13.12 -12.03
N TYR A 95 9.47 13.66 -10.86
CA TYR A 95 8.06 13.78 -10.47
C TYR A 95 7.27 14.64 -11.46
N ARG A 96 7.89 15.70 -12.00
CA ARG A 96 7.14 16.58 -12.90
C ARG A 96 6.59 15.83 -14.09
N PHE A 97 7.33 14.83 -14.60
CA PHE A 97 6.82 14.05 -15.71
C PHE A 97 5.65 13.18 -15.27
N TYR A 98 5.70 12.65 -14.05
CA TYR A 98 4.55 11.95 -13.49
C TYR A 98 3.37 12.90 -13.33
N GLU A 99 3.63 14.13 -12.89
CA GLU A 99 2.56 15.10 -12.73
C GLU A 99 1.92 15.44 -14.06
N MET A 100 2.72 15.54 -15.14
CA MET A 100 2.13 15.80 -16.45
C MET A 100 1.13 14.71 -16.80
N LEU A 101 1.44 13.46 -16.47
CA LEU A 101 0.53 12.34 -16.70
C LEU A 101 -0.69 12.41 -15.79
N GLN A 102 -0.52 12.85 -14.54
CA GLN A 102 -1.70 13.02 -13.68
C GLN A 102 -2.66 14.06 -14.25
N VAL A 103 -2.14 15.17 -14.77
CA VAL A 103 -3.03 16.22 -15.24
C VAL A 103 -3.64 15.86 -16.59
N TYR A 104 -2.85 15.29 -17.50
CA TYR A 104 -3.26 15.09 -18.88
C TYR A 104 -3.55 13.63 -19.26
N GLY A 105 -3.45 12.69 -18.31
CA GLY A 105 -3.61 11.28 -18.65
C GLY A 105 -4.98 10.96 -19.24
N SER A 106 -6.05 11.44 -18.61
CA SER A 106 -7.38 11.18 -19.17
C SER A 106 -7.58 11.90 -20.49
N THR A 107 -6.94 13.07 -20.67
CA THR A 107 -7.02 13.76 -21.95
C THR A 107 -6.31 12.98 -23.04
N LEU A 108 -5.13 12.45 -22.74
CA LEU A 108 -4.43 11.65 -23.73
C LEU A 108 -5.27 10.47 -24.18
N LYS A 109 -5.92 9.77 -23.23
CA LYS A 109 -6.77 8.66 -23.61
C LYS A 109 -7.91 9.13 -24.51
N ALA A 110 -8.60 10.19 -24.09
CA ALA A 110 -9.73 10.70 -24.87
C ALA A 110 -9.31 11.05 -26.28
N LEU A 111 -8.19 11.76 -26.42
CA LEU A 111 -7.77 12.22 -27.75
C LEU A 111 -7.19 11.09 -28.59
N VAL A 112 -6.55 10.09 -27.97
CA VAL A 112 -6.13 8.93 -28.76
C VAL A 112 -7.35 8.25 -29.38
N HIS A 113 -8.41 8.05 -28.60
CA HIS A 113 -9.58 7.33 -29.14
C HIS A 113 -10.30 8.16 -30.19
N GLU A 114 -10.26 9.48 -30.08
CA GLU A 114 -10.91 10.32 -31.07
C GLU A 114 -10.12 10.37 -32.37
N GLN A 115 -8.81 10.57 -32.28
CA GLN A 115 -7.99 10.81 -33.47
C GLN A 115 -7.49 9.54 -34.12
N PHE A 116 -7.38 8.45 -33.36
CA PHE A 116 -6.85 7.19 -33.87
C PHE A 116 -7.90 6.08 -33.82
N GLY A 117 -8.52 5.86 -32.67
CA GLY A 117 -9.50 4.82 -32.47
C GLY A 117 -9.24 4.07 -31.19
N ASP A 118 -9.96 2.98 -31.02
CA ASP A 118 -9.71 2.12 -29.87
C ASP A 118 -8.35 1.47 -30.01
N GLY A 119 -7.60 1.43 -28.93
CA GLY A 119 -6.27 0.88 -29.02
C GLY A 119 -5.32 1.70 -28.16
N ILE A 120 -4.04 1.65 -28.52
CA ILE A 120 -3.00 2.26 -27.69
C ILE A 120 -2.00 2.99 -28.57
N ILE A 121 -1.29 3.93 -27.97
CA ILE A 121 -0.06 4.46 -28.53
C ILE A 121 1.08 3.68 -27.90
N SER A 122 1.91 3.05 -28.73
CA SER A 122 2.89 2.09 -28.24
C SER A 122 4.00 2.75 -27.44
N ALA A 123 4.41 2.06 -26.38
CA ALA A 123 5.62 2.38 -25.64
C ALA A 123 6.80 1.52 -26.08
N ILE A 124 6.59 0.63 -27.05
CA ILE A 124 7.63 -0.27 -27.55
C ILE A 124 8.08 0.13 -28.95
N ASN A 125 7.13 0.29 -29.87
CA ASN A 125 7.43 0.92 -31.16
C ASN A 125 7.37 2.44 -30.93
N PHE A 126 8.49 2.99 -30.47
CA PHE A 126 8.43 4.22 -29.72
C PHE A 126 9.80 4.87 -29.73
N LYS A 127 9.82 6.20 -29.89
CA LYS A 127 11.03 6.98 -29.79
C LYS A 127 10.80 8.20 -28.92
N LEU A 128 11.84 8.58 -28.19
CA LEU A 128 11.83 9.72 -27.30
C LEU A 128 13.01 10.62 -27.59
N ASP A 129 12.79 11.93 -27.59
CA ASP A 129 13.91 12.85 -27.76
C ASP A 129 13.64 14.11 -26.96
N ILE A 130 14.71 14.75 -26.52
CA ILE A 130 14.61 15.96 -25.73
C ILE A 130 15.46 17.03 -26.39
N LYS A 131 14.87 18.20 -26.62
CA LYS A 131 15.51 19.33 -27.25
C LYS A 131 15.38 20.56 -26.36
N LYS A 132 16.43 21.36 -26.35
CA LYS A 132 16.48 22.59 -25.56
C LYS A 132 16.22 23.77 -26.50
N VAL A 133 15.27 24.63 -26.13
CA VAL A 133 14.95 25.81 -26.93
C VAL A 133 14.97 27.02 -26.02
N GLU A 134 15.14 28.20 -26.64
CA GLU A 134 15.11 29.41 -25.85
C GLU A 134 13.68 29.79 -25.46
N ASP A 135 13.54 30.36 -24.26
CA ASP A 135 12.31 31.04 -23.86
C ASP A 135 12.46 32.54 -24.08
N PRO A 136 11.41 33.23 -24.54
CA PRO A 136 11.53 34.69 -24.77
C PRO A 136 12.04 35.48 -23.57
N ASP A 137 11.85 34.98 -22.35
CA ASP A 137 12.27 35.74 -21.17
C ASP A 137 13.76 35.58 -20.86
N GLY A 138 14.50 34.87 -21.72
CA GLY A 138 15.92 34.68 -21.55
C GLY A 138 16.31 33.35 -20.96
N GLY A 139 15.36 32.59 -20.45
CA GLY A 139 15.60 31.24 -19.97
C GLY A 139 15.46 30.23 -21.08
N SER A 140 15.21 28.98 -20.70
CA SER A 140 15.14 27.93 -21.71
C SER A 140 13.96 27.01 -21.39
N ARG A 141 13.61 26.21 -22.39
CA ARG A 141 12.54 25.23 -22.30
C ARG A 141 13.04 23.90 -22.84
N ALA A 142 12.44 22.83 -22.33
CA ALA A 142 12.65 21.49 -22.87
C ALA A 142 11.44 21.12 -23.68
N VAL A 143 11.68 20.64 -24.89
CA VAL A 143 10.63 20.12 -25.74
C VAL A 143 10.90 18.62 -25.85
N ILE A 144 10.07 17.82 -25.19
CA ILE A 144 10.25 16.37 -25.18
C ILE A 144 9.22 15.79 -26.13
N THR A 145 9.68 15.02 -27.10
CA THR A 145 8.81 14.43 -28.11
C THR A 145 8.67 12.94 -27.83
N LEU A 146 7.44 12.49 -27.64
CA LEU A 146 7.08 11.08 -27.53
C LEU A 146 6.43 10.66 -28.84
N ASP A 147 7.00 9.68 -29.52
CA ASP A 147 6.58 9.31 -30.87
C ASP A 147 6.30 7.80 -30.87
N GLY A 148 5.03 7.41 -30.81
CA GLY A 148 4.67 6.00 -30.67
C GLY A 148 3.69 5.54 -31.72
N LYS A 149 3.86 4.30 -32.16
CA LYS A 149 2.94 3.72 -33.14
C LYS A 149 1.57 3.47 -32.53
N TYR A 150 0.52 3.78 -33.31
CA TYR A 150 -0.85 3.44 -32.91
C TYR A 150 -1.10 1.97 -33.19
N LEU A 151 -1.48 1.21 -32.15
CA LEU A 151 -1.84 -0.19 -32.34
C LEU A 151 -3.33 -0.33 -32.04
N PRO A 152 -4.15 -0.65 -33.03
CA PRO A 152 -5.61 -0.69 -32.81
C PRO A 152 -6.08 -1.93 -32.06
N THR A 153 -7.12 -1.73 -31.26
CA THR A 153 -7.91 -2.81 -30.69
C THR A 153 -9.06 -3.13 -31.64
N LYS A 154 -9.08 -4.35 -32.19
CA LYS A 154 -10.16 -4.68 -33.11
C LYS A 154 -10.96 -5.87 -32.58
N PRO A 155 -12.27 -5.91 -32.85
CA PRO A 155 -13.07 -7.05 -32.40
C PRO A 155 -12.54 -8.34 -33.01
N PHE A 156 -12.66 -9.43 -32.27
CA PHE A 156 -12.28 -10.74 -32.83
C PHE A 156 -13.36 -11.78 -32.54
N MET B 1 31.78 20.62 -15.16
CA MET B 1 30.66 19.88 -15.77
C MET B 1 29.82 19.21 -14.67
N LEU B 2 28.52 19.43 -14.72
CA LEU B 2 27.61 18.87 -13.73
C LEU B 2 27.41 17.36 -13.92
N GLN B 3 27.54 16.61 -12.84
CA GLN B 3 27.27 15.18 -12.81
C GLN B 3 26.00 14.96 -12.00
N SER B 4 25.32 13.84 -12.22
CA SER B 4 24.09 13.60 -11.47
C SER B 4 23.99 12.14 -11.03
N GLN B 5 23.18 11.93 -9.98
CA GLN B 5 22.92 10.61 -9.44
C GLN B 5 21.62 10.05 -10.00
N PHE B 6 21.57 8.73 -10.18
CA PHE B 6 20.31 8.10 -10.53
C PHE B 6 19.72 7.28 -9.39
N ALA B 7 20.46 7.07 -8.30
CA ALA B 7 19.97 6.33 -7.15
C ALA B 7 20.39 7.06 -5.89
N GLN B 8 19.65 6.85 -4.80
CA GLN B 8 20.00 7.59 -3.57
C GLN B 8 21.18 6.99 -2.80
N THR B 9 21.53 5.74 -3.07
CA THR B 9 22.43 5.04 -2.16
C THR B 9 23.76 5.76 -1.94
N PRO B 10 24.49 6.22 -2.97
CA PRO B 10 25.79 6.88 -2.69
C PRO B 10 25.67 8.13 -1.82
N ARG B 11 24.70 9.01 -2.08
CA ARG B 11 24.60 10.22 -1.28
C ARG B 11 24.06 9.93 0.12
N LEU B 12 23.21 8.90 0.27
CA LEU B 12 22.80 8.53 1.63
C LEU B 12 23.99 7.97 2.42
N ALA B 13 24.86 7.20 1.76
CA ALA B 13 26.04 6.69 2.44
C ALA B 13 26.98 7.83 2.83
N LEU B 14 27.12 8.83 1.95
CA LEU B 14 27.93 10.00 2.32
C LEU B 14 27.30 10.75 3.48
N ALA B 15 25.97 10.90 3.48
CA ALA B 15 25.30 11.51 4.63
C ALA B 15 25.57 10.73 5.91
N ASP B 16 25.52 9.39 5.84
CA ASP B 16 25.90 8.58 7.01
C ASP B 16 27.27 8.97 7.52
N THR B 17 28.22 9.12 6.60
CA THR B 17 29.59 9.46 6.98
C THR B 17 29.65 10.85 7.61
N VAL B 18 28.90 11.82 7.06
CA VAL B 18 28.87 13.17 7.63
C VAL B 18 28.35 13.13 9.07
N ILE B 19 27.22 12.46 9.28
CA ILE B 19 26.62 12.38 10.62
C ILE B 19 27.63 11.83 11.61
N ASP B 20 28.32 10.76 11.21
CA ASP B 20 29.30 10.13 12.11
C ASP B 20 30.48 11.06 12.39
N LEU B 21 31.07 11.65 11.35
CA LEU B 21 32.24 12.49 11.59
C LEU B 21 31.87 13.74 12.36
N LYS B 22 30.69 14.30 12.06
CA LYS B 22 30.19 15.46 12.79
C LYS B 22 30.06 15.15 14.27
N ALA B 23 29.55 13.97 14.61
CA ALA B 23 29.43 13.62 16.01
C ALA B 23 30.80 13.42 16.65
N ARG B 24 31.73 12.76 15.95
CA ARG B 24 33.05 12.50 16.50
C ARG B 24 33.81 13.79 16.80
N LYS B 25 33.69 14.79 15.92
CA LYS B 25 34.35 16.07 16.11
C LYS B 25 33.51 17.06 16.90
N ASN B 26 32.33 16.64 17.38
CA ASN B 26 31.43 17.47 18.17
C ASN B 26 31.12 18.79 17.45
N LEU B 27 30.78 18.70 16.17
CA LEU B 27 30.47 19.88 15.36
C LEU B 27 28.97 20.14 15.28
N SER B 28 28.63 21.38 14.94
CA SER B 28 27.25 21.80 14.68
C SER B 28 27.02 21.97 13.19
N TRP B 29 25.74 21.94 12.78
CA TRP B 29 25.43 22.27 11.39
C TRP B 29 25.82 23.70 11.08
N GLN B 30 25.68 24.61 12.06
CA GLN B 30 26.09 26.00 11.80
C GLN B 30 27.57 26.10 11.51
N ALA B 31 28.39 25.34 12.25
CA ALA B 31 29.83 25.36 12.02
C ALA B 31 30.19 24.86 10.63
N LEU B 32 29.45 23.86 10.13
CA LEU B 32 29.74 23.34 8.79
C LEU B 32 29.36 24.35 7.71
N THR B 33 28.32 25.15 7.97
CA THR B 33 27.88 26.19 7.03
C THR B 33 28.79 27.41 7.05
N ASP B 34 29.38 27.76 8.21
CA ASP B 34 30.24 28.93 8.32
C ASP B 34 31.37 28.87 7.30
N GLY B 35 31.58 29.97 6.59
CA GLY B 35 32.65 30.05 5.63
C GLY B 35 32.27 29.62 4.23
N THR B 36 31.08 29.05 4.04
CA THR B 36 30.65 28.69 2.69
C THR B 36 29.98 29.84 1.97
N GLY B 37 29.52 30.86 2.70
CA GLY B 37 28.72 31.88 2.07
C GLY B 37 27.32 31.45 1.71
N LEU B 38 26.90 30.25 2.10
CA LEU B 38 25.57 29.73 1.76
C LEU B 38 24.72 29.62 3.02
N SER B 39 23.43 29.41 2.82
CA SER B 39 22.48 29.42 3.93
C SER B 39 22.52 28.09 4.67
N LEU B 40 22.26 28.17 5.98
CA LEU B 40 22.26 26.99 6.84
C LEU B 40 21.33 25.90 6.30
N ALA B 41 20.11 26.28 5.90
CA ALA B 41 19.18 25.26 5.44
C ALA B 41 19.65 24.61 4.14
N PHE B 42 20.31 25.36 3.27
CA PHE B 42 20.76 24.77 2.00
C PHE B 42 21.93 23.83 2.21
N VAL B 43 22.92 24.25 3.00
CA VAL B 43 24.11 23.42 3.21
C VAL B 43 23.74 22.16 3.97
N THR B 44 22.90 22.28 4.99
CA THR B 44 22.49 21.10 5.74
C THR B 44 21.74 20.12 4.84
N ALA B 45 20.82 20.64 4.02
CA ALA B 45 20.10 19.77 3.08
C ALA B 45 21.07 19.08 2.13
N ALA B 46 22.07 19.82 1.63
CA ALA B 46 23.05 19.21 0.74
C ALA B 46 23.78 18.04 1.43
N LEU B 47 24.27 18.26 2.65
CA LEU B 47 25.01 17.22 3.35
C LEU B 47 24.13 16.01 3.63
N LEU B 48 22.83 16.23 3.82
CA LEU B 48 21.91 15.14 4.03
C LEU B 48 21.40 14.52 2.73
N GLY B 49 21.99 14.88 1.59
CA GLY B 49 21.72 14.20 0.33
C GLY B 49 20.67 14.84 -0.55
N GLN B 50 20.30 16.10 -0.30
CA GLN B 50 19.13 16.67 -0.96
C GLN B 50 19.45 17.83 -1.90
N HIS B 51 20.72 18.22 -2.02
CA HIS B 51 21.19 19.26 -2.93
C HIS B 51 22.63 18.98 -3.28
N PRO B 52 23.10 19.48 -4.43
CA PRO B 52 24.55 19.51 -4.67
C PRO B 52 25.13 20.78 -4.08
N LEU B 53 26.43 20.67 -3.68
CA LEU B 53 27.12 21.90 -3.30
C LEU B 53 28.01 22.37 -4.44
N PRO B 54 28.18 23.67 -4.64
CA PRO B 54 29.23 24.15 -5.55
C PRO B 54 30.59 23.68 -5.05
N LYS B 55 31.56 23.65 -5.97
CA LYS B 55 32.88 23.08 -5.65
C LYS B 55 33.50 23.74 -4.43
N GLU B 56 33.46 25.07 -4.35
CA GLU B 56 34.18 25.75 -3.28
C GLU B 56 33.59 25.42 -1.91
N ALA B 57 32.25 25.42 -1.82
CA ALA B 57 31.59 25.06 -0.58
C ALA B 57 31.83 23.60 -0.21
N ALA B 58 31.78 22.70 -1.20
CA ALA B 58 32.00 21.28 -0.94
C ALA B 58 33.39 21.04 -0.38
N ASP B 59 34.38 21.71 -0.96
CA ASP B 59 35.73 21.54 -0.47
C ASP B 59 35.88 22.10 0.94
N ILE B 60 35.20 23.21 1.24
CA ILE B 60 35.27 23.79 2.58
C ILE B 60 34.69 22.83 3.62
N VAL B 61 33.46 22.35 3.39
CA VAL B 61 32.84 21.48 4.40
C VAL B 61 33.60 20.17 4.50
N CYS B 62 34.19 19.73 3.40
CA CYS B 62 34.84 18.43 3.38
C CYS B 62 36.14 18.50 4.19
N GLY B 63 36.83 19.65 4.12
CA GLY B 63 38.00 19.85 4.96
C GLY B 63 37.67 19.86 6.45
N LYS B 64 36.53 20.46 6.81
CA LYS B 64 36.16 20.52 8.22
C LYS B 64 35.83 19.16 8.79
N LEU B 65 35.29 18.26 7.97
CA LEU B 65 34.88 16.95 8.44
C LEU B 65 35.97 15.91 8.28
N GLY B 66 37.02 16.21 7.52
CA GLY B 66 38.01 15.20 7.21
C GLY B 66 37.64 14.28 6.06
N LEU B 67 36.82 14.76 5.12
CA LEU B 67 36.42 13.98 3.95
C LEU B 67 37.36 14.24 2.78
N ASP B 68 37.51 13.21 1.93
CA ASP B 68 38.50 13.26 0.85
C ASP B 68 37.89 13.80 -0.45
N GLU B 69 38.70 13.80 -1.50
CA GLU B 69 38.29 14.41 -2.78
C GLU B 69 37.14 13.64 -3.42
N ASP B 70 37.13 12.31 -3.28
CA ASP B 70 36.03 11.50 -3.79
C ASP B 70 34.72 11.93 -3.15
N ALA B 71 34.73 12.16 -1.83
CA ALA B 71 33.53 12.61 -1.14
C ALA B 71 33.11 13.99 -1.63
N SER B 72 34.07 14.89 -1.82
CA SER B 72 33.71 16.23 -2.29
C SER B 72 33.10 16.18 -3.69
N ARG B 73 33.65 15.33 -4.56
CA ARG B 73 33.09 15.18 -5.90
C ARG B 73 31.65 14.69 -5.83
N LEU B 74 31.37 13.72 -4.95
CA LEU B 74 30.02 13.20 -4.77
C LEU B 74 29.07 14.26 -4.24
N LEU B 75 29.53 15.07 -3.28
CA LEU B 75 28.74 16.17 -2.75
C LEU B 75 28.37 17.22 -3.80
N GLN B 76 29.15 17.32 -4.87
CA GLN B 76 28.89 18.26 -5.95
C GLN B 76 27.92 17.72 -7.01
N SER B 77 27.57 16.44 -6.94
N SER B 77 27.56 16.44 -6.94
CA SER B 77 26.68 15.81 -7.91
CA SER B 77 26.68 15.83 -7.90
C SER B 77 25.22 16.12 -7.59
C SER B 77 25.22 16.17 -7.58
N VAL B 78 24.41 16.24 -8.63
CA VAL B 78 22.97 16.50 -8.44
C VAL B 78 22.34 15.23 -7.91
N PRO B 79 21.68 15.27 -6.75
CA PRO B 79 21.14 14.05 -6.15
C PRO B 79 19.79 13.67 -6.72
N LEU B 80 19.42 12.42 -6.46
CA LEU B 80 18.04 11.95 -6.56
C LEU B 80 17.38 12.27 -5.21
N ARG B 81 16.49 13.26 -5.22
CA ARG B 81 16.04 13.88 -3.99
C ARG B 81 14.86 13.13 -3.38
N GLY B 82 14.71 13.29 -2.05
CA GLY B 82 13.58 12.78 -1.30
C GLY B 82 14.05 12.29 0.04
N SER B 83 13.65 12.96 1.14
CA SER B 83 14.18 12.60 2.45
C SER B 83 13.33 11.55 3.18
N PHE B 84 12.12 11.24 2.71
CA PHE B 84 11.38 10.08 3.23
C PHE B 84 10.71 9.33 2.08
N PRO B 85 11.51 8.57 1.30
CA PRO B 85 10.95 7.82 0.16
C PRO B 85 10.24 6.54 0.54
N SER B 86 10.29 6.13 1.80
N SER B 86 10.29 6.11 1.81
CA SER B 86 9.82 4.81 2.20
CA SER B 86 9.83 4.78 2.17
C SER B 86 8.67 4.91 3.21
C SER B 86 8.50 4.79 2.93
N GLY B 87 7.86 5.96 3.06
CA GLY B 87 6.62 6.09 3.80
C GLY B 87 6.56 7.35 4.63
N VAL B 88 5.35 7.65 5.11
CA VAL B 88 5.13 8.80 5.98
C VAL B 88 6.04 8.67 7.18
N PRO B 89 6.67 9.75 7.66
CA PRO B 89 7.63 9.60 8.76
C PRO B 89 6.97 9.04 10.00
N THR B 90 7.71 8.18 10.70
CA THR B 90 7.32 7.78 12.04
C THR B 90 7.93 8.68 13.10
N ASP B 91 9.02 9.38 12.76
CA ASP B 91 9.72 10.21 13.74
C ASP B 91 8.83 11.39 14.16
N PRO B 92 8.58 11.60 15.45
CA PRO B 92 7.67 12.69 15.84
C PRO B 92 8.10 14.04 15.31
N THR B 93 9.41 14.34 15.35
CA THR B 93 9.87 15.65 14.90
C THR B 93 9.55 15.86 13.43
N MET B 94 9.87 14.88 12.60
CA MET B 94 9.55 15.03 11.18
C MET B 94 8.04 15.00 10.96
N TYR B 95 7.34 14.14 11.72
CA TYR B 95 5.91 13.96 11.50
C TYR B 95 5.13 15.25 11.70
N ARG B 96 5.53 16.11 12.65
CA ARG B 96 4.76 17.32 12.91
C ARG B 96 4.65 18.18 11.66
N PHE B 97 5.70 18.22 10.84
CA PHE B 97 5.61 19.02 9.62
C PHE B 97 4.64 18.40 8.63
N TYR B 98 4.59 17.06 8.58
CA TYR B 98 3.56 16.41 7.79
C TYR B 98 2.17 16.69 8.36
N GLU B 99 2.06 16.69 9.69
CA GLU B 99 0.77 16.98 10.30
C GLU B 99 0.31 18.39 9.98
N MET B 100 1.24 19.35 9.93
CA MET B 100 0.90 20.71 9.52
C MET B 100 0.25 20.69 8.15
N LEU B 101 0.81 19.89 7.22
CA LEU B 101 0.23 19.78 5.89
C LEU B 101 -1.13 19.07 5.92
N GLN B 102 -1.29 18.05 6.78
CA GLN B 102 -2.60 17.42 6.89
C GLN B 102 -3.66 18.42 7.35
N VAL B 103 -3.35 19.26 8.33
CA VAL B 103 -4.37 20.16 8.83
C VAL B 103 -4.62 21.30 7.85
N TYR B 104 -3.55 21.84 7.23
CA TYR B 104 -3.68 23.07 6.45
C TYR B 104 -3.51 22.90 4.94
N GLY B 105 -3.35 21.69 4.44
CA GLY B 105 -3.10 21.51 3.01
C GLY B 105 -4.20 22.07 2.14
N SER B 106 -5.46 21.76 2.47
CA SER B 106 -6.55 22.28 1.65
C SER B 106 -6.69 23.80 1.79
N THR B 107 -6.36 24.34 2.96
CA THR B 107 -6.36 25.79 3.18
C THR B 107 -5.30 26.47 2.34
N LEU B 108 -4.09 25.89 2.30
CA LEU B 108 -3.05 26.47 1.48
C LEU B 108 -3.48 26.53 0.02
N LYS B 109 -4.07 25.45 -0.49
CA LYS B 109 -4.55 25.49 -1.86
C LYS B 109 -5.59 26.60 -2.06
N ALA B 110 -6.60 26.65 -1.19
CA ALA B 110 -7.67 27.64 -1.33
C ALA B 110 -7.15 29.06 -1.28
N LEU B 111 -6.24 29.36 -0.35
CA LEU B 111 -5.75 30.72 -0.22
C LEU B 111 -4.77 31.09 -1.33
N VAL B 112 -4.01 30.12 -1.84
CA VAL B 112 -3.17 30.41 -3.00
C VAL B 112 -4.04 30.80 -4.20
N HIS B 113 -5.12 30.06 -4.44
CA HIS B 113 -5.94 30.39 -5.62
C HIS B 113 -6.67 31.72 -5.43
N GLU B 114 -7.00 32.08 -4.20
CA GLU B 114 -7.64 33.36 -3.95
C GLU B 114 -6.67 34.52 -4.06
N GLN B 115 -5.49 34.39 -3.47
CA GLN B 115 -4.57 35.51 -3.39
C GLN B 115 -3.68 35.62 -4.63
N PHE B 116 -3.45 34.54 -5.35
CA PHE B 116 -2.58 34.57 -6.52
C PHE B 116 -3.30 34.20 -7.81
N GLY B 117 -4.01 33.07 -7.82
CA GLY B 117 -4.73 32.59 -8.98
C GLY B 117 -4.47 31.11 -9.17
N ASP B 118 -4.89 30.59 -10.32
CA ASP B 118 -4.61 29.21 -10.64
C ASP B 118 -3.12 29.02 -10.85
N GLY B 119 -2.59 27.92 -10.34
CA GLY B 119 -1.16 27.67 -10.48
C GLY B 119 -0.64 27.12 -9.18
N ILE B 120 0.65 27.34 -8.92
CA ILE B 120 1.34 26.74 -7.78
C ILE B 120 2.24 27.79 -7.12
N ILE B 121 2.57 27.54 -5.87
CA ILE B 121 3.73 28.16 -5.24
C ILE B 121 4.89 27.18 -5.41
N SER B 122 5.98 27.64 -6.03
CA SER B 122 7.07 26.77 -6.43
C SER B 122 7.84 26.23 -5.24
N ALA B 123 8.26 24.96 -5.35
CA ALA B 123 9.20 24.34 -4.42
C ALA B 123 10.62 24.36 -4.98
N ILE B 124 10.82 24.92 -6.16
CA ILE B 124 12.12 24.96 -6.82
C ILE B 124 12.70 26.38 -6.84
N ASN B 125 11.91 27.35 -7.32
CA ASN B 125 12.25 28.76 -7.16
C ASN B 125 11.75 29.12 -5.77
N PHE B 126 12.60 28.83 -4.78
CA PHE B 126 12.12 28.60 -3.43
C PHE B 126 13.28 28.69 -2.45
N LYS B 127 13.00 29.28 -1.30
CA LYS B 127 13.93 29.36 -0.19
C LYS B 127 13.20 28.99 1.09
N LEU B 128 13.92 28.34 1.99
CA LEU B 128 13.38 27.95 3.30
C LEU B 128 14.34 28.41 4.39
N ASP B 129 13.79 28.87 5.52
CA ASP B 129 14.64 29.14 6.66
C ASP B 129 13.86 28.86 7.94
N ILE B 130 14.58 28.57 9.00
CA ILE B 130 13.99 28.33 10.30
C ILE B 130 14.69 29.24 11.30
N LYS B 131 13.90 29.88 12.17
CA LYS B 131 14.50 30.70 13.21
C LYS B 131 13.79 30.43 14.53
N LYS B 132 14.54 30.58 15.62
CA LYS B 132 14.01 30.40 16.95
C LYS B 132 13.63 31.77 17.51
N VAL B 133 12.40 31.89 18.01
CA VAL B 133 11.93 33.13 18.60
C VAL B 133 11.34 32.82 19.97
N GLU B 134 11.41 33.80 20.87
CA GLU B 134 10.82 33.60 22.19
C GLU B 134 9.30 33.67 22.12
N ASP B 135 8.64 32.82 22.92
CA ASP B 135 7.21 32.87 23.15
C ASP B 135 6.92 33.76 24.37
N PRO B 136 5.92 34.64 24.31
CA PRO B 136 5.62 35.45 25.50
C PRO B 136 5.29 34.61 26.73
N ASP B 137 4.81 33.37 26.55
CA ASP B 137 4.58 32.50 27.71
C ASP B 137 5.87 31.98 28.34
N GLY B 138 7.04 32.27 27.77
CA GLY B 138 8.32 31.88 28.33
C GLY B 138 9.09 30.88 27.49
N GLY B 139 8.41 30.06 26.70
CA GLY B 139 9.07 29.06 25.89
C GLY B 139 9.70 29.63 24.63
N SER B 140 9.81 28.79 23.61
CA SER B 140 10.34 29.25 22.34
C SER B 140 9.46 28.67 21.24
N ARG B 141 9.54 29.30 20.07
CA ARG B 141 8.77 28.88 18.91
C ARG B 141 9.73 28.79 17.74
N ALA B 142 9.41 27.90 16.80
CA ALA B 142 10.13 27.85 15.54
C ALA B 142 9.29 28.57 14.51
N VAL B 143 9.92 29.49 13.80
CA VAL B 143 9.27 30.22 12.72
C VAL B 143 9.93 29.76 11.43
N ILE B 144 9.18 29.00 10.63
CA ILE B 144 9.69 28.44 9.39
C ILE B 144 9.08 29.25 8.25
N THR B 145 9.93 29.83 7.41
CA THR B 145 9.47 30.66 6.30
C THR B 145 9.66 29.90 5.01
N LEU B 146 8.56 29.70 4.28
CA LEU B 146 8.57 29.12 2.95
C LEU B 146 8.35 30.25 1.96
N ASP B 147 9.31 30.47 1.07
CA ASP B 147 9.28 31.64 0.18
C ASP B 147 9.41 31.12 -1.24
N GLY B 148 8.28 31.03 -1.94
CA GLY B 148 8.25 30.42 -3.26
C GLY B 148 7.60 31.31 -4.30
N LYS B 149 8.13 31.23 -5.51
CA LYS B 149 7.59 31.98 -6.64
C LYS B 149 6.22 31.43 -7.01
N TYR B 150 5.29 32.34 -7.30
CA TYR B 150 4.00 31.92 -7.85
C TYR B 150 4.16 31.66 -9.35
N LEU B 151 3.81 30.45 -9.80
CA LEU B 151 3.81 30.11 -11.22
C LEU B 151 2.37 29.93 -11.65
N PRO B 152 1.84 30.79 -12.51
CA PRO B 152 0.44 30.69 -12.91
C PRO B 152 0.20 29.57 -13.92
N THR B 153 -0.98 28.96 -13.80
CA THR B 153 -1.53 28.09 -14.84
C THR B 153 -2.36 28.96 -15.77
N LYS B 154 -1.89 29.13 -17.00
CA LYS B 154 -2.62 29.92 -17.98
C LYS B 154 -3.22 29.01 -19.05
N PRO B 155 -4.41 29.34 -19.56
CA PRO B 155 -4.94 28.56 -20.67
C PRO B 155 -4.03 28.68 -21.88
N PHE B 156 -3.96 27.62 -22.66
CA PHE B 156 -3.22 27.70 -23.92
C PHE B 156 -4.09 27.13 -25.04
N MET C 1 -29.19 -22.87 -16.46
CA MET C 1 -27.84 -22.43 -16.77
C MET C 1 -27.27 -21.81 -15.48
N LEU C 2 -26.13 -22.30 -15.02
CA LEU C 2 -25.52 -21.73 -13.82
C LEU C 2 -25.13 -20.28 -14.09
N GLN C 3 -25.45 -19.39 -13.15
CA GLN C 3 -25.13 -17.98 -13.27
C GLN C 3 -24.01 -17.63 -12.32
N SER C 4 -23.30 -16.54 -12.62
CA SER C 4 -22.19 -16.12 -11.77
C SER C 4 -22.15 -14.60 -11.66
N GLN C 5 -21.55 -14.16 -10.58
CA GLN C 5 -21.36 -12.75 -10.27
C GLN C 5 -19.97 -12.31 -10.73
N PHE C 6 -19.85 -11.05 -11.13
CA PHE C 6 -18.57 -10.45 -11.43
C PHE C 6 -18.15 -9.39 -10.42
N ALA C 7 -19.05 -9.00 -9.51
CA ALA C 7 -18.75 -8.03 -8.46
C ALA C 7 -19.39 -8.52 -7.16
N GLN C 8 -18.82 -8.11 -6.04
CA GLN C 8 -19.36 -8.55 -4.75
C GLN C 8 -20.62 -7.80 -4.32
N THR C 9 -20.89 -6.64 -4.90
CA THR C 9 -21.91 -5.75 -4.34
C THR C 9 -23.27 -6.42 -4.19
N PRO C 10 -23.82 -7.12 -5.19
CA PRO C 10 -25.15 -7.74 -5.00
C PRO C 10 -25.18 -8.77 -3.86
N ARG C 11 -24.20 -9.67 -3.76
CA ARG C 11 -24.26 -10.68 -2.70
C ARG C 11 -23.95 -10.08 -1.34
N LEU C 12 -23.14 -9.01 -1.27
CA LEU C 12 -22.95 -8.35 0.01
C LEU C 12 -24.23 -7.68 0.46
N ALA C 13 -24.99 -7.12 -0.49
CA ALA C 13 -26.27 -6.50 -0.15
C ALA C 13 -27.27 -7.54 0.34
N LEU C 14 -27.28 -8.71 -0.30
CA LEU C 14 -28.13 -9.79 0.18
C LEU C 14 -27.70 -10.24 1.57
N ALA C 15 -26.38 -10.35 1.80
CA ALA C 15 -25.90 -10.71 3.13
C ALA C 15 -26.34 -9.69 4.17
N ASP C 16 -26.31 -8.38 3.83
CA ASP C 16 -26.84 -7.37 4.75
C ASP C 16 -28.29 -7.67 5.12
N THR C 17 -29.10 -7.99 4.12
CA THR C 17 -30.51 -8.30 4.38
C THR C 17 -30.65 -9.53 5.26
N VAL C 18 -29.86 -10.58 5.00
CA VAL C 18 -29.91 -11.78 5.83
C VAL C 18 -29.61 -11.44 7.28
N ILE C 19 -28.55 -10.68 7.53
CA ILE C 19 -28.18 -10.32 8.90
C ILE C 19 -29.33 -9.58 9.59
N ASP C 20 -29.93 -8.62 8.88
CA ASP C 20 -30.99 -7.82 9.49
C ASP C 20 -32.23 -8.66 9.80
N LEU C 21 -32.69 -9.44 8.81
CA LEU C 21 -33.87 -10.29 9.02
C LEU C 21 -33.62 -11.36 10.06
N LYS C 22 -32.41 -11.93 10.07
CA LYS C 22 -32.03 -12.90 11.10
C LYS C 22 -32.16 -12.30 12.49
N ALA C 23 -31.71 -11.06 12.66
CA ALA C 23 -31.82 -10.40 13.96
C ALA C 23 -33.27 -10.12 14.32
N ARG C 24 -34.06 -9.67 13.35
CA ARG C 24 -35.46 -9.35 13.62
C ARG C 24 -36.24 -10.59 14.06
N LYS C 25 -35.96 -11.74 13.46
CA LYS C 25 -36.64 -12.98 13.84
C LYS C 25 -35.92 -13.74 14.95
N ASN C 26 -34.82 -13.21 15.50
CA ASN C 26 -34.07 -13.86 16.57
C ASN C 26 -33.71 -15.29 16.20
N LEU C 27 -33.22 -15.45 14.97
CA LEU C 27 -32.82 -16.76 14.47
C LEU C 27 -31.31 -16.97 14.63
N SER C 28 -30.93 -18.24 14.61
CA SER C 28 -29.54 -18.66 14.63
C SER C 28 -29.11 -19.16 13.25
N TRP C 29 -27.79 -19.18 13.04
CA TRP C 29 -27.27 -19.77 11.82
C TRP C 29 -27.63 -21.25 11.74
N GLN C 30 -27.64 -21.93 12.89
CA GLN C 30 -27.99 -23.33 12.91
C GLN C 30 -29.43 -23.54 12.44
N ALA C 31 -30.34 -22.67 12.88
CA ALA C 31 -31.74 -22.78 12.43
C ALA C 31 -31.85 -22.60 10.93
N LEU C 32 -31.02 -21.72 10.36
CA LEU C 32 -31.08 -21.52 8.92
C LEU C 32 -30.53 -22.71 8.16
N THR C 33 -29.56 -23.42 8.75
CA THR C 33 -28.99 -24.61 8.12
C THR C 33 -29.95 -25.80 8.20
N ASP C 34 -30.72 -25.89 9.29
CA ASP C 34 -31.62 -27.03 9.50
C ASP C 34 -32.57 -27.20 8.32
N GLY C 35 -32.64 -28.43 7.81
CA GLY C 35 -33.53 -28.76 6.71
C GLY C 35 -32.92 -28.64 5.33
N THR C 36 -31.72 -28.07 5.20
CA THR C 36 -31.07 -27.98 3.90
C THR C 36 -30.31 -29.24 3.54
N GLY C 37 -30.00 -30.08 4.53
CA GLY C 37 -29.12 -31.21 4.29
C GLY C 37 -27.66 -30.85 4.13
N LEU C 38 -27.29 -29.59 4.32
CA LEU C 38 -25.90 -29.16 4.15
C LEU C 38 -25.31 -28.76 5.49
N SER C 39 -23.98 -28.63 5.50
CA SER C 39 -23.21 -28.31 6.71
C SER C 39 -23.36 -26.85 7.11
N LEU C 40 -23.28 -26.61 8.42
CA LEU C 40 -23.43 -25.27 8.98
C LEU C 40 -22.44 -24.30 8.37
N ALA C 41 -21.17 -24.70 8.26
CA ALA C 41 -20.16 -23.78 7.73
C ALA C 41 -20.42 -23.45 6.28
N PHE C 42 -20.91 -24.42 5.49
CA PHE C 42 -21.16 -24.14 4.07
C PHE C 42 -22.35 -23.20 3.89
N VAL C 43 -23.46 -23.46 4.58
CA VAL C 43 -24.64 -22.61 4.42
C VAL C 43 -24.37 -21.20 4.95
N THR C 44 -23.69 -21.10 6.09
CA THR C 44 -23.40 -19.79 6.63
C THR C 44 -22.53 -19.00 5.68
N ALA C 45 -21.49 -19.65 5.13
CA ALA C 45 -20.63 -18.98 4.15
C ALA C 45 -21.43 -18.55 2.93
N ALA C 46 -22.35 -19.40 2.46
CA ALA C 46 -23.17 -19.02 1.33
C ALA C 46 -23.99 -17.77 1.63
N LEU C 47 -24.66 -17.74 2.79
CA LEU C 47 -25.49 -16.58 3.09
C LEU C 47 -24.65 -15.31 3.23
N LEU C 48 -23.40 -15.45 3.69
CA LEU C 48 -22.50 -14.32 3.82
C LEU C 48 -21.78 -13.98 2.51
N GLY C 49 -22.19 -14.59 1.40
CA GLY C 49 -21.72 -14.21 0.09
C GLY C 49 -20.57 -15.00 -0.50
N GLN C 50 -20.23 -16.15 0.06
CA GLN C 50 -19.00 -16.85 -0.31
C GLN C 50 -19.20 -18.18 -1.01
N HIS C 51 -20.44 -18.62 -1.25
CA HIS C 51 -20.76 -19.86 -1.95
C HIS C 51 -22.13 -19.70 -2.59
N PRO C 52 -22.40 -20.45 -3.67
CA PRO C 52 -23.78 -20.57 -4.16
C PRO C 52 -24.48 -21.68 -3.39
N LEU C 53 -25.86 -21.52 -3.26
CA LEU C 53 -26.61 -22.64 -2.72
C LEU C 53 -27.33 -23.37 -3.85
N PRO C 54 -27.54 -24.67 -3.73
CA PRO C 54 -28.46 -25.35 -4.65
C PRO C 54 -29.87 -24.78 -4.50
N LYS C 55 -30.68 -24.97 -5.54
CA LYS C 55 -32.01 -24.37 -5.58
C LYS C 55 -32.84 -24.75 -4.36
N GLU C 56 -32.88 -26.04 -4.03
CA GLU C 56 -33.74 -26.49 -2.94
C GLU C 56 -33.31 -25.86 -1.62
N ALA C 57 -31.99 -25.83 -1.35
CA ALA C 57 -31.50 -25.22 -0.12
C ALA C 57 -31.75 -23.71 -0.12
N ALA C 58 -31.51 -23.05 -1.26
CA ALA C 58 -31.74 -21.62 -1.32
C ALA C 58 -33.19 -21.30 -1.01
N ASP C 59 -34.10 -22.09 -1.55
CA ASP C 59 -35.52 -21.85 -1.31
C ASP C 59 -35.88 -22.07 0.15
N ILE C 60 -35.33 -23.12 0.79
CA ILE C 60 -35.63 -23.37 2.20
C ILE C 60 -35.15 -22.21 3.06
N VAL C 61 -33.92 -21.76 2.84
CA VAL C 61 -33.38 -20.68 3.67
C VAL C 61 -34.15 -19.39 3.45
N CYS C 62 -34.56 -19.15 2.20
CA CYS C 62 -35.26 -17.91 1.87
C CYS C 62 -36.64 -17.90 2.50
N GLY C 63 -37.29 -19.07 2.58
CA GLY C 63 -38.58 -19.16 3.26
C GLY C 63 -38.49 -18.83 4.73
N LYS C 64 -37.43 -19.29 5.41
CA LYS C 64 -37.31 -19.02 6.84
C LYS C 64 -37.03 -17.55 7.13
N LEU C 65 -36.37 -16.85 6.22
CA LEU C 65 -36.03 -15.45 6.46
C LEU C 65 -37.11 -14.51 5.93
N GLY C 66 -38.03 -15.00 5.13
CA GLY C 66 -38.99 -14.13 4.48
C GLY C 66 -38.46 -13.48 3.22
N LEU C 67 -37.51 -14.12 2.56
CA LEU C 67 -36.92 -13.60 1.33
C LEU C 67 -37.65 -14.14 0.11
N ASP C 68 -37.61 -13.36 -0.95
CA ASP C 68 -38.37 -13.60 -2.17
C ASP C 68 -37.57 -14.44 -3.18
N GLU C 69 -38.11 -14.57 -4.39
CA GLU C 69 -37.44 -15.39 -5.41
C GLU C 69 -36.21 -14.69 -5.99
N ASP C 70 -36.22 -13.35 -6.04
CA ASP C 70 -35.03 -12.62 -6.49
C ASP C 70 -33.85 -12.93 -5.58
N ALA C 71 -34.08 -12.98 -4.27
CA ALA C 71 -33.00 -13.32 -3.33
C ALA C 71 -32.54 -14.75 -3.53
N SER C 72 -33.46 -15.67 -3.72
CA SER C 72 -33.07 -17.06 -3.91
C SER C 72 -32.25 -17.25 -5.17
N ARG C 73 -32.63 -16.59 -6.27
CA ARG C 73 -31.87 -16.68 -7.51
C ARG C 73 -30.44 -16.16 -7.33
N LEU C 74 -30.28 -15.03 -6.64
CA LEU C 74 -28.94 -14.49 -6.38
C LEU C 74 -28.14 -15.41 -5.47
N LEU C 75 -28.79 -16.03 -4.48
CA LEU C 75 -28.12 -16.99 -3.62
C LEU C 75 -27.66 -18.22 -4.39
N GLN C 76 -28.26 -18.51 -5.55
CA GLN C 76 -27.85 -19.64 -6.37
C GLN C 76 -26.73 -19.31 -7.35
N SER C 77 -26.37 -18.04 -7.46
N SER C 77 -26.37 -18.04 -7.45
CA SER C 77 -25.30 -17.59 -8.35
CA SER C 77 -25.31 -17.61 -8.37
C SER C 77 -23.94 -17.87 -7.72
C SER C 77 -23.94 -17.78 -7.74
N VAL C 78 -22.96 -18.12 -8.58
CA VAL C 78 -21.58 -18.30 -8.11
C VAL C 78 -21.04 -16.92 -7.74
N PRO C 79 -20.61 -16.70 -6.51
CA PRO C 79 -20.17 -15.37 -6.11
C PRO C 79 -18.75 -15.09 -6.53
N LEU C 80 -18.40 -13.79 -6.48
CA LEU C 80 -16.99 -13.36 -6.47
C LEU C 80 -16.53 -13.40 -5.03
N ARG C 81 -15.69 -14.37 -4.71
CA ARG C 81 -15.45 -14.71 -3.31
C ARG C 81 -14.38 -13.82 -2.68
N GLY C 82 -14.44 -13.72 -1.35
CA GLY C 82 -13.43 -13.04 -0.56
C GLY C 82 -14.08 -12.30 0.59
N SER C 83 -13.86 -12.74 1.83
CA SER C 83 -14.57 -12.05 2.91
C SER C 83 -13.83 -10.86 3.49
N PHE C 84 -12.56 -10.64 3.14
CA PHE C 84 -11.88 -9.39 3.51
C PHE C 84 -11.04 -8.87 2.36
N PRO C 85 -11.70 -8.28 1.34
CA PRO C 85 -10.98 -7.78 0.17
C PRO C 85 -10.31 -6.43 0.39
N SER C 86 -10.55 -5.75 1.51
CA SER C 86 -10.10 -4.37 1.69
C SER C 86 -9.04 -4.23 2.78
N GLY C 87 -8.29 -5.29 3.05
CA GLY C 87 -7.19 -5.24 3.99
C GLY C 87 -7.29 -6.35 5.02
N VAL C 88 -6.18 -6.52 5.72
CA VAL C 88 -6.13 -7.47 6.85
C VAL C 88 -7.23 -7.09 7.84
N PRO C 89 -7.95 -8.05 8.42
CA PRO C 89 -9.05 -7.67 9.32
C PRO C 89 -8.57 -6.85 10.52
N THR C 90 -9.38 -5.87 10.91
CA THR C 90 -9.19 -5.23 12.20
C THR C 90 -10.00 -5.90 13.30
N ASP C 91 -11.03 -6.64 12.93
CA ASP C 91 -11.88 -7.28 13.94
C ASP C 91 -11.10 -8.35 14.71
N PRO C 92 -11.07 -8.29 16.04
CA PRO C 92 -10.27 -9.26 16.81
C PRO C 92 -10.59 -10.71 16.52
N THR C 93 -11.87 -11.06 16.39
CA THR C 93 -12.26 -12.45 16.15
C THR C 93 -11.69 -12.98 14.83
N MET C 94 -11.87 -12.23 13.74
CA MET C 94 -11.24 -12.67 12.50
C MET C 94 -9.72 -12.56 12.55
N TYR C 95 -9.19 -11.53 13.22
CA TYR C 95 -7.74 -11.33 13.20
C TYR C 95 -7.01 -12.54 13.79
N ARG C 96 -7.55 -13.18 14.84
CA ARG C 96 -6.82 -14.28 15.45
C ARG C 96 -6.55 -15.41 14.46
N PHE C 97 -7.46 -15.67 13.53
CA PHE C 97 -7.17 -16.70 12.55
C PHE C 97 -6.08 -16.27 11.60
N TYR C 98 -6.05 -14.98 11.24
CA TYR C 98 -4.94 -14.45 10.46
C TYR C 98 -3.64 -14.59 11.24
N GLU C 99 -3.66 -14.33 12.56
CA GLU C 99 -2.45 -14.45 13.36
C GLU C 99 -1.96 -15.89 13.43
N MET C 100 -2.89 -16.85 13.49
CA MET C 100 -2.51 -18.25 13.45
C MET C 100 -1.71 -18.54 12.19
N LEU C 101 -2.12 -17.94 11.07
CA LEU C 101 -1.40 -18.11 9.82
C LEU C 101 -0.05 -17.38 9.86
N GLN C 102 0.00 -16.19 10.46
CA GLN C 102 1.31 -15.52 10.60
C GLN C 102 2.28 -16.36 11.41
N VAL C 103 1.82 -16.96 12.51
CA VAL C 103 2.76 -17.70 13.35
C VAL C 103 3.13 -19.03 12.72
N TYR C 104 2.16 -19.72 12.11
CA TYR C 104 2.38 -21.10 11.67
C TYR C 104 2.43 -21.27 10.15
N GLY C 105 2.34 -20.19 9.37
CA GLY C 105 2.30 -20.35 7.91
C GLY C 105 3.53 -21.05 7.34
N SER C 106 4.74 -20.63 7.76
CA SER C 106 5.92 -21.30 7.22
C SER C 106 6.02 -22.74 7.73
N THR C 107 5.51 -23.00 8.92
CA THR C 107 5.47 -24.38 9.41
C THR C 107 4.54 -25.24 8.58
N LEU C 108 3.35 -24.73 8.28
CA LEU C 108 2.40 -25.49 7.47
C LEU C 108 3.01 -25.83 6.11
N LYS C 109 3.67 -24.87 5.47
CA LYS C 109 4.31 -25.18 4.20
C LYS C 109 5.34 -26.29 4.36
N ALA C 110 6.22 -26.15 5.36
CA ALA C 110 7.29 -27.11 5.58
C ALA C 110 6.75 -28.51 5.84
N LEU C 111 5.71 -28.60 6.68
CA LEU C 111 5.19 -29.92 7.02
C LEU C 111 4.38 -30.52 5.87
N VAL C 112 3.71 -29.70 5.08
CA VAL C 112 3.04 -30.22 3.89
C VAL C 112 4.07 -30.84 2.95
N HIS C 113 5.18 -30.15 2.71
CA HIS C 113 6.14 -30.73 1.78
C HIS C 113 6.81 -31.98 2.36
N GLU C 114 6.94 -32.05 3.67
CA GLU C 114 7.55 -33.23 4.27
C GLU C 114 6.61 -34.44 4.26
N GLN C 115 5.34 -34.23 4.66
CA GLN C 115 4.41 -35.34 4.84
C GLN C 115 3.68 -35.71 3.56
N PHE C 116 3.54 -34.80 2.61
CA PHE C 116 2.81 -35.05 1.37
C PHE C 116 3.71 -34.97 0.15
N GLY C 117 4.48 -33.88 0.01
CA GLY C 117 5.35 -33.68 -1.12
C GLY C 117 5.18 -32.27 -1.65
N ASP C 118 5.75 -32.02 -2.82
CA ASP C 118 5.58 -30.72 -3.46
C ASP C 118 4.13 -30.58 -3.94
N GLY C 119 3.54 -29.44 -3.69
CA GLY C 119 2.16 -29.26 -4.06
C GLY C 119 1.45 -28.44 -3.00
N ILE C 120 0.13 -28.61 -2.93
CA ILE C 120 -0.68 -27.77 -2.07
C ILE C 120 -1.69 -28.63 -1.34
N ILE C 121 -2.20 -28.09 -0.24
CA ILE C 121 -3.44 -28.57 0.38
C ILE C 121 -4.56 -27.70 -0.16
N SER C 122 -5.56 -28.33 -0.77
CA SER C 122 -6.58 -27.61 -1.51
C SER C 122 -7.47 -26.78 -0.60
N ALA C 123 -7.84 -25.58 -1.07
CA ALA C 123 -8.89 -24.77 -0.46
C ALA C 123 -10.22 -24.93 -1.19
N ILE C 124 -10.25 -25.75 -2.23
CA ILE C 124 -11.43 -25.98 -3.06
C ILE C 124 -12.02 -27.37 -2.80
N ASN C 125 -11.21 -28.41 -2.92
CA ASN C 125 -11.61 -29.74 -2.45
C ASN C 125 -11.30 -29.75 -0.95
N PHE C 126 -12.26 -29.24 -0.17
CA PHE C 126 -11.96 -28.71 1.15
C PHE C 126 -13.23 -28.67 1.96
N LYS C 127 -13.12 -29.02 3.23
CA LYS C 127 -14.22 -28.97 4.19
C LYS C 127 -13.74 -28.27 5.45
N LEU C 128 -14.63 -27.49 6.07
CA LEU C 128 -14.33 -26.77 7.29
C LEU C 128 -15.39 -27.11 8.33
N ASP C 129 -14.98 -27.29 9.58
CA ASP C 129 -15.91 -27.60 10.65
C ASP C 129 -15.40 -26.93 11.91
N ILE C 130 -16.31 -26.42 12.74
CA ILE C 130 -15.93 -25.87 14.04
C ILE C 130 -16.77 -26.57 15.11
N LYS C 131 -16.10 -26.96 16.18
CA LYS C 131 -16.71 -27.72 17.27
C LYS C 131 -16.37 -27.05 18.58
N LYS C 132 -17.30 -27.12 19.53
CA LYS C 132 -17.10 -26.60 20.87
C LYS C 132 -16.75 -27.72 21.83
N VAL C 133 -15.67 -27.54 22.60
CA VAL C 133 -15.20 -28.52 23.56
C VAL C 133 -14.98 -27.83 24.91
N GLU C 134 -15.23 -28.55 26.00
CA GLU C 134 -14.96 -27.97 27.31
C GLU C 134 -13.49 -28.07 27.65
N ASP C 135 -12.96 -27.04 28.31
CA ASP C 135 -11.55 -27.07 28.70
C ASP C 135 -11.41 -27.65 30.10
N PRO C 136 -10.50 -28.62 30.31
CA PRO C 136 -10.32 -29.20 31.65
C PRO C 136 -10.00 -28.16 32.71
N ASP C 137 -9.36 -27.05 32.33
CA ASP C 137 -9.04 -25.96 33.23
C ASP C 137 -10.18 -24.95 33.34
N GLY C 138 -11.39 -25.31 32.94
CA GLY C 138 -12.51 -24.40 33.00
C GLY C 138 -12.60 -23.55 31.75
N GLY C 139 -13.83 -23.31 31.30
CA GLY C 139 -14.04 -22.62 30.05
C GLY C 139 -14.22 -23.58 28.90
N SER C 140 -14.16 -23.03 27.68
N SER C 140 -14.15 -23.01 27.69
CA SER C 140 -14.38 -23.84 26.51
CA SER C 140 -14.41 -23.77 26.48
C SER C 140 -13.34 -23.51 25.44
C SER C 140 -13.30 -23.54 25.48
N ARG C 141 -13.22 -24.43 24.50
CA ARG C 141 -12.28 -24.32 23.39
C ARG C 141 -13.03 -24.51 22.08
N ALA C 142 -12.52 -23.89 21.02
CA ALA C 142 -13.01 -24.16 19.67
C ALA C 142 -12.00 -25.07 18.98
N VAL C 143 -12.49 -26.14 18.37
CA VAL C 143 -11.67 -27.03 17.57
C VAL C 143 -12.12 -26.84 16.13
N ILE C 144 -11.29 -26.21 15.32
CA ILE C 144 -11.62 -25.93 13.93
C ILE C 144 -10.79 -26.88 13.08
N THR C 145 -11.47 -27.66 12.23
CA THR C 145 -10.84 -28.65 11.37
C THR C 145 -10.86 -28.15 9.94
N LEU C 146 -9.66 -28.05 9.34
CA LEU C 146 -9.49 -27.76 7.92
C LEU C 146 -9.09 -29.07 7.24
N ASP C 147 -9.87 -29.49 6.25
CA ASP C 147 -9.72 -30.82 5.65
C ASP C 147 -9.62 -30.62 4.14
N GLY C 148 -8.42 -30.69 3.60
CA GLY C 148 -8.19 -30.39 2.19
C GLY C 148 -7.46 -31.49 1.47
N LYS C 149 -7.82 -31.69 0.21
CA LYS C 149 -7.13 -32.66 -0.64
C LYS C 149 -5.70 -32.22 -0.95
N TYR C 150 -4.75 -33.16 -0.90
CA TYR C 150 -3.40 -32.87 -1.36
C TYR C 150 -3.37 -32.96 -2.88
N LEU C 151 -2.95 -31.87 -3.53
CA LEU C 151 -2.76 -31.82 -4.98
C LEU C 151 -1.27 -31.70 -5.27
N PRO C 152 -0.65 -32.70 -5.87
CA PRO C 152 0.80 -32.65 -6.11
C PRO C 152 1.21 -31.80 -7.29
N THR C 153 2.38 -31.19 -7.14
CA THR C 153 3.11 -30.56 -8.24
C THR C 153 4.03 -31.60 -8.87
N LYS C 154 3.82 -31.89 -10.15
CA LYS C 154 4.62 -32.88 -10.85
C LYS C 154 5.39 -32.23 -11.99
N PRO C 155 6.62 -32.65 -12.26
CA PRO C 155 7.31 -32.14 -13.45
C PRO C 155 6.52 -32.48 -14.70
N PHE C 156 6.60 -31.60 -15.69
CA PHE C 156 6.02 -31.90 -16.99
C PHE C 156 7.08 -31.57 -18.05
N MET D 1 -14.47 37.09 -8.32
CA MET D 1 -13.48 36.40 -7.51
C MET D 1 -13.35 34.95 -7.96
N LEU D 2 -12.11 34.53 -8.26
CA LEU D 2 -11.86 33.15 -8.67
C LEU D 2 -12.23 32.19 -7.54
N GLN D 3 -12.94 31.12 -7.89
CA GLN D 3 -13.36 30.09 -6.95
C GLN D 3 -12.52 28.85 -7.17
N SER D 4 -12.42 28.01 -6.14
CA SER D 4 -11.64 26.78 -6.25
C SER D 4 -12.35 25.65 -5.53
N GLN D 5 -12.03 24.44 -5.95
CA GLN D 5 -12.56 23.20 -5.38
C GLN D 5 -11.58 22.65 -4.35
N PHE D 6 -12.12 22.01 -3.32
CA PHE D 6 -11.28 21.31 -2.37
C PHE D 6 -11.37 19.80 -2.48
N ALA D 7 -12.31 19.27 -3.28
CA ALA D 7 -12.51 17.84 -3.50
C ALA D 7 -12.79 17.64 -4.98
N GLN D 8 -12.49 16.44 -5.50
CA GLN D 8 -12.74 16.20 -6.92
C GLN D 8 -14.20 15.89 -7.24
N THR D 9 -15.01 15.54 -6.25
CA THR D 9 -16.32 14.95 -6.56
C THR D 9 -17.17 15.83 -7.46
N PRO D 10 -17.34 17.15 -7.22
CA PRO D 10 -18.18 17.94 -8.14
C PRO D 10 -17.68 17.99 -9.58
N ARG D 11 -16.38 18.18 -9.81
CA ARG D 11 -15.93 18.26 -11.20
C ARG D 11 -15.92 16.91 -11.88
N LEU D 12 -15.72 15.81 -11.14
CA LEU D 12 -15.83 14.49 -11.76
C LEU D 12 -17.27 14.20 -12.16
N ALA D 13 -18.25 14.62 -11.34
CA ALA D 13 -19.64 14.44 -11.72
C ALA D 13 -19.98 15.27 -12.94
N LEU D 14 -19.43 16.48 -13.03
CA LEU D 14 -19.66 17.28 -14.23
C LEU D 14 -19.00 16.63 -15.45
N ALA D 15 -17.78 16.11 -15.28
CA ALA D 15 -17.16 15.38 -16.38
C ALA D 15 -18.03 14.20 -16.80
N ASP D 16 -18.64 13.49 -15.84
CA ASP D 16 -19.56 12.40 -16.17
C ASP D 16 -20.68 12.92 -17.08
N THR D 17 -21.28 14.04 -16.70
CA THR D 17 -22.34 14.64 -17.50
C THR D 17 -21.84 15.02 -18.89
N VAL D 18 -20.63 15.55 -18.98
CA VAL D 18 -20.08 15.91 -20.29
C VAL D 18 -19.96 14.69 -21.16
N ILE D 19 -19.40 13.60 -20.62
CA ILE D 19 -19.23 12.38 -21.39
C ILE D 19 -20.56 11.88 -21.92
N ASP D 20 -21.58 11.91 -21.07
CA ASP D 20 -22.89 11.41 -21.45
C ASP D 20 -23.53 12.27 -22.54
N LEU D 21 -23.54 13.58 -22.35
CA LEU D 21 -24.15 14.50 -23.33
C LEU D 21 -23.39 14.51 -24.64
N LYS D 22 -22.06 14.48 -24.58
CA LYS D 22 -21.26 14.42 -25.79
C LYS D 22 -21.61 13.19 -26.62
N ALA D 23 -21.82 12.04 -25.97
CA ALA D 23 -22.18 10.83 -26.68
C ALA D 23 -23.57 10.91 -27.26
N ARG D 24 -24.52 11.45 -26.49
CA ARG D 24 -25.90 11.57 -26.97
C ARG D 24 -25.99 12.45 -28.20
N LYS D 25 -25.22 13.52 -28.24
CA LYS D 25 -25.20 14.45 -29.36
C LYS D 25 -24.18 14.08 -30.42
N ASN D 26 -23.45 12.96 -30.24
CA ASN D 26 -22.46 12.49 -31.19
C ASN D 26 -21.44 13.58 -31.51
N LEU D 27 -20.94 14.22 -30.46
CA LEU D 27 -19.95 15.26 -30.62
C LEU D 27 -18.54 14.72 -30.45
N SER D 28 -17.58 15.48 -30.97
CA SER D 28 -16.16 15.20 -30.81
C SER D 28 -15.57 16.19 -29.81
N TRP D 29 -14.40 15.82 -29.26
CA TRP D 29 -13.68 16.79 -28.45
C TRP D 29 -13.25 18.00 -29.28
N GLN D 30 -12.93 17.77 -30.55
CA GLN D 30 -12.52 18.89 -31.41
C GLN D 30 -13.66 19.89 -31.57
N ALA D 31 -14.89 19.39 -31.76
CA ALA D 31 -16.05 20.26 -31.89
C ALA D 31 -16.29 21.08 -30.62
N LEU D 32 -16.05 20.49 -29.44
CA LEU D 32 -16.22 21.24 -28.20
C LEU D 32 -15.13 22.30 -28.03
N THR D 33 -13.93 22.05 -28.57
CA THR D 33 -12.87 23.06 -28.51
C THR D 33 -13.11 24.17 -29.52
N ASP D 34 -13.71 23.84 -30.66
CA ASP D 34 -13.99 24.80 -31.71
C ASP D 34 -14.75 25.99 -31.14
N GLY D 35 -14.27 27.19 -31.44
CA GLY D 35 -14.92 28.41 -31.02
C GLY D 35 -14.44 28.97 -29.70
N THR D 36 -13.63 28.22 -28.94
CA THR D 36 -13.12 28.74 -27.68
C THR D 36 -11.87 29.57 -27.83
N GLY D 37 -11.16 29.45 -28.95
CA GLY D 37 -9.85 30.06 -29.04
C GLY D 37 -8.78 29.37 -28.24
N LEU D 38 -9.08 28.23 -27.63
CA LEU D 38 -8.12 27.51 -26.79
C LEU D 38 -7.72 26.20 -27.46
N SER D 39 -6.67 25.58 -26.93
CA SER D 39 -6.12 24.37 -27.53
C SER D 39 -6.93 23.14 -27.13
N LEU D 40 -6.97 22.18 -28.05
CA LEU D 40 -7.72 20.95 -27.82
C LEU D 40 -7.31 20.27 -26.52
N ALA D 41 -6.00 20.15 -26.26
CA ALA D 41 -5.58 19.45 -25.05
C ALA D 41 -6.01 20.20 -23.80
N PHE D 42 -6.00 21.53 -23.86
CA PHE D 42 -6.38 22.30 -22.66
C PHE D 42 -7.87 22.20 -22.38
N VAL D 43 -8.71 22.38 -23.42
CA VAL D 43 -10.16 22.33 -23.22
C VAL D 43 -10.62 20.95 -22.82
N THR D 44 -10.07 19.91 -23.46
CA THR D 44 -10.44 18.55 -23.11
C THR D 44 -10.07 18.25 -21.66
N ALA D 45 -8.87 18.66 -21.23
CA ALA D 45 -8.47 18.47 -19.84
C ALA D 45 -9.42 19.18 -18.90
N ALA D 46 -9.81 20.41 -19.24
CA ALA D 46 -10.75 21.16 -18.41
C ALA D 46 -12.07 20.41 -18.26
N LEU D 47 -12.61 19.91 -19.39
CA LEU D 47 -13.88 19.20 -19.35
C LEU D 47 -13.76 17.91 -18.55
N LEU D 48 -12.59 17.27 -18.55
CA LEU D 48 -12.41 16.06 -17.75
C LEU D 48 -12.03 16.38 -16.31
N GLY D 49 -12.10 17.64 -15.91
CA GLY D 49 -11.96 18.02 -14.53
C GLY D 49 -10.58 18.48 -14.11
N GLN D 50 -9.68 18.77 -15.05
CA GLN D 50 -8.28 18.99 -14.70
C GLN D 50 -7.80 20.42 -14.92
N HIS D 51 -8.68 21.34 -15.34
CA HIS D 51 -8.37 22.76 -15.53
C HIS D 51 -9.65 23.56 -15.37
N PRO D 52 -9.57 24.84 -14.99
CA PRO D 52 -10.71 25.73 -15.12
C PRO D 52 -10.73 26.32 -16.52
N LEU D 53 -11.93 26.64 -16.98
CA LEU D 53 -12.03 27.39 -18.23
C LEU D 53 -12.34 28.85 -17.92
N PRO D 54 -11.86 29.81 -18.70
CA PRO D 54 -12.34 31.19 -18.55
C PRO D 54 -13.82 31.26 -18.88
N LYS D 55 -14.47 32.31 -18.36
CA LYS D 55 -15.94 32.40 -18.45
C LYS D 55 -16.45 32.29 -19.89
N GLU D 56 -15.78 32.96 -20.84
CA GLU D 56 -16.29 32.95 -22.20
C GLU D 56 -16.22 31.54 -22.80
N ALA D 57 -15.07 30.88 -22.66
CA ALA D 57 -14.96 29.51 -23.14
C ALA D 57 -15.91 28.57 -22.41
N ALA D 58 -16.04 28.74 -21.08
CA ALA D 58 -16.96 27.87 -20.35
C ALA D 58 -18.38 28.03 -20.87
N ASP D 59 -18.80 29.27 -21.14
CA ASP D 59 -20.15 29.51 -21.61
C ASP D 59 -20.37 28.92 -23.00
N ILE D 60 -19.36 29.00 -23.87
CA ILE D 60 -19.47 28.43 -25.21
C ILE D 60 -19.63 26.90 -25.16
N VAL D 61 -18.76 26.22 -24.41
CA VAL D 61 -18.83 24.76 -24.40
C VAL D 61 -20.11 24.30 -23.74
N CYS D 62 -20.56 24.97 -22.68
CA CYS D 62 -21.82 24.56 -22.06
C CYS D 62 -22.99 24.75 -23.00
N GLY D 63 -22.93 25.78 -23.85
CA GLY D 63 -23.98 25.95 -24.85
C GLY D 63 -24.04 24.80 -25.83
N LYS D 64 -22.89 24.29 -26.25
CA LYS D 64 -22.91 23.18 -27.20
C LYS D 64 -23.45 21.91 -26.58
N LEU D 65 -23.25 21.72 -25.28
CA LEU D 65 -23.66 20.50 -24.60
C LEU D 65 -25.05 20.60 -23.99
N GLY D 66 -25.62 21.80 -23.91
CA GLY D 66 -26.88 21.99 -23.23
C GLY D 66 -26.77 22.07 -21.73
N LEU D 67 -25.61 22.49 -21.22
CA LEU D 67 -25.43 22.62 -19.78
C LEU D 67 -25.79 24.02 -19.33
N ASP D 68 -26.25 24.12 -18.09
CA ASP D 68 -26.80 25.37 -17.59
C ASP D 68 -25.71 26.22 -16.92
N GLU D 69 -26.14 27.31 -16.27
CA GLU D 69 -25.23 28.27 -15.67
C GLU D 69 -24.51 27.68 -14.46
N ASP D 70 -25.15 26.77 -13.73
CA ASP D 70 -24.49 26.14 -12.59
C ASP D 70 -23.29 25.33 -13.05
N ALA D 71 -23.46 24.57 -14.14
CA ALA D 71 -22.34 23.80 -14.70
C ALA D 71 -21.23 24.73 -15.18
N SER D 72 -21.59 25.84 -15.83
CA SER D 72 -20.57 26.75 -16.33
C SER D 72 -19.77 27.37 -15.19
N ARG D 73 -20.44 27.75 -14.10
CA ARG D 73 -19.74 28.28 -12.92
C ARG D 73 -18.77 27.25 -12.36
N LEU D 74 -19.20 26.00 -12.28
CA LEU D 74 -18.33 24.93 -11.79
C LEU D 74 -17.12 24.73 -12.70
N LEU D 75 -17.35 24.76 -14.01
CA LEU D 75 -16.26 24.64 -14.97
C LEU D 75 -15.25 25.77 -14.85
N GLN D 76 -15.67 26.92 -14.32
CA GLN D 76 -14.78 28.06 -14.13
C GLN D 76 -14.00 28.00 -12.82
N SER D 77 -14.32 27.07 -11.94
N SER D 77 -14.31 27.07 -11.92
CA SER D 77 -13.64 26.90 -10.66
CA SER D 77 -13.61 26.97 -10.65
C SER D 77 -12.29 26.18 -10.88
C SER D 77 -12.33 26.14 -10.80
N VAL D 78 -11.31 26.51 -10.04
CA VAL D 78 -10.02 25.82 -10.08
C VAL D 78 -10.22 24.43 -9.49
N PRO D 79 -9.88 23.37 -10.22
CA PRO D 79 -10.13 22.02 -9.71
C PRO D 79 -9.03 21.55 -8.76
N LEU D 80 -9.35 20.49 -8.02
CA LEU D 80 -8.35 19.66 -7.37
C LEU D 80 -7.90 18.61 -8.41
N ARG D 81 -6.68 18.76 -8.92
CA ARG D 81 -6.31 18.02 -10.11
C ARG D 81 -5.79 16.63 -9.77
N GLY D 82 -5.86 15.75 -10.77
CA GLY D 82 -5.30 14.41 -10.72
C GLY D 82 -6.21 13.45 -11.44
N SER D 83 -5.78 12.90 -12.57
CA SER D 83 -6.69 12.06 -13.32
C SER D 83 -6.61 10.58 -12.92
N PHE D 84 -5.62 10.13 -12.16
CA PHE D 84 -5.65 8.78 -11.59
C PHE D 84 -5.18 8.80 -10.13
N PRO D 85 -6.04 9.29 -9.24
CA PRO D 85 -5.67 9.37 -7.81
C PRO D 85 -5.74 8.07 -7.06
N SER D 86 -6.28 7.00 -7.66
CA SER D 86 -6.54 5.76 -6.94
C SER D 86 -5.64 4.62 -7.39
N GLY D 87 -4.46 4.93 -7.91
CA GLY D 87 -3.48 3.92 -8.25
C GLY D 87 -3.05 4.03 -9.71
N VAL D 88 -1.97 3.29 -10.00
CA VAL D 88 -1.45 3.26 -11.37
C VAL D 88 -2.57 2.82 -12.31
N PRO D 89 -2.71 3.41 -13.50
CA PRO D 89 -3.84 3.03 -14.37
C PRO D 89 -3.80 1.55 -14.72
N THR D 90 -4.99 0.95 -14.79
CA THR D 90 -5.11 -0.37 -15.41
C THR D 90 -5.44 -0.28 -16.89
N ASP D 91 -5.96 0.85 -17.32
CA ASP D 91 -6.37 0.99 -18.71
C ASP D 91 -5.15 0.96 -19.63
N PRO D 92 -5.12 0.08 -20.64
CA PRO D 92 -3.91 -0.02 -21.48
C PRO D 92 -3.50 1.29 -22.13
N THR D 93 -4.46 2.08 -22.62
CA THR D 93 -4.13 3.33 -23.30
C THR D 93 -3.40 4.28 -22.36
N MET D 94 -3.95 4.50 -21.15
CA MET D 94 -3.20 5.38 -20.24
C MET D 94 -1.94 4.71 -19.72
N TYR D 95 -1.97 3.39 -19.51
CA TYR D 95 -0.82 2.72 -18.93
C TYR D 95 0.43 2.90 -19.80
N ARG D 96 0.28 2.92 -21.14
CA ARG D 96 1.46 3.03 -21.99
C ARG D 96 2.26 4.30 -21.69
N PHE D 97 1.58 5.41 -21.36
CA PHE D 97 2.31 6.63 -21.04
C PHE D 97 3.04 6.50 -19.71
N TYR D 98 2.41 5.82 -18.75
CA TYR D 98 3.11 5.47 -17.52
C TYR D 98 4.32 4.59 -17.81
N GLU D 99 4.17 3.62 -18.73
CA GLU D 99 5.29 2.76 -19.07
C GLU D 99 6.44 3.55 -19.68
N MET D 100 6.12 4.51 -20.54
CA MET D 100 7.15 5.37 -21.10
C MET D 100 7.94 6.03 -20.00
N LEU D 101 7.26 6.48 -18.93
CA LEU D 101 7.95 7.08 -17.79
C LEU D 101 8.78 6.05 -17.03
N GLN D 102 8.27 4.82 -16.88
CA GLN D 102 9.09 3.79 -16.23
C GLN D 102 10.39 3.52 -16.99
N VAL D 103 10.33 3.43 -18.32
CA VAL D 103 11.53 3.10 -19.08
C VAL D 103 12.48 4.30 -19.16
N TYR D 104 11.96 5.51 -19.35
CA TYR D 104 12.81 6.66 -19.63
C TYR D 104 12.91 7.68 -18.49
N GLY D 105 12.28 7.42 -17.34
CA GLY D 105 12.26 8.42 -16.28
C GLY D 105 13.65 8.80 -15.79
N SER D 106 14.50 7.81 -15.54
CA SER D 106 15.85 8.12 -15.08
C SER D 106 16.66 8.78 -16.18
N THR D 107 16.40 8.44 -17.45
CA THR D 107 17.07 9.11 -18.56
C THR D 107 16.66 10.58 -18.66
N LEU D 108 15.37 10.89 -18.50
CA LEU D 108 14.94 12.28 -18.57
C LEU D 108 15.63 13.11 -17.50
N LYS D 109 15.71 12.58 -16.28
CA LYS D 109 16.41 13.28 -15.22
C LYS D 109 17.87 13.51 -15.59
N ALA D 110 18.56 12.45 -16.02
CA ALA D 110 19.98 12.57 -16.35
C ALA D 110 20.21 13.59 -17.46
N LEU D 111 19.39 13.55 -18.50
CA LEU D 111 19.63 14.45 -19.62
C LEU D 111 19.18 15.87 -19.31
N VAL D 112 18.14 16.05 -18.47
CA VAL D 112 17.81 17.41 -18.04
C VAL D 112 19.01 18.02 -17.28
N HIS D 113 19.61 17.25 -16.38
CA HIS D 113 20.72 17.82 -15.61
C HIS D 113 21.94 18.08 -16.51
N GLU D 114 22.11 17.27 -17.55
CA GLU D 114 23.24 17.51 -18.45
C GLU D 114 22.99 18.71 -19.36
N GLN D 115 21.79 18.82 -19.94
CA GLN D 115 21.55 19.85 -20.95
C GLN D 115 21.10 21.17 -20.38
N PHE D 116 20.52 21.17 -19.18
CA PHE D 116 20.00 22.38 -18.55
C PHE D 116 20.70 22.70 -17.24
N GLY D 117 20.79 21.75 -16.32
CA GLY D 117 21.40 21.94 -15.03
C GLY D 117 20.53 21.37 -13.93
N ASP D 118 20.86 21.72 -12.69
CA ASP D 118 20.03 21.30 -11.57
C ASP D 118 18.70 22.03 -11.64
N GLY D 119 17.63 21.34 -11.36
CA GLY D 119 16.32 21.95 -11.44
C GLY D 119 15.36 20.98 -12.07
N ILE D 120 14.31 21.53 -12.67
CA ILE D 120 13.21 20.74 -13.21
C ILE D 120 12.80 21.30 -14.55
N ILE D 121 12.12 20.45 -15.31
CA ILE D 121 11.29 20.91 -16.42
C ILE D 121 9.87 21.03 -15.88
N SER D 122 9.29 22.23 -16.03
CA SER D 122 8.02 22.55 -15.39
C SER D 122 6.85 21.76 -15.99
N ALA D 123 5.94 21.35 -15.11
CA ALA D 123 4.64 20.83 -15.49
C ALA D 123 3.55 21.89 -15.42
N ILE D 124 3.89 23.12 -15.04
CA ILE D 124 2.93 24.22 -14.91
C ILE D 124 3.12 25.27 -16.00
N ASN D 125 4.36 25.75 -16.16
CA ASN D 125 4.72 26.56 -17.32
C ASN D 125 4.99 25.55 -18.43
N PHE D 126 3.92 25.15 -19.10
CA PHE D 126 3.92 23.85 -19.75
C PHE D 126 2.79 23.78 -20.75
N LYS D 127 3.07 23.19 -21.91
CA LYS D 127 2.09 22.99 -22.95
C LYS D 127 2.22 21.56 -23.46
N LEU D 128 1.08 20.98 -23.81
CA LEU D 128 0.99 19.63 -24.32
C LEU D 128 0.23 19.66 -25.64
N ASP D 129 0.70 18.85 -26.58
CA ASP D 129 0.18 18.72 -27.93
C ASP D 129 0.24 17.26 -28.36
N ILE D 130 -0.80 16.79 -29.07
CA ILE D 130 -0.74 15.46 -29.69
C ILE D 130 -1.10 15.62 -31.16
N LYS D 131 -0.26 15.04 -32.04
CA LYS D 131 -0.44 15.06 -33.47
C LYS D 131 -0.46 13.63 -34.01
N LYS D 132 -1.23 13.43 -35.06
CA LYS D 132 -1.27 12.15 -35.77
C LYS D 132 -0.43 12.28 -37.03
N VAL D 133 0.46 11.32 -37.25
CA VAL D 133 1.31 11.31 -38.44
C VAL D 133 1.14 9.96 -39.12
N GLU D 134 1.17 9.97 -40.45
CA GLU D 134 1.16 8.73 -41.20
C GLU D 134 2.53 8.06 -41.14
N ASP D 135 2.53 6.72 -40.96
CA ASP D 135 3.75 5.94 -40.83
C ASP D 135 4.09 5.29 -42.16
N PRO D 136 5.35 5.38 -42.62
CA PRO D 136 5.72 4.73 -43.90
C PRO D 136 5.45 3.24 -43.92
N ASP D 137 5.48 2.55 -42.76
CA ASP D 137 5.19 1.13 -42.60
C ASP D 137 3.72 0.81 -42.70
N GLY D 138 2.89 1.78 -43.08
CA GLY D 138 1.45 1.63 -42.98
C GLY D 138 0.98 1.96 -41.57
N GLY D 139 -0.24 2.45 -41.45
CA GLY D 139 -0.77 2.84 -40.16
C GLY D 139 -0.41 4.27 -39.79
N SER D 140 -0.35 4.56 -38.49
CA SER D 140 -0.12 5.93 -38.06
C SER D 140 0.62 5.91 -36.75
N ARG D 141 1.15 7.08 -36.39
CA ARG D 141 1.87 7.29 -35.14
C ARG D 141 1.30 8.51 -34.45
N ALA D 142 1.37 8.53 -33.12
CA ALA D 142 1.08 9.74 -32.35
C ALA D 142 2.40 10.38 -31.95
N VAL D 143 2.50 11.69 -32.18
CA VAL D 143 3.65 12.49 -31.77
C VAL D 143 3.16 13.41 -30.67
N ILE D 144 3.57 13.15 -29.43
CA ILE D 144 3.14 13.94 -28.29
C ILE D 144 4.30 14.82 -27.87
N THR D 145 4.06 16.13 -27.84
CA THR D 145 5.07 17.11 -27.49
C THR D 145 4.78 17.66 -26.10
N LEU D 146 5.76 17.53 -25.21
CA LEU D 146 5.74 18.13 -23.89
C LEU D 146 6.71 19.31 -23.91
N ASP D 147 6.20 20.50 -23.61
CA ASP D 147 6.98 21.73 -23.77
C ASP D 147 6.95 22.47 -22.43
N GLY D 148 8.02 22.36 -21.66
CA GLY D 148 8.05 22.91 -20.31
C GLY D 148 9.24 23.80 -20.04
N LYS D 149 9.02 24.82 -19.22
CA LYS D 149 10.08 25.73 -18.85
C LYS D 149 11.09 25.04 -17.94
N TYR D 150 12.39 25.32 -18.16
CA TYR D 150 13.40 24.87 -17.22
C TYR D 150 13.43 25.82 -16.03
N LEU D 151 13.22 25.29 -14.82
CA LEU D 151 13.36 26.10 -13.61
C LEU D 151 14.60 25.63 -12.86
N PRO D 152 15.63 26.46 -12.74
CA PRO D 152 16.86 26.01 -12.08
C PRO D 152 16.76 25.98 -10.56
N THR D 153 17.47 25.01 -9.99
CA THR D 153 17.75 25.00 -8.56
C THR D 153 19.09 25.70 -8.32
N LYS D 154 19.05 26.83 -7.60
CA LYS D 154 20.23 27.64 -7.27
C LYS D 154 20.54 27.55 -5.80
N PRO D 155 21.81 27.55 -5.43
CA PRO D 155 22.16 27.61 -4.01
C PRO D 155 21.69 28.93 -3.42
N PHE D 156 21.29 28.90 -2.16
CA PHE D 156 20.97 30.15 -1.48
C PHE D 156 21.63 30.18 -0.09
N MET E 1 27.70 20.02 21.81
CA MET E 1 26.64 20.24 20.84
C MET E 1 25.83 18.94 20.71
N LEU E 2 24.52 19.03 20.91
CA LEU E 2 23.65 17.87 20.76
C LEU E 2 23.69 17.38 19.31
N GLN E 3 23.83 16.07 19.13
CA GLN E 3 23.88 15.45 17.82
C GLN E 3 22.57 14.72 17.55
N SER E 4 22.27 14.50 16.27
CA SER E 4 21.03 13.82 15.92
C SER E 4 21.27 12.92 14.73
N GLN E 5 20.43 11.90 14.61
CA GLN E 5 20.46 10.95 13.51
C GLN E 5 19.48 11.36 12.44
N PHE E 6 19.81 11.06 11.18
CA PHE E 6 18.87 11.25 10.09
C PHE E 6 18.33 9.94 9.53
N ALA E 7 18.90 8.80 9.93
CA ALA E 7 18.45 7.49 9.50
C ALA E 7 18.42 6.55 10.70
N GLN E 8 17.59 5.51 10.63
CA GLN E 8 17.50 4.62 11.77
C GLN E 8 18.64 3.62 11.83
N THR E 9 19.34 3.41 10.72
CA THR E 9 20.25 2.27 10.62
C THR E 9 21.30 2.21 11.73
N PRO E 10 22.03 3.29 12.07
CA PRO E 10 23.05 3.16 13.12
C PRO E 10 22.48 2.80 14.49
N ARG E 11 21.37 3.43 14.92
CA ARG E 11 20.84 3.09 16.24
C ARG E 11 20.18 1.73 16.25
N LEU E 12 19.62 1.29 15.13
CA LEU E 12 19.09 -0.08 15.06
C LEU E 12 20.21 -1.11 15.13
N ALA E 13 21.36 -0.83 14.50
CA ALA E 13 22.49 -1.74 14.62
C ALA E 13 23.02 -1.78 16.06
N LEU E 14 23.04 -0.63 16.73
CA LEU E 14 23.45 -0.64 18.13
C LEU E 14 22.46 -1.43 18.98
N ALA E 15 21.16 -1.25 18.72
CA ALA E 15 20.18 -2.05 19.45
C ALA E 15 20.43 -3.53 19.23
N ASP E 16 20.76 -3.92 18.00
CA ASP E 16 21.08 -5.32 17.72
C ASP E 16 22.20 -5.79 18.65
N THR E 17 23.26 -4.98 18.75
CA THR E 17 24.38 -5.33 19.64
C THR E 17 23.95 -5.41 21.09
N VAL E 18 23.13 -4.47 21.55
CA VAL E 18 22.63 -4.50 22.92
C VAL E 18 21.92 -5.80 23.20
N ILE E 19 21.01 -6.21 22.30
CA ILE E 19 20.25 -7.45 22.50
C ILE E 19 21.19 -8.65 22.62
N ASP E 20 22.19 -8.71 21.75
CA ASP E 20 23.12 -9.83 21.73
C ASP E 20 23.95 -9.86 23.01
N LEU E 21 24.52 -8.72 23.39
CA LEU E 21 25.36 -8.67 24.58
C LEU E 21 24.55 -8.91 25.85
N LYS E 22 23.34 -8.35 25.90
CA LYS E 22 22.47 -8.59 27.05
C LYS E 22 22.19 -10.08 27.23
N ALA E 23 21.96 -10.80 26.13
CA ALA E 23 21.70 -12.23 26.24
C ALA E 23 22.96 -12.97 26.66
N ARG E 24 24.10 -12.56 26.09
CA ARG E 24 25.36 -13.23 26.40
C ARG E 24 25.72 -13.10 27.88
N LYS E 25 25.46 -11.94 28.48
CA LYS E 25 25.73 -11.73 29.89
C LYS E 25 24.54 -12.07 30.79
N ASN E 26 23.44 -12.56 30.20
CA ASN E 26 22.24 -12.94 30.94
C ASN E 26 21.71 -11.80 31.81
N LEU E 27 21.62 -10.62 31.22
CA LEU E 27 21.16 -9.43 31.93
C LEU E 27 19.67 -9.19 31.70
N SER E 28 19.08 -8.40 32.59
CA SER E 28 17.71 -7.93 32.48
C SER E 28 17.69 -6.47 32.08
N TRP E 29 16.56 -6.02 31.52
CA TRP E 29 16.40 -4.59 31.24
C TRP E 29 16.45 -3.79 32.53
N GLN E 30 15.90 -4.35 33.61
CA GLN E 30 15.94 -3.65 34.89
C GLN E 30 17.38 -3.43 35.35
N ALA E 31 18.24 -4.44 35.18
CA ALA E 31 19.64 -4.27 35.58
C ALA E 31 20.32 -3.17 34.78
N LEU E 32 19.98 -3.03 33.49
CA LEU E 32 20.55 -1.97 32.68
C LEU E 32 20.04 -0.59 33.09
N THR E 33 18.80 -0.52 33.57
CA THR E 33 18.22 0.74 34.06
C THR E 33 18.78 1.16 35.42
N ASP E 34 19.11 0.20 36.27
CA ASP E 34 19.63 0.49 37.61
C ASP E 34 20.84 1.41 37.53
N GLY E 35 20.82 2.47 38.32
CA GLY E 35 21.94 3.39 38.38
C GLY E 35 21.90 4.54 37.39
N THR E 36 20.95 4.53 36.45
CA THR E 36 20.85 5.61 35.49
C THR E 36 20.08 6.81 36.01
N GLY E 37 19.29 6.63 37.07
CA GLY E 37 18.36 7.65 37.52
C GLY E 37 17.15 7.82 36.63
N LEU E 38 17.00 7.00 35.59
CA LEU E 38 15.86 7.09 34.67
C LEU E 38 14.97 5.87 34.82
N SER E 39 13.76 5.97 34.27
CA SER E 39 12.77 4.91 34.39
C SER E 39 13.02 3.78 33.41
N LEU E 40 12.56 2.59 33.81
CA LEU E 40 12.74 1.37 33.01
C LEU E 40 12.25 1.55 31.57
N ALA E 41 11.05 2.10 31.40
CA ALA E 41 10.53 2.24 30.04
C ALA E 41 11.36 3.23 29.24
N PHE E 42 11.90 4.27 29.89
CA PHE E 42 12.66 5.26 29.11
C PHE E 42 14.01 4.70 28.66
N VAL E 43 14.74 4.07 29.58
CA VAL E 43 16.05 3.53 29.24
C VAL E 43 15.93 2.39 28.24
N THR E 44 14.94 1.51 28.43
CA THR E 44 14.76 0.42 27.48
C THR E 44 14.46 0.97 26.09
N ALA E 45 13.55 1.95 26.00
CA ALA E 45 13.26 2.55 24.70
C ALA E 45 14.52 3.17 24.09
N ALA E 46 15.33 3.83 24.92
CA ALA E 46 16.56 4.44 24.40
C ALA E 46 17.47 3.39 23.80
N LEU E 47 17.67 2.28 24.51
CA LEU E 47 18.56 1.23 24.03
C LEU E 47 18.02 0.58 22.77
N LEU E 48 16.70 0.49 22.63
CA LEU E 48 16.10 -0.01 21.41
C LEU E 48 16.00 1.06 20.31
N GLY E 49 16.64 2.21 20.50
CA GLY E 49 16.75 3.20 19.42
C GLY E 49 15.74 4.33 19.43
N GLN E 50 15.01 4.55 20.53
CA GLN E 50 13.88 5.47 20.48
C GLN E 50 14.04 6.73 21.32
N HIS E 51 15.17 6.90 22.01
CA HIS E 51 15.43 8.10 22.81
C HIS E 51 16.94 8.30 22.88
N PRO E 52 17.40 9.53 23.08
CA PRO E 52 18.80 9.73 23.49
C PRO E 52 18.91 9.53 24.99
N LEU E 53 20.11 9.07 25.43
CA LEU E 53 20.42 9.05 26.85
C LEU E 53 21.35 10.20 27.19
N PRO E 54 21.22 10.77 28.38
CA PRO E 54 22.25 11.71 28.84
C PRO E 54 23.59 11.00 28.98
N LYS E 55 24.67 11.79 28.96
CA LYS E 55 26.01 11.21 28.94
C LYS E 55 26.24 10.27 30.11
N GLU E 56 25.88 10.69 31.32
CA GLU E 56 26.12 9.86 32.49
C GLU E 56 25.44 8.51 32.37
N ALA E 57 24.17 8.52 32.00
CA ALA E 57 23.40 7.28 31.85
C ALA E 57 23.93 6.45 30.69
N ALA E 58 24.26 7.09 29.57
CA ALA E 58 24.82 6.33 28.45
C ALA E 58 26.11 5.62 28.86
N ASP E 59 26.95 6.31 29.61
CA ASP E 59 28.22 5.72 30.04
C ASP E 59 27.97 4.56 31.00
N ILE E 60 26.99 4.69 31.89
CA ILE E 60 26.70 3.63 32.84
C ILE E 60 26.20 2.38 32.13
N VAL E 61 25.26 2.53 31.19
N VAL E 61 25.24 2.54 31.21
CA VAL E 61 24.72 1.35 30.51
CA VAL E 61 24.72 1.37 30.49
C VAL E 61 25.79 0.70 29.64
C VAL E 61 25.82 0.70 29.68
N CYS E 62 26.65 1.51 29.01
CA CYS E 62 27.72 0.96 28.19
C CYS E 62 28.73 0.17 29.04
N GLY E 63 29.00 0.65 30.25
CA GLY E 63 29.87 -0.10 31.15
C GLY E 63 29.35 -1.48 31.50
N LYS E 64 28.02 -1.60 31.68
CA LYS E 64 27.43 -2.90 32.01
C LYS E 64 27.47 -3.86 30.84
N LEU E 65 27.40 -3.35 29.62
CA LEU E 65 27.32 -4.21 28.45
C LEU E 65 28.67 -4.50 27.81
N GLY E 66 29.72 -3.76 28.16
CA GLY E 66 30.98 -3.92 27.47
C GLY E 66 31.03 -3.14 26.16
N LEU E 67 30.26 -2.06 26.08
CA LEU E 67 30.22 -1.19 24.90
C LEU E 67 31.21 -0.05 25.08
N ASP E 68 31.76 0.41 23.96
CA ASP E 68 32.84 1.38 23.96
C ASP E 68 32.34 2.82 23.85
N GLU E 69 33.27 3.76 23.65
CA GLU E 69 32.89 5.16 23.63
C GLU E 69 32.09 5.51 22.37
N ASP E 70 32.34 4.81 21.25
CA ASP E 70 31.54 5.04 20.05
C ASP E 70 30.07 4.69 20.30
N ALA E 71 29.81 3.58 20.98
CA ALA E 71 28.43 3.21 21.30
C ALA E 71 27.78 4.25 22.20
N SER E 72 28.52 4.72 23.21
CA SER E 72 27.94 5.70 24.13
C SER E 72 27.61 7.01 23.43
N ARG E 73 28.52 7.48 22.56
CA ARG E 73 28.25 8.69 21.80
C ARG E 73 27.01 8.53 20.96
N LEU E 74 26.86 7.37 20.33
CA LEU E 74 25.68 7.10 19.52
C LEU E 74 24.42 7.07 20.38
N LEU E 75 24.49 6.49 21.59
CA LEU E 75 23.32 6.48 22.47
C LEU E 75 22.92 7.87 22.91
N GLN E 76 23.84 8.82 22.91
CA GLN E 76 23.53 10.21 23.28
C GLN E 76 22.95 11.04 22.15
N SER E 77 22.91 10.51 20.93
N SER E 77 22.92 10.51 20.92
CA SER E 77 22.36 11.21 19.78
CA SER E 77 22.36 11.24 19.80
C SER E 77 20.85 11.09 19.73
C SER E 77 20.84 11.11 19.78
N VAL E 78 20.18 12.15 19.28
CA VAL E 78 18.72 12.11 19.14
C VAL E 78 18.38 11.21 17.96
N PRO E 79 17.58 10.16 18.17
CA PRO E 79 17.31 9.21 17.10
C PRO E 79 16.21 9.69 16.15
N LEU E 80 16.16 9.02 14.99
CA LEU E 80 14.99 9.06 14.12
C LEU E 80 14.06 7.98 14.63
N ARG E 81 12.98 8.39 15.30
CA ARG E 81 12.21 7.46 16.11
C ARG E 81 11.18 6.70 15.27
N GLY E 82 10.78 5.54 15.80
CA GLY E 82 9.73 4.73 15.20
C GLY E 82 10.08 3.25 15.32
N SER E 83 9.33 2.48 16.13
CA SER E 83 9.69 1.08 16.34
C SER E 83 9.05 0.12 15.36
N PHE E 84 8.06 0.54 14.56
CA PHE E 84 7.56 -0.27 13.46
C PHE E 84 7.33 0.57 12.21
N PRO E 85 8.40 0.95 11.53
CA PRO E 85 8.28 1.78 10.32
C PRO E 85 7.88 1.01 9.06
N SER E 86 7.84 -0.32 9.11
N SER E 86 7.84 -0.32 9.08
CA SER E 86 7.61 -1.13 7.91
CA SER E 86 7.62 -1.09 7.87
C SER E 86 6.33 -1.93 8.02
C SER E 86 6.20 -1.61 7.71
N GLY E 87 5.32 -1.36 8.67
CA GLY E 87 3.97 -1.89 8.63
C GLY E 87 3.43 -2.18 10.02
N VAL E 88 2.13 -2.45 10.06
CA VAL E 88 1.50 -2.87 11.31
C VAL E 88 2.21 -4.12 11.83
N PRO E 89 2.47 -4.23 13.14
CA PRO E 89 3.22 -5.38 13.64
C PRO E 89 2.51 -6.69 13.33
N THR E 90 3.31 -7.72 13.02
CA THR E 90 2.83 -9.10 13.00
C THR E 90 3.03 -9.80 14.33
N ASP E 91 3.92 -9.31 15.16
CA ASP E 91 4.19 -9.95 16.43
C ASP E 91 2.97 -9.86 17.34
N PRO E 92 2.48 -10.99 17.87
CA PRO E 92 1.25 -10.92 18.70
C PRO E 92 1.37 -9.99 19.88
N THR E 93 2.52 -10.00 20.56
CA THR E 93 2.67 -9.17 21.76
C THR E 93 2.51 -7.69 21.43
N MET E 94 3.19 -7.25 20.38
CA MET E 94 3.09 -5.88 19.93
C MET E 94 1.69 -5.63 19.38
N TYR E 95 1.14 -6.59 18.65
CA TYR E 95 -0.13 -6.37 17.96
C TYR E 95 -1.25 -6.07 18.94
N ARG E 96 -1.26 -6.72 20.10
CA ARG E 96 -2.38 -6.50 21.03
C ARG E 96 -2.51 -5.02 21.40
N PHE E 97 -1.39 -4.29 21.49
CA PHE E 97 -1.49 -2.85 21.80
C PHE E 97 -2.06 -2.07 20.63
N TYR E 98 -1.70 -2.45 19.41
CA TYR E 98 -2.34 -1.88 18.24
C TYR E 98 -3.84 -2.19 18.23
N GLU E 99 -4.21 -3.41 18.61
CA GLU E 99 -5.62 -3.77 18.66
C GLU E 99 -6.38 -2.95 19.69
N MET E 100 -5.77 -2.68 20.86
CA MET E 100 -6.49 -1.82 21.80
C MET E 100 -6.77 -0.46 21.20
N LEU E 101 -5.84 0.06 20.39
CA LEU E 101 -6.10 1.31 19.69
C LEU E 101 -7.18 1.15 18.62
N GLN E 102 -7.21 0.02 17.92
CA GLN E 102 -8.29 -0.19 16.95
C GLN E 102 -9.66 -0.19 17.64
N VAL E 103 -9.77 -0.83 18.80
CA VAL E 103 -11.07 -0.93 19.45
C VAL E 103 -11.44 0.38 20.14
N TYR E 104 -10.48 1.05 20.78
CA TYR E 104 -10.77 2.19 21.65
C TYR E 104 -10.30 3.52 21.11
N GLY E 105 -9.72 3.58 19.91
CA GLY E 105 -9.16 4.82 19.41
C GLY E 105 -10.18 5.94 19.30
N SER E 106 -11.35 5.65 18.72
CA SER E 106 -12.37 6.69 18.59
C SER E 106 -12.95 7.08 19.95
N THR E 107 -12.99 6.13 20.88
CA THR E 107 -13.43 6.43 22.24
C THR E 107 -12.45 7.38 22.92
N LEU E 108 -11.15 7.09 22.80
CA LEU E 108 -10.17 7.96 23.41
C LEU E 108 -10.26 9.38 22.86
N LYS E 109 -10.42 9.51 21.54
CA LYS E 109 -10.60 10.85 20.97
C LYS E 109 -11.83 11.53 21.57
N ALA E 110 -12.96 10.82 21.58
CA ALA E 110 -14.21 11.38 22.07
C ALA E 110 -14.09 11.84 23.52
N LEU E 111 -13.47 11.01 24.36
CA LEU E 111 -13.37 11.34 25.78
C LEU E 111 -12.32 12.42 26.05
N VAL E 112 -11.24 12.48 25.25
CA VAL E 112 -10.32 13.60 25.39
C VAL E 112 -11.04 14.92 25.12
N HIS E 113 -11.85 14.98 24.06
CA HIS E 113 -12.51 16.25 23.77
C HIS E 113 -13.56 16.57 24.84
N GLU E 114 -14.15 15.55 25.46
CA GLU E 114 -15.14 15.83 26.50
C GLU E 114 -14.48 16.31 27.78
N GLN E 115 -13.42 15.63 28.23
CA GLN E 115 -12.83 15.91 29.54
C GLN E 115 -11.75 16.98 29.53
N PHE E 116 -11.11 17.21 28.40
CA PHE E 116 -10.02 18.17 28.28
C PHE E 116 -10.35 19.30 27.33
N GLY E 117 -10.81 18.98 26.13
CA GLY E 117 -11.14 19.98 25.15
C GLY E 117 -10.51 19.66 23.81
N ASP E 118 -10.54 20.65 22.93
CA ASP E 118 -9.88 20.49 21.65
C ASP E 118 -8.37 20.52 21.86
N GLY E 119 -7.69 19.49 21.37
CA GLY E 119 -6.26 19.35 21.54
C GLY E 119 -5.89 17.87 21.57
N ILE E 120 -4.71 17.60 22.12
CA ILE E 120 -4.14 16.25 22.06
C ILE E 120 -3.55 15.88 23.40
N ILE E 121 -3.38 14.56 23.58
CA ILE E 121 -2.57 14.02 24.66
C ILE E 121 -1.17 13.72 24.11
N SER E 122 -0.16 14.32 24.73
CA SER E 122 1.20 14.27 24.20
C SER E 122 1.81 12.87 24.25
N ALA E 123 2.56 12.52 23.20
CA ALA E 123 3.42 11.36 23.21
C ALA E 123 4.87 11.74 23.50
N ILE E 124 5.13 13.02 23.68
CA ILE E 124 6.47 13.58 23.86
C ILE E 124 6.71 13.98 25.30
N ASN E 125 5.80 14.76 25.87
CA ASN E 125 5.71 15.01 27.31
C ASN E 125 4.85 13.89 27.88
N PHE E 126 5.48 12.78 28.25
CA PHE E 126 4.78 11.51 28.33
C PHE E 126 5.57 10.55 29.20
N LYS E 127 4.86 9.76 30.01
CA LYS E 127 5.48 8.76 30.85
C LYS E 127 4.75 7.44 30.65
N LEU E 128 5.50 6.34 30.68
CA LEU E 128 4.93 5.02 30.54
C LEU E 128 5.40 4.17 31.71
N ASP E 129 4.47 3.36 32.25
CA ASP E 129 4.78 2.48 33.37
C ASP E 129 4.01 1.18 33.21
N ILE E 130 4.66 0.06 33.55
N ILE E 130 4.69 0.07 33.52
CA ILE E 130 4.02 -1.25 33.50
CA ILE E 130 4.09 -1.27 33.53
C ILE E 130 4.16 -1.91 34.87
C ILE E 130 4.16 -1.80 34.95
N LYS E 131 3.02 -2.27 35.46
CA LYS E 131 2.94 -2.93 36.76
C LYS E 131 2.33 -4.31 36.58
N LYS E 132 2.88 -5.29 37.30
CA LYS E 132 2.32 -6.64 37.29
C LYS E 132 1.48 -6.81 38.55
N VAL E 133 0.23 -7.25 38.36
CA VAL E 133 -0.70 -7.47 39.47
C VAL E 133 -1.29 -8.87 39.36
N GLU E 134 -1.53 -9.48 40.51
CA GLU E 134 -2.07 -10.84 40.51
C GLU E 134 -3.56 -10.80 40.24
N ASP E 135 -4.03 -11.72 39.39
CA ASP E 135 -5.45 -11.79 39.05
C ASP E 135 -6.18 -12.65 40.07
N PRO E 136 -7.32 -12.19 40.60
CA PRO E 136 -8.06 -13.02 41.56
C PRO E 136 -8.45 -14.36 41.01
N ASP E 137 -8.77 -14.42 39.72
CA ASP E 137 -9.13 -15.61 38.96
C ASP E 137 -7.95 -16.50 38.65
N GLY E 138 -6.80 -16.22 39.25
CA GLY E 138 -5.58 -16.93 38.90
C GLY E 138 -4.82 -16.24 37.78
N GLY E 139 -3.51 -16.35 37.84
CA GLY E 139 -2.66 -15.70 36.85
C GLY E 139 -2.36 -14.27 37.24
N SER E 140 -1.98 -13.49 36.24
N SER E 140 -1.98 -13.49 36.24
CA SER E 140 -1.53 -12.12 36.48
CA SER E 140 -1.52 -12.13 36.47
C SER E 140 -2.03 -11.20 35.37
C SER E 140 -2.04 -11.20 35.38
N ARG E 141 -2.00 -9.90 35.67
CA ARG E 141 -2.43 -8.86 34.75
C ARG E 141 -1.34 -7.81 34.66
N ALA E 142 -1.25 -7.15 33.51
CA ALA E 142 -0.39 -6.01 33.36
C ALA E 142 -1.26 -4.77 33.45
N VAL E 143 -0.85 -3.83 34.29
CA VAL E 143 -1.52 -2.54 34.38
C VAL E 143 -0.52 -1.54 33.82
N ILE E 144 -0.79 -1.07 32.61
CA ILE E 144 0.11 -0.19 31.88
C ILE E 144 -0.49 1.20 31.92
N THR E 145 0.28 2.16 32.43
CA THR E 145 -0.18 3.52 32.59
C THR E 145 0.48 4.38 31.52
N LEU E 146 -0.34 5.03 30.70
CA LEU E 146 0.07 6.03 29.72
C LEU E 146 -0.27 7.40 30.28
N ASP E 147 0.73 8.25 30.46
CA ASP E 147 0.54 9.51 31.21
C ASP E 147 1.08 10.64 30.35
N GLY E 148 0.21 11.36 29.67
CA GLY E 148 0.63 12.38 28.71
C GLY E 148 0.02 13.73 29.01
N LYS E 149 0.79 14.78 28.76
CA LYS E 149 0.34 16.14 28.94
C LYS E 149 -0.78 16.48 27.96
N TYR E 150 -1.80 17.18 28.44
CA TYR E 150 -2.81 17.72 27.53
C TYR E 150 -2.28 18.99 26.90
N LEU E 151 -2.29 19.02 25.56
CA LEU E 151 -1.87 20.19 24.80
C LEU E 151 -3.09 20.74 24.08
N PRO E 152 -3.57 21.91 24.42
CA PRO E 152 -4.76 22.45 23.76
C PRO E 152 -4.45 23.05 22.39
N THR E 153 -5.42 22.91 21.49
CA THR E 153 -5.33 23.61 20.22
C THR E 153 -5.48 25.10 20.48
N LYS E 154 -4.62 25.90 19.86
CA LYS E 154 -4.67 27.34 20.04
C LYS E 154 -5.31 27.99 18.81
N PRO E 155 -6.56 28.42 18.87
CA PRO E 155 -7.12 29.21 17.76
C PRO E 155 -6.30 30.47 17.56
N PHE E 156 -6.17 30.90 16.31
CA PHE E 156 -5.47 32.15 16.06
C PHE E 156 -6.19 33.06 15.06
N MET F 1 -21.80 21.65 26.33
CA MET F 1 -20.88 20.53 26.30
C MET F 1 -20.24 20.54 24.91
N LEU F 2 -18.91 20.60 24.85
CA LEU F 2 -18.23 20.55 23.56
C LEU F 2 -18.48 19.21 22.90
N GLN F 3 -18.82 19.23 21.62
CA GLN F 3 -19.11 18.01 20.88
C GLN F 3 -17.96 17.71 19.93
N SER F 4 -17.88 16.44 19.51
CA SER F 4 -16.81 16.04 18.59
C SER F 4 -17.35 15.05 17.57
N GLN F 5 -16.66 14.99 16.44
CA GLN F 5 -16.96 14.09 15.34
C GLN F 5 -16.10 12.83 15.46
N PHE F 6 -16.66 11.70 15.05
CA PHE F 6 -15.86 10.48 14.98
C PHE F 6 -15.54 10.08 13.54
N ALA F 7 -16.16 10.71 12.55
CA ALA F 7 -15.89 10.45 11.14
C ALA F 7 -15.83 11.78 10.41
N GLN F 8 -15.13 11.79 9.27
CA GLN F 8 -15.01 13.04 8.52
C GLN F 8 -16.26 13.36 7.71
N THR F 9 -17.13 12.39 7.46
CA THR F 9 -18.17 12.57 6.44
C THR F 9 -19.04 13.79 6.67
N PRO F 10 -19.59 14.05 7.88
CA PRO F 10 -20.44 15.25 8.04
C PRO F 10 -19.73 16.56 7.79
N ARG F 11 -18.51 16.74 8.29
CA ARG F 11 -17.84 18.02 8.08
C ARG F 11 -17.35 18.18 6.65
N LEU F 12 -17.02 17.09 5.97
CA LEU F 12 -16.68 17.20 4.55
C LEU F 12 -17.91 17.55 3.72
N ALA F 13 -19.09 17.03 4.10
CA ALA F 13 -20.31 17.42 3.41
C ALA F 13 -20.62 18.89 3.66
N LEU F 14 -20.39 19.36 4.88
CA LEU F 14 -20.59 20.78 5.17
C LEU F 14 -19.60 21.63 4.38
N ALA F 15 -18.32 21.21 4.31
CA ALA F 15 -17.37 21.93 3.48
C ALA F 15 -17.84 21.98 2.02
N ASP F 16 -18.41 20.87 1.52
CA ASP F 16 -18.94 20.86 0.15
C ASP F 16 -19.98 21.97 -0.02
N THR F 17 -20.90 22.10 0.95
N THR F 17 -20.88 22.14 0.95
CA THR F 17 -21.91 23.14 0.90
CA THR F 17 -21.90 23.16 0.81
C THR F 17 -21.29 24.53 0.90
C THR F 17 -21.33 24.57 0.95
N VAL F 18 -20.30 24.75 1.77
CA VAL F 18 -19.61 26.05 1.82
C VAL F 18 -19.01 26.39 0.47
N ILE F 19 -18.30 25.45 -0.16
CA ILE F 19 -17.71 25.72 -1.47
C ILE F 19 -18.78 26.15 -2.48
N ASP F 20 -19.89 25.43 -2.47
CA ASP F 20 -20.96 25.71 -3.43
C ASP F 20 -21.60 27.08 -3.17
N LEU F 21 -21.96 27.35 -1.92
CA LEU F 21 -22.61 28.63 -1.60
C LEU F 21 -21.68 29.82 -1.79
N LYS F 22 -20.40 29.65 -1.42
CA LYS F 22 -19.42 30.70 -1.63
C LYS F 22 -19.32 31.06 -3.11
N ALA F 23 -19.35 30.05 -3.98
CA ALA F 23 -19.28 30.32 -5.41
C ALA F 23 -20.57 30.99 -5.89
N ARG F 24 -21.72 30.53 -5.40
CA ARG F 24 -22.99 31.11 -5.82
C ARG F 24 -23.10 32.56 -5.42
N LYS F 25 -22.59 32.92 -4.25
CA LYS F 25 -22.63 34.29 -3.76
C LYS F 25 -21.42 35.11 -4.16
N ASN F 26 -20.49 34.52 -4.92
CA ASN F 26 -19.28 35.20 -5.37
C ASN F 26 -18.49 35.78 -4.21
N LEU F 27 -18.34 34.98 -3.15
CA LEU F 27 -17.63 35.40 -1.94
C LEU F 27 -16.17 34.91 -1.94
N SER F 28 -15.35 35.60 -1.16
CA SER F 28 -13.96 35.23 -0.93
C SER F 28 -13.80 34.61 0.46
N TRP F 29 -12.71 33.86 0.63
CA TRP F 29 -12.38 33.36 1.97
C TRP F 29 -12.14 34.52 2.91
N GLN F 30 -11.54 35.60 2.41
CA GLN F 30 -11.31 36.76 3.28
C GLN F 30 -12.64 37.33 3.77
N ALA F 31 -13.64 37.41 2.90
CA ALA F 31 -14.95 37.93 3.31
C ALA F 31 -15.57 37.05 4.40
N LEU F 32 -15.37 35.73 4.32
CA LEU F 32 -15.91 34.84 5.36
C LEU F 32 -15.15 35.01 6.67
N THR F 33 -13.86 35.34 6.61
CA THR F 33 -13.09 35.57 7.83
C THR F 33 -13.43 36.91 8.48
N ASP F 34 -13.76 37.91 7.67
CA ASP F 34 -14.07 39.25 8.18
C ASP F 34 -15.16 39.20 9.24
N GLY F 35 -14.89 39.83 10.37
CA GLY F 35 -15.87 39.91 11.44
C GLY F 35 -15.81 38.78 12.46
N THR F 36 -15.01 37.74 12.22
CA THR F 36 -14.89 36.64 13.17
C THR F 36 -13.89 36.91 14.28
N GLY F 37 -13.00 37.88 14.09
CA GLY F 37 -11.93 38.05 15.05
C GLY F 37 -10.85 36.99 14.99
N LEU F 38 -10.93 36.09 14.01
CA LEU F 38 -9.97 35.01 13.84
C LEU F 38 -9.21 35.23 12.54
N SER F 39 -8.11 34.48 12.39
CA SER F 39 -7.23 34.67 11.24
C SER F 39 -7.74 33.89 10.02
N LEU F 40 -7.40 34.42 8.84
CA LEU F 40 -7.83 33.84 7.57
C LEU F 40 -7.53 32.35 7.49
N ALA F 41 -6.30 31.94 7.81
CA ALA F 41 -5.97 30.52 7.67
C ALA F 41 -6.77 29.66 8.65
N PHE F 42 -7.07 30.19 9.84
CA PHE F 42 -7.78 29.36 10.81
C PHE F 42 -9.25 29.17 10.42
N VAL F 43 -9.92 30.26 10.03
CA VAL F 43 -11.32 30.18 9.64
C VAL F 43 -11.50 29.35 8.37
N THR F 44 -10.63 29.57 7.38
CA THR F 44 -10.70 28.78 6.15
C THR F 44 -10.52 27.30 6.45
N ALA F 45 -9.53 26.97 7.29
CA ALA F 45 -9.31 25.58 7.68
C ALA F 45 -10.53 25.01 8.39
N ALA F 46 -11.15 25.80 9.27
CA ALA F 46 -12.35 25.33 9.95
C ALA F 46 -13.46 25.02 8.95
N LEU F 47 -13.67 25.92 8.00
CA LEU F 47 -14.73 25.71 7.02
C LEU F 47 -14.47 24.47 6.16
N LEU F 48 -13.19 24.17 5.88
CA LEU F 48 -12.81 22.98 5.14
C LEU F 48 -12.71 21.74 6.03
N GLY F 49 -13.20 21.82 7.27
CA GLY F 49 -13.36 20.65 8.10
C GLY F 49 -12.25 20.35 9.08
N GLN F 50 -11.35 21.31 9.33
CA GLN F 50 -10.13 21.00 10.07
C GLN F 50 -10.02 21.67 11.43
N HIS F 51 -11.00 22.45 11.85
CA HIS F 51 -11.00 23.08 13.17
C HIS F 51 -12.45 23.30 13.57
N PRO F 52 -12.73 23.37 14.87
CA PRO F 52 -14.03 23.90 15.30
C PRO F 52 -13.97 25.42 15.33
N LEU F 53 -15.12 26.03 15.11
CA LEU F 53 -15.23 27.45 15.34
C LEU F 53 -15.96 27.71 16.65
N PRO F 54 -15.62 28.76 17.39
CA PRO F 54 -16.47 29.17 18.52
C PRO F 54 -17.84 29.60 18.02
N LYS F 55 -18.83 29.54 18.92
CA LYS F 55 -20.23 29.76 18.51
C LYS F 55 -20.40 31.09 17.79
N GLU F 56 -19.81 32.16 18.31
CA GLU F 56 -20.02 33.49 17.74
C GLU F 56 -19.52 33.55 16.30
N ALA F 57 -18.30 33.04 16.07
CA ALA F 57 -17.74 33.08 14.73
C ALA F 57 -18.52 32.16 13.79
N ALA F 58 -18.91 30.99 14.29
CA ALA F 58 -19.69 30.06 13.48
C ALA F 58 -20.99 30.69 13.01
N ASP F 59 -21.68 31.41 13.91
CA ASP F 59 -22.94 32.02 13.53
C ASP F 59 -22.72 33.14 12.51
N ILE F 60 -21.64 33.91 12.64
CA ILE F 60 -21.34 34.99 11.70
C ILE F 60 -21.11 34.43 10.30
N VAL F 61 -20.22 33.44 10.18
CA VAL F 61 -19.93 32.86 8.87
C VAL F 61 -21.18 32.20 8.29
N CYS F 62 -21.95 31.53 9.12
CA CYS F 62 -23.14 30.85 8.63
C CYS F 62 -24.16 31.87 8.12
N GLY F 63 -24.23 33.03 8.77
CA GLY F 63 -25.11 34.08 8.29
C GLY F 63 -24.73 34.58 6.91
N LYS F 64 -23.43 34.71 6.65
CA LYS F 64 -22.98 35.19 5.34
C LYS F 64 -23.27 34.19 4.22
N LEU F 65 -23.25 32.89 4.53
CA LEU F 65 -23.41 31.86 3.51
C LEU F 65 -24.86 31.42 3.33
N GLY F 66 -25.75 31.78 4.25
CA GLY F 66 -27.10 31.27 4.18
C GLY F 66 -27.25 29.88 4.76
N LEU F 67 -26.38 29.50 5.68
CA LEU F 67 -26.42 28.20 6.34
C LEU F 67 -27.22 28.31 7.63
N ASP F 68 -27.87 27.20 8.00
CA ASP F 68 -28.82 27.19 9.11
C ASP F 68 -28.14 26.84 10.43
N GLU F 69 -28.97 26.63 11.46
CA GLU F 69 -28.50 26.40 12.82
C GLU F 69 -27.84 25.04 12.95
N ASP F 70 -28.31 24.05 12.19
CA ASP F 70 -27.67 22.74 12.20
C ASP F 70 -26.25 22.84 11.65
N ALA F 71 -26.07 23.61 10.57
CA ALA F 71 -24.73 23.78 10.02
C ALA F 71 -23.81 24.47 11.01
N SER F 72 -24.30 25.50 11.70
CA SER F 72 -23.46 26.21 12.67
C SER F 72 -23.06 25.29 13.82
N ARG F 73 -23.99 24.47 14.32
CA ARG F 73 -23.66 23.54 15.38
C ARG F 73 -22.59 22.55 14.92
N LEU F 74 -22.71 22.05 13.70
CA LEU F 74 -21.71 21.13 13.16
C LEU F 74 -20.34 21.81 13.08
N LEU F 75 -20.34 23.10 12.69
CA LEU F 75 -19.09 23.86 12.57
C LEU F 75 -18.41 24.06 13.93
N GLN F 76 -19.17 24.01 15.03
CA GLN F 76 -18.63 24.15 16.36
C GLN F 76 -18.15 22.84 16.96
N SER F 77 -18.33 21.72 16.26
N SER F 77 -18.34 21.73 16.26
CA SER F 77 -17.89 20.41 16.75
CA SER F 77 -17.86 20.44 16.73
C SER F 77 -16.42 20.19 16.41
C SER F 77 -16.38 20.29 16.45
N VAL F 78 -15.70 19.54 17.31
CA VAL F 78 -14.29 19.22 17.06
C VAL F 78 -14.24 18.16 15.96
N PRO F 79 -13.56 18.42 14.86
CA PRO F 79 -13.55 17.47 13.75
C PRO F 79 -12.53 16.34 13.91
N LEU F 80 -12.72 15.31 13.10
CA LEU F 80 -11.65 14.35 12.82
C LEU F 80 -10.81 14.94 11.71
N ARG F 81 -9.61 15.38 12.04
CA ARG F 81 -8.83 16.24 11.16
C ARG F 81 -8.04 15.41 10.15
N GLY F 82 -7.70 16.08 9.05
CA GLY F 82 -6.84 15.51 8.02
C GLY F 82 -7.32 15.89 6.64
N SER F 83 -6.56 16.69 5.89
CA SER F 83 -7.10 17.17 4.62
C SER F 83 -6.76 16.26 3.44
N PHE F 84 -5.83 15.31 3.57
CA PHE F 84 -5.61 14.28 2.54
C PHE F 84 -5.45 12.91 3.18
N PRO F 85 -6.57 12.30 3.62
CA PRO F 85 -6.47 10.97 4.25
C PRO F 85 -6.30 9.82 3.27
N SER F 86 -6.44 10.06 1.96
CA SER F 86 -6.48 8.96 1.01
C SER F 86 -5.29 8.94 0.06
N GLY F 87 -4.13 9.39 0.53
CA GLY F 87 -2.91 9.29 -0.24
C GLY F 87 -2.23 10.64 -0.40
N VAL F 88 -0.99 10.57 -0.87
CA VAL F 88 -0.26 11.80 -1.16
C VAL F 88 -1.05 12.60 -2.19
N PRO F 89 -1.14 13.92 -2.08
CA PRO F 89 -1.95 14.70 -3.03
C PRO F 89 -1.46 14.52 -4.46
N THR F 90 -2.40 14.43 -5.39
CA THR F 90 -2.07 14.55 -6.81
C THR F 90 -2.17 15.99 -7.31
N ASP F 91 -2.90 16.84 -6.60
CA ASP F 91 -3.06 18.22 -7.02
C ASP F 91 -1.72 18.96 -6.98
N PRO F 92 -1.30 19.58 -8.08
CA PRO F 92 0.01 20.26 -8.08
C PRO F 92 0.16 21.29 -6.98
N THR F 93 -0.87 22.09 -6.72
CA THR F 93 -0.75 23.14 -5.72
C THR F 93 -0.48 22.56 -4.34
N MET F 94 -1.26 21.56 -3.91
CA MET F 94 -0.92 20.97 -2.62
C MET F 94 0.36 20.15 -2.66
N TYR F 95 0.63 19.47 -3.78
CA TYR F 95 1.81 18.61 -3.86
C TYR F 95 3.10 19.40 -3.61
N ARG F 96 3.18 20.66 -4.08
CA ARG F 96 4.44 21.39 -3.90
C ARG F 96 4.81 21.51 -2.42
N PHE F 97 3.82 21.65 -1.54
CA PHE F 97 4.16 21.72 -0.12
C PHE F 97 4.66 20.38 0.41
N TYR F 98 4.11 19.27 -0.09
CA TYR F 98 4.65 17.97 0.22
C TYR F 98 6.08 17.83 -0.30
N GLU F 99 6.33 18.35 -1.50
CA GLU F 99 7.69 18.29 -2.03
C GLU F 99 8.65 19.07 -1.16
N MET F 100 8.23 20.23 -0.65
CA MET F 100 9.12 20.99 0.23
C MET F 100 9.52 20.14 1.44
N LEU F 101 8.58 19.36 1.97
CA LEU F 101 8.89 18.47 3.08
C LEU F 101 9.79 17.32 2.65
N GLN F 102 9.58 16.78 1.43
CA GLN F 102 10.49 15.75 0.95
C GLN F 102 11.92 16.27 0.86
N VAL F 103 12.12 17.48 0.34
CA VAL F 103 13.49 17.95 0.16
C VAL F 103 14.10 18.39 1.50
N TYR F 104 13.31 19.04 2.35
CA TYR F 104 13.86 19.68 3.55
C TYR F 104 13.48 19.00 4.86
N GLY F 105 12.76 17.89 4.81
CA GLY F 105 12.28 17.27 6.03
C GLY F 105 13.40 16.85 6.97
N SER F 106 14.42 16.18 6.42
CA SER F 106 15.53 15.77 7.28
C SER F 106 16.32 16.98 7.78
N THR F 107 16.39 18.04 6.98
CA THR F 107 17.04 19.27 7.43
C THR F 107 16.28 19.92 8.58
N LEU F 108 14.95 19.97 8.47
CA LEU F 108 14.16 20.54 9.55
C LEU F 108 14.35 19.77 10.84
N LYS F 109 14.35 18.44 10.78
CA LYS F 109 14.64 17.68 12.00
C LYS F 109 16.00 18.05 12.57
N ALA F 110 17.03 18.01 11.73
CA ALA F 110 18.39 18.26 12.19
C ALA F 110 18.50 19.65 12.82
N LEU F 111 17.91 20.66 12.18
CA LEU F 111 18.05 22.01 12.70
C LEU F 111 17.17 22.23 13.93
N VAL F 112 16.02 21.56 14.03
CA VAL F 112 15.26 21.65 15.28
C VAL F 112 16.08 21.12 16.44
N HIS F 113 16.76 19.98 16.26
CA HIS F 113 17.52 19.42 17.37
C HIS F 113 18.73 20.26 17.70
N GLU F 114 19.32 20.94 16.71
CA GLU F 114 20.46 21.79 16.98
C GLU F 114 20.04 23.07 17.68
N GLN F 115 18.97 23.73 17.22
CA GLN F 115 18.62 25.04 17.73
C GLN F 115 17.71 25.01 18.95
N PHE F 116 16.93 23.94 19.13
CA PHE F 116 15.98 23.84 20.23
C PHE F 116 16.32 22.70 21.16
N GLY F 117 16.52 21.50 20.63
CA GLY F 117 16.84 20.33 21.40
C GLY F 117 16.00 19.16 20.97
N ASP F 118 16.03 18.11 21.77
CA ASP F 118 15.20 16.96 21.50
C ASP F 118 13.75 17.34 21.78
N GLY F 119 12.89 17.11 20.81
CA GLY F 119 11.49 17.46 20.94
C GLY F 119 10.91 17.77 19.58
N ILE F 120 9.80 18.53 19.58
CA ILE F 120 9.00 18.72 18.37
C ILE F 120 8.59 20.17 18.26
N ILE F 121 8.23 20.57 17.04
CA ILE F 121 7.52 21.81 16.78
C ILE F 121 6.03 21.51 16.59
N SER F 122 5.19 22.15 17.40
CA SER F 122 3.76 21.83 17.44
C SER F 122 3.03 22.23 16.18
N ALA F 123 2.08 21.40 15.77
CA ALA F 123 1.15 21.74 14.72
C ALA F 123 -0.19 22.24 15.24
N ILE F 124 -0.41 22.25 16.55
CA ILE F 124 -1.68 22.71 17.12
C ILE F 124 -1.51 24.02 17.92
N ASN F 125 -0.42 24.17 18.68
CA ASN F 125 -0.04 25.49 19.18
C ASN F 125 0.74 26.13 18.05
N PHE F 126 0.03 26.76 17.12
CA PHE F 126 0.58 26.92 15.79
C PHE F 126 -0.13 28.04 15.06
N LYS F 127 0.63 28.82 14.31
CA LYS F 127 0.06 29.89 13.50
C LYS F 127 0.56 29.75 12.07
N LEU F 128 -0.32 30.01 11.11
CA LEU F 128 0.00 29.96 9.70
C LEU F 128 -0.42 31.27 9.07
N ASP F 129 0.43 31.81 8.21
CA ASP F 129 0.14 33.05 7.53
C ASP F 129 0.77 33.02 6.15
N ILE F 130 0.10 33.61 5.16
N ILE F 130 0.05 33.57 5.16
CA ILE F 130 0.61 33.65 3.79
CA ILE F 130 0.54 33.73 3.81
C ILE F 130 0.54 35.10 3.28
C ILE F 130 0.58 35.21 3.49
N LYS F 131 1.70 35.66 2.93
CA LYS F 131 1.85 37.00 2.36
C LYS F 131 2.23 36.91 0.88
N LYS F 132 1.67 37.81 0.09
CA LYS F 132 2.04 37.95 -1.32
C LYS F 132 3.00 39.11 -1.44
N VAL F 133 4.16 38.88 -2.07
CA VAL F 133 5.17 39.92 -2.25
C VAL F 133 5.55 39.95 -3.72
N GLU F 134 6.17 41.06 -4.13
CA GLU F 134 6.59 41.17 -5.52
C GLU F 134 7.86 40.35 -5.74
N ASP F 135 7.93 39.67 -6.86
CA ASP F 135 9.18 38.99 -7.20
C ASP F 135 10.11 39.95 -7.94
N PRO F 136 11.37 40.05 -7.54
CA PRO F 136 12.30 40.97 -8.22
C PRO F 136 12.44 40.71 -9.72
N ASP F 137 12.29 39.46 -10.14
CA ASP F 137 12.44 39.05 -11.52
C ASP F 137 11.12 39.10 -12.30
N GLY F 138 10.09 39.69 -11.71
CA GLY F 138 8.80 39.77 -12.36
C GLY F 138 7.82 38.79 -11.77
N GLY F 139 6.59 39.23 -11.53
CA GLY F 139 5.63 38.32 -10.93
C GLY F 139 5.58 38.49 -9.43
N SER F 140 5.16 37.41 -8.76
N SER F 140 5.17 37.42 -8.74
CA SER F 140 4.85 37.45 -7.33
CA SER F 140 4.92 37.50 -7.32
C SER F 140 5.46 36.24 -6.65
C SER F 140 5.42 36.23 -6.64
N ARG F 141 5.60 36.33 -5.33
CA ARG F 141 6.02 35.23 -4.48
C ARG F 141 5.07 35.11 -3.30
N ALA F 142 4.95 33.90 -2.79
CA ALA F 142 4.24 33.66 -1.53
C ALA F 142 5.27 33.48 -0.44
N VAL F 143 5.12 34.23 0.65
CA VAL F 143 5.95 34.08 1.83
C VAL F 143 5.03 33.51 2.90
N ILE F 144 5.21 32.23 3.19
CA ILE F 144 4.34 31.49 4.10
C ILE F 144 5.10 31.23 5.38
N THR F 145 4.53 31.68 6.50
CA THR F 145 5.17 31.55 7.80
C THR F 145 4.46 30.46 8.59
N LEU F 146 5.21 29.44 9.01
CA LEU F 146 4.74 28.41 9.93
C LEU F 146 5.36 28.71 11.28
N ASP F 147 4.53 28.91 12.31
CA ASP F 147 4.99 29.40 13.61
C ASP F 147 4.48 28.45 14.69
N GLY F 148 5.33 27.56 15.18
CA GLY F 148 4.91 26.52 16.11
C GLY F 148 5.70 26.49 17.39
N LYS F 149 5.01 26.18 18.50
CA LYS F 149 5.66 26.10 19.80
C LYS F 149 6.62 24.92 19.85
N TYR F 150 7.80 25.14 20.42
CA TYR F 150 8.74 24.05 20.66
C TYR F 150 8.32 23.30 21.92
N LEU F 151 8.11 21.99 21.78
CA LEU F 151 7.78 21.13 22.91
C LEU F 151 8.93 20.15 23.16
N PRO F 152 9.64 20.24 24.27
CA PRO F 152 10.76 19.34 24.51
C PRO F 152 10.32 17.94 24.95
N THR F 153 11.12 16.96 24.56
CA THR F 153 10.92 15.61 25.07
C THR F 153 11.21 15.62 26.56
N LYS F 154 10.39 14.88 27.33
CA LYS F 154 10.57 14.83 28.78
C LYS F 154 11.14 13.46 29.17
N PRO F 155 12.43 13.36 29.48
CA PRO F 155 12.95 12.11 30.06
C PRO F 155 12.26 11.82 31.39
N PHE F 156 12.04 10.54 31.65
CA PHE F 156 11.45 10.15 32.93
C PHE F 156 12.11 8.93 33.56
N MET G 1 -31.11 -15.31 21.03
CA MET G 1 -29.88 -15.74 20.38
C MET G 1 -29.04 -14.49 20.08
N LEU G 2 -27.78 -14.49 20.53
CA LEU G 2 -26.89 -13.38 20.27
C LEU G 2 -26.70 -13.21 18.76
N GLN G 3 -26.78 -11.97 18.28
CA GLN G 3 -26.63 -11.67 16.86
C GLN G 3 -25.30 -10.97 16.64
N SER G 4 -24.80 -11.05 15.41
CA SER G 4 -23.51 -10.41 15.11
C SER G 4 -23.56 -9.78 13.72
N GLN G 5 -22.70 -8.79 13.53
CA GLN G 5 -22.53 -8.10 12.26
C GLN G 5 -21.39 -8.72 11.47
N PHE G 6 -21.51 -8.72 10.14
CA PHE G 6 -20.42 -9.14 9.28
C PHE G 6 -19.77 -7.98 8.54
N ALA G 7 -20.36 -6.78 8.59
CA ALA G 7 -19.82 -5.60 7.95
C ALA G 7 -19.97 -4.42 8.91
N GLN G 8 -19.11 -3.41 8.76
CA GLN G 8 -19.18 -2.28 9.68
C GLN G 8 -20.28 -1.28 9.37
N THR G 9 -20.85 -1.30 8.16
CA THR G 9 -21.69 -0.20 7.71
C THR G 9 -22.89 0.07 8.62
N PRO G 10 -23.69 -0.92 9.05
CA PRO G 10 -24.84 -0.59 9.91
C PRO G 10 -24.46 0.05 11.24
N ARG G 11 -23.42 -0.45 11.91
CA ARG G 11 -23.06 0.13 13.20
C ARG G 11 -22.40 1.49 13.04
N LEU G 12 -21.67 1.71 11.94
CA LEU G 12 -21.13 3.04 11.69
C LEU G 12 -22.24 4.04 11.41
N ALA G 13 -23.28 3.60 10.69
CA ALA G 13 -24.42 4.48 10.45
C ALA G 13 -25.16 4.78 11.76
N LEU G 14 -25.26 3.77 12.64
CA LEU G 14 -25.87 4.02 13.94
C LEU G 14 -25.01 5.00 14.75
N ALA G 15 -23.68 4.82 14.71
CA ALA G 15 -22.81 5.77 15.38
C ALA G 15 -22.97 7.19 14.83
N ASP G 16 -23.15 7.31 13.53
CA ASP G 16 -23.42 8.62 12.92
C ASP G 16 -24.63 9.27 13.58
N THR G 17 -25.71 8.51 13.71
N THR G 17 -25.71 8.51 13.72
CA THR G 17 -26.93 9.05 14.30
CA THR G 17 -26.92 9.10 14.30
C THR G 17 -26.71 9.42 15.77
C THR G 17 -26.73 9.42 15.78
N VAL G 18 -25.97 8.60 16.50
CA VAL G 18 -25.65 8.91 17.89
C VAL G 18 -24.95 10.27 17.97
N ILE G 19 -23.90 10.47 17.15
CA ILE G 19 -23.17 11.73 17.19
C ILE G 19 -24.11 12.90 16.92
N ASP G 20 -24.98 12.74 15.94
CA ASP G 20 -25.89 13.82 15.56
C ASP G 20 -26.89 14.10 16.67
N LEU G 21 -27.53 13.05 17.20
CA LEU G 21 -28.52 13.23 18.26
C LEU G 21 -27.88 13.73 19.56
N LYS G 22 -26.71 13.20 19.90
CA LYS G 22 -26.00 13.69 21.08
C LYS G 22 -25.75 15.19 20.99
N ALA G 23 -25.34 15.67 19.83
CA ALA G 23 -25.10 17.10 19.67
C ALA G 23 -26.40 17.90 19.75
N ARG G 24 -27.47 17.40 19.13
CA ARG G 24 -28.73 18.14 19.12
C ARG G 24 -29.27 18.34 20.52
N LYS G 25 -29.15 17.33 21.37
CA LYS G 25 -29.60 17.42 22.75
C LYS G 25 -28.52 17.96 23.68
N ASN G 26 -27.34 18.32 23.15
CA ASN G 26 -26.23 18.84 23.93
C ASN G 26 -25.88 17.90 25.09
N LEU G 27 -25.76 16.62 24.78
CA LEU G 27 -25.47 15.60 25.80
C LEU G 27 -23.97 15.32 25.87
N SER G 28 -23.56 14.78 27.01
CA SER G 28 -22.18 14.34 27.19
C SER G 28 -22.12 12.82 27.11
N TRP G 29 -20.92 12.30 26.84
CA TRP G 29 -20.74 10.86 26.88
C TRP G 29 -20.98 10.35 28.30
N GLN G 30 -20.58 11.14 29.30
CA GLN G 30 -20.84 10.73 30.67
C GLN G 30 -22.33 10.60 30.94
N ALA G 31 -23.11 11.55 30.42
CA ALA G 31 -24.56 11.49 30.61
C ALA G 31 -25.15 10.23 30.01
N LEU G 32 -24.63 9.81 28.85
CA LEU G 32 -25.13 8.61 28.21
C LEU G 32 -24.76 7.36 29.00
N THR G 33 -23.62 7.38 29.67
CA THR G 33 -23.19 6.25 30.50
C THR G 33 -23.97 6.16 31.82
N ASP G 34 -24.33 7.30 32.39
CA ASP G 34 -25.04 7.33 33.67
C ASP G 34 -26.29 6.47 33.62
N GLY G 35 -26.45 5.61 34.61
CA GLY G 35 -27.63 4.78 34.71
C GLY G 35 -27.50 3.43 34.04
N THR G 36 -26.43 3.19 33.27
CA THR G 36 -26.25 1.88 32.67
C THR G 36 -25.58 0.91 33.61
N GLY G 37 -24.91 1.40 34.66
CA GLY G 37 -24.09 0.55 35.49
C GLY G 37 -22.79 0.12 34.86
N LEU G 38 -22.46 0.62 33.68
CA LEU G 38 -21.25 0.24 32.95
C LEU G 38 -20.27 1.41 32.90
N SER G 39 -19.04 1.09 32.49
CA SER G 39 -17.96 2.07 32.46
C SER G 39 -18.07 3.00 31.26
N LEU G 40 -17.63 4.24 31.47
CA LEU G 40 -17.68 5.27 30.44
C LEU G 40 -16.99 4.81 29.16
N ALA G 41 -15.80 4.22 29.29
CA ALA G 41 -15.05 3.80 28.11
C ALA G 41 -15.77 2.69 27.36
N PHE G 42 -16.44 1.79 28.07
CA PHE G 42 -17.11 0.68 27.40
C PHE G 42 -18.36 1.16 26.66
N VAL G 43 -19.18 1.98 27.33
CA VAL G 43 -20.42 2.44 26.70
C VAL G 43 -20.12 3.35 25.52
N THR G 44 -19.13 4.23 25.66
CA THR G 44 -18.78 5.12 24.55
C THR G 44 -18.32 4.30 23.35
N ALA G 45 -17.47 3.31 23.61
CA ALA G 45 -17.00 2.44 22.54
C ALA G 45 -18.16 1.72 21.88
N ALA G 46 -19.12 1.24 22.67
CA ALA G 46 -20.26 0.55 22.10
C ALA G 46 -21.02 1.47 21.16
N LEU G 47 -21.27 2.71 21.59
CA LEU G 47 -22.02 3.66 20.78
C LEU G 47 -21.29 4.00 19.49
N LEU G 48 -19.96 4.01 19.54
CA LEU G 48 -19.14 4.27 18.36
C LEU G 48 -18.89 3.02 17.52
N GLY G 49 -19.58 1.92 17.82
CA GLY G 49 -19.59 0.75 16.98
C GLY G 49 -18.63 -0.35 17.34
N GLN G 50 -18.05 -0.34 18.53
CA GLN G 50 -16.95 -1.25 18.84
C GLN G 50 -17.27 -2.30 19.90
N HIS G 51 -18.50 -2.31 20.45
CA HIS G 51 -18.93 -3.31 21.41
C HIS G 51 -20.43 -3.45 21.29
N PRO G 52 -20.98 -4.61 21.68
CA PRO G 52 -22.43 -4.72 21.90
C PRO G 52 -22.76 -4.27 23.32
N LEU G 53 -23.96 -3.74 23.46
CA LEU G 53 -24.46 -3.44 24.78
C LEU G 53 -25.48 -4.50 25.21
N PRO G 54 -25.54 -4.81 26.50
CA PRO G 54 -26.65 -5.64 27.01
C PRO G 54 -27.96 -4.92 26.78
N LYS G 55 -29.04 -5.70 26.73
CA LYS G 55 -30.35 -5.15 26.36
C LYS G 55 -30.73 -3.96 27.23
N GLU G 56 -30.61 -4.11 28.55
CA GLU G 56 -31.04 -3.04 29.46
C GLU G 56 -30.25 -1.77 29.24
N ALA G 57 -28.92 -1.88 29.09
CA ALA G 57 -28.10 -0.70 28.82
C ALA G 57 -28.42 -0.12 27.45
N ALA G 58 -28.61 -0.97 26.44
CA ALA G 58 -28.97 -0.47 25.11
C ALA G 58 -30.28 0.30 25.14
N ASP G 59 -31.27 -0.21 25.87
CA ASP G 59 -32.56 0.47 25.94
C ASP G 59 -32.44 1.80 26.68
N ILE G 60 -31.63 1.86 27.73
CA ILE G 60 -31.44 3.11 28.47
C ILE G 60 -30.81 4.18 27.59
N VAL G 61 -29.67 3.87 26.97
CA VAL G 61 -29.01 4.89 26.15
C VAL G 61 -29.87 5.28 24.96
N CYS G 62 -30.62 4.33 24.40
CA CYS G 62 -31.45 4.66 23.25
C CYS G 62 -32.60 5.57 23.66
N GLY G 63 -33.13 5.37 24.87
CA GLY G 63 -34.16 6.28 25.38
C GLY G 63 -33.62 7.69 25.56
N LYS G 64 -32.38 7.81 26.03
CA LYS G 64 -31.79 9.13 26.23
C LYS G 64 -31.53 9.84 24.91
N LEU G 65 -31.20 9.10 23.86
CA LEU G 65 -30.88 9.70 22.57
C LEU G 65 -32.10 9.85 21.67
N GLY G 66 -33.21 9.21 22.00
CA GLY G 66 -34.36 9.22 21.12
C GLY G 66 -34.26 8.22 19.99
N LEU G 67 -33.52 7.13 20.17
CA LEU G 67 -33.41 6.09 19.15
C LEU G 67 -34.47 5.02 19.40
N ASP G 68 -34.89 4.38 18.32
CA ASP G 68 -36.03 3.46 18.37
C ASP G 68 -35.57 2.03 18.65
N GLU G 69 -36.52 1.09 18.60
CA GLU G 69 -36.25 -0.29 18.96
C GLU G 69 -35.32 -0.98 17.96
N ASP G 70 -35.40 -0.60 16.68
CA ASP G 70 -34.48 -1.13 15.67
C ASP G 70 -33.03 -0.76 16.00
N ALA G 71 -32.80 0.48 16.41
CA ALA G 71 -31.45 0.91 16.77
C ALA G 71 -30.94 0.14 17.98
N SER G 72 -31.80 -0.05 18.98
CA SER G 72 -31.39 -0.79 20.17
C SER G 72 -30.99 -2.22 19.81
N ARG G 73 -31.76 -2.86 18.94
CA ARG G 73 -31.41 -4.21 18.54
C ARG G 73 -30.04 -4.23 17.86
N LEU G 74 -29.77 -3.23 17.02
CA LEU G 74 -28.47 -3.14 16.36
C LEU G 74 -27.36 -2.92 17.37
N LEU G 75 -27.59 -2.05 18.36
CA LEU G 75 -26.63 -1.81 19.43
C LEU G 75 -26.36 -3.06 20.27
N GLN G 76 -27.26 -4.04 20.24
CA GLN G 76 -27.07 -5.28 20.99
C GLN G 76 -26.34 -6.35 20.18
N SER G 77 -26.09 -6.09 18.90
N SER G 77 -26.11 -6.11 18.90
CA SER G 77 -25.39 -7.02 18.03
CA SER G 77 -25.40 -7.09 18.08
C SER G 77 -23.88 -6.91 18.22
C SER G 77 -23.90 -6.93 18.21
N VAL G 78 -23.19 -8.03 18.08
CA VAL G 78 -21.72 -8.02 18.17
C VAL G 78 -21.17 -7.35 16.91
N PRO G 79 -20.36 -6.30 17.03
CA PRO G 79 -19.91 -5.59 15.85
C PRO G 79 -18.72 -6.25 15.18
N LEU G 80 -18.46 -5.85 13.94
CA LEU G 80 -17.18 -6.08 13.29
C LEU G 80 -16.28 -4.92 13.71
N ARG G 81 -15.31 -5.19 14.56
CA ARG G 81 -14.66 -4.08 15.26
C ARG G 81 -13.51 -3.49 14.44
N GLY G 82 -13.20 -2.23 14.75
CA GLY G 82 -12.04 -1.54 14.16
C GLY G 82 -12.36 -0.07 13.92
N SER G 83 -11.73 0.82 14.67
CA SER G 83 -12.12 2.22 14.58
C SER G 83 -11.32 3.01 13.54
N PHE G 84 -10.22 2.47 13.01
CA PHE G 84 -9.54 3.07 11.86
C PHE G 84 -9.12 1.99 10.88
N PRO G 85 -10.08 1.40 10.15
CA PRO G 85 -9.75 0.31 9.22
C PRO G 85 -9.17 0.80 7.89
N SER G 86 -9.12 2.11 7.66
CA SER G 86 -8.77 2.66 6.36
C SER G 86 -7.44 3.41 6.38
N GLY G 87 -6.57 3.10 7.32
CA GLY G 87 -5.24 3.66 7.33
C GLY G 87 -4.89 4.26 8.68
N VAL G 88 -3.59 4.53 8.84
CA VAL G 88 -3.11 5.21 10.05
C VAL G 88 -3.87 6.52 10.21
N PRO G 89 -4.29 6.90 11.41
CA PRO G 89 -5.09 8.12 11.56
C PRO G 89 -4.34 9.36 11.08
N THR G 90 -5.08 10.28 10.46
CA THR G 90 -4.56 11.62 10.21
C THR G 90 -4.92 12.60 11.32
N ASP G 91 -5.95 12.31 12.09
CA ASP G 91 -6.38 13.24 13.13
C ASP G 91 -5.32 13.33 14.23
N PRO G 92 -4.86 14.54 14.61
CA PRO G 92 -3.79 14.64 15.63
C PRO G 92 -4.13 13.95 16.93
N THR G 93 -5.36 14.06 17.42
CA THR G 93 -5.71 13.43 18.70
C THR G 93 -5.57 11.91 18.64
N MET G 94 -6.14 11.28 17.61
CA MET G 94 -5.98 9.83 17.50
C MET G 94 -4.55 9.46 17.17
N TYR G 95 -3.88 10.28 16.35
CA TYR G 95 -2.52 9.92 15.94
C TYR G 95 -1.56 9.81 17.11
N ARG G 96 -1.71 10.67 18.13
CA ARG G 96 -0.77 10.63 19.26
C ARG G 96 -0.77 9.26 19.94
N PHE G 97 -1.91 8.58 20.01
CA PHE G 97 -1.94 7.26 20.64
C PHE G 97 -1.19 6.26 19.78
N TYR G 98 -1.30 6.39 18.46
CA TYR G 98 -0.49 5.60 17.56
C TYR G 98 0.99 5.93 17.71
N GLU G 99 1.30 7.22 17.89
CA GLU G 99 2.70 7.61 18.06
C GLU G 99 3.27 7.05 19.36
N MET G 100 2.48 7.00 20.45
CA MET G 100 3.03 6.34 21.63
C MET G 100 3.40 4.89 21.33
N LEU G 101 2.59 4.20 20.53
CA LEU G 101 2.93 2.83 20.14
C LEU G 101 4.16 2.80 19.24
N GLN G 102 4.32 3.77 18.35
CA GLN G 102 5.56 3.82 17.56
C GLN G 102 6.78 4.00 18.45
N VAL G 103 6.69 4.86 19.47
CA VAL G 103 7.89 5.10 20.27
C VAL G 103 8.16 3.94 21.22
N TYR G 104 7.12 3.39 21.83
CA TYR G 104 7.27 2.44 22.92
C TYR G 104 6.88 1.01 22.57
N GLY G 105 6.51 0.74 21.32
CA GLY G 105 6.03 -0.61 20.99
C GLY G 105 7.05 -1.70 21.27
N SER G 106 8.31 -1.49 20.84
CA SER G 106 9.33 -2.50 21.06
C SER G 106 9.68 -2.61 22.54
N THR G 107 9.56 -1.49 23.29
CA THR G 107 9.79 -1.51 24.73
C THR G 107 8.71 -2.31 25.45
N LEU G 108 7.45 -2.12 25.07
CA LEU G 108 6.37 -2.87 25.70
C LEU G 108 6.57 -4.36 25.51
N LYS G 109 6.94 -4.79 24.31
CA LYS G 109 7.22 -6.21 24.08
C LYS G 109 8.36 -6.69 24.97
N ALA G 110 9.48 -5.94 24.99
CA ALA G 110 10.64 -6.34 25.78
C ALA G 110 10.29 -6.45 27.25
N LEU G 111 9.56 -5.45 27.78
CA LEU G 111 9.27 -5.48 29.21
C LEU G 111 8.17 -6.47 29.55
N VAL G 112 7.22 -6.72 28.64
CA VAL G 112 6.27 -7.80 28.90
C VAL G 112 7.00 -9.13 29.02
N HIS G 113 7.95 -9.42 28.12
CA HIS G 113 8.61 -10.72 28.16
C HIS G 113 9.51 -10.86 29.39
N GLU G 114 10.07 -9.75 29.87
CA GLU G 114 10.91 -9.79 31.06
C GLU G 114 10.07 -9.95 32.33
N GLN G 115 8.97 -9.20 32.44
CA GLN G 115 8.21 -9.19 33.67
C GLN G 115 7.18 -10.29 33.77
N PHE G 116 6.70 -10.80 32.64
CA PHE G 116 5.66 -11.83 32.63
C PHE G 116 6.14 -13.12 31.99
N GLY G 117 6.72 -13.05 30.79
CA GLY G 117 7.21 -14.19 30.05
C GLY G 117 6.77 -14.13 28.60
N ASP G 118 6.97 -15.24 27.90
CA ASP G 118 6.49 -15.34 26.53
C ASP G 118 4.96 -15.37 26.53
N GLY G 119 4.37 -14.65 25.60
CA GLY G 119 2.94 -14.57 25.56
C GLY G 119 2.52 -13.15 25.24
N ILE G 120 1.33 -12.77 25.68
CA ILE G 120 0.75 -11.48 25.34
C ILE G 120 0.08 -10.89 26.57
N ILE G 121 -0.11 -9.57 26.52
CA ILE G 121 -1.08 -8.88 27.38
C ILE G 121 -2.36 -8.77 26.57
N SER G 122 -3.45 -9.31 27.12
CA SER G 122 -4.68 -9.44 26.35
C SER G 122 -5.33 -8.10 26.05
N ALA G 123 -5.89 -8.00 24.84
CA ALA G 123 -6.76 -6.89 24.48
C ALA G 123 -8.24 -7.25 24.62
N ILE G 124 -8.54 -8.48 25.06
CA ILE G 124 -9.90 -8.98 25.20
C ILE G 124 -10.30 -9.13 26.66
N ASN G 125 -9.49 -9.84 27.44
CA ASN G 125 -9.61 -9.84 28.90
C ASN G 125 -8.88 -8.59 29.35
N PHE G 126 -9.60 -7.47 29.29
CA PHE G 126 -8.96 -6.17 29.18
C PHE G 126 -9.96 -5.08 29.56
N LYS G 127 -9.46 -4.07 30.29
CA LYS G 127 -10.22 -2.90 30.69
C LYS G 127 -9.40 -1.66 30.38
N LEU G 128 -10.08 -0.60 29.98
CA LEU G 128 -9.44 0.67 29.71
C LEU G 128 -10.15 1.80 30.42
N ASP G 129 -9.39 2.76 30.95
CA ASP G 129 -10.01 3.96 31.48
C ASP G 129 -9.07 5.14 31.25
N ILE G 130 -9.66 6.33 31.22
CA ILE G 130 -8.90 7.56 31.03
C ILE G 130 -9.33 8.53 32.13
N LYS G 131 -8.36 9.21 32.71
CA LYS G 131 -8.62 10.08 33.86
C LYS G 131 -7.81 11.35 33.72
N LYS G 132 -8.42 12.47 34.10
CA LYS G 132 -7.74 13.76 34.06
C LYS G 132 -7.10 14.06 35.41
N VAL G 133 -5.81 14.40 35.39
CA VAL G 133 -5.08 14.74 36.61
C VAL G 133 -4.35 16.06 36.41
N GLU G 134 -4.20 16.82 37.49
CA GLU G 134 -3.42 18.04 37.37
C GLU G 134 -1.94 17.71 37.22
N ASP G 135 -1.26 18.49 36.36
CA ASP G 135 0.19 18.35 36.23
C ASP G 135 0.85 19.21 37.29
N PRO G 136 1.77 18.66 38.09
CA PRO G 136 2.43 19.48 39.13
C PRO G 136 3.13 20.71 38.57
N ASP G 137 3.58 20.67 37.32
CA ASP G 137 4.29 21.79 36.71
C ASP G 137 3.37 22.75 35.95
N GLY G 138 2.05 22.57 36.03
CA GLY G 138 1.11 23.39 35.30
C GLY G 138 0.33 22.61 34.26
N GLY G 139 -0.93 22.95 34.07
CA GLY G 139 -1.76 22.27 33.11
C GLY G 139 -2.29 20.95 33.62
N SER G 140 -2.71 20.11 32.67
N SER G 140 -2.72 20.10 32.69
CA SER G 140 -3.41 18.87 32.95
CA SER G 140 -3.41 18.87 33.03
C SER G 140 -2.70 17.72 32.24
C SER G 140 -2.88 17.73 32.17
N ARG G 141 -2.94 16.52 32.74
CA ARG G 141 -2.49 15.31 32.08
C ARG G 141 -3.63 14.33 31.96
N ALA G 142 -3.57 13.51 30.92
CA ALA G 142 -4.48 12.38 30.79
C ALA G 142 -3.71 11.14 31.21
N VAL G 143 -4.32 10.37 32.10
CA VAL G 143 -3.74 9.10 32.52
C VAL G 143 -4.64 8.01 31.97
N ILE G 144 -4.13 7.26 30.99
CA ILE G 144 -4.88 6.18 30.37
C ILE G 144 -4.33 4.89 30.93
N THR G 145 -5.19 4.07 31.51
CA THR G 145 -4.78 2.82 32.14
C THR G 145 -5.22 1.66 31.26
N LEU G 146 -4.26 0.84 30.86
CA LEU G 146 -4.51 -0.40 30.12
C LEU G 146 -4.33 -1.56 31.09
N ASP G 147 -5.37 -2.36 31.26
CA ASP G 147 -5.41 -3.41 32.27
C ASP G 147 -5.77 -4.72 31.57
N GLY G 148 -4.76 -5.52 31.25
CA GLY G 148 -4.95 -6.72 30.47
C GLY G 148 -4.37 -7.96 31.12
N LYS G 149 -5.07 -9.08 30.96
CA LYS G 149 -4.60 -10.35 31.47
C LYS G 149 -3.35 -10.82 30.71
N TYR G 150 -2.39 -11.37 31.43
CA TYR G 150 -1.26 -12.02 30.76
C TYR G 150 -1.68 -13.42 30.33
N LEU G 151 -1.56 -13.71 29.04
CA LEU G 151 -1.79 -15.05 28.51
C LEU G 151 -0.45 -15.60 28.07
N PRO G 152 0.06 -16.64 28.72
CA PRO G 152 1.38 -17.16 28.35
C PRO G 152 1.37 -18.01 27.09
N THR G 153 2.48 -17.95 26.37
CA THR G 153 2.80 -18.91 25.31
C THR G 153 3.61 -20.03 25.94
N LYS G 154 3.05 -21.23 25.98
CA LYS G 154 3.73 -22.41 26.52
C LYS G 154 4.04 -23.38 25.39
N PRO G 155 5.14 -24.11 25.46
CA PRO G 155 5.40 -25.13 24.44
C PRO G 155 4.37 -26.24 24.58
N PHE G 156 4.01 -26.82 23.44
CA PHE G 156 3.14 -27.99 23.45
C PHE G 156 3.78 -29.06 22.55
N MET H 1 17.52 -15.53 33.14
CA MET H 1 16.60 -14.47 32.73
C MET H 1 16.20 -14.68 31.26
N LEU H 2 14.88 -14.73 31.00
CA LEU H 2 14.39 -14.90 29.64
C LEU H 2 14.77 -13.68 28.80
N GLN H 3 15.28 -13.93 27.59
CA GLN H 3 15.70 -12.90 26.65
C GLN H 3 14.70 -12.81 25.51
N SER H 4 14.66 -11.66 24.83
CA SER H 4 13.72 -11.50 23.73
C SER H 4 14.37 -10.72 22.60
N GLN H 5 13.84 -10.93 21.39
CA GLN H 5 14.31 -10.24 20.19
C GLN H 5 13.44 -9.02 19.92
N PHE H 6 14.04 -7.97 19.36
CA PHE H 6 13.24 -6.83 18.89
C PHE H 6 13.18 -6.72 17.38
N ALA H 7 13.96 -7.51 16.64
CA ALA H 7 13.94 -7.55 15.19
C ALA H 7 13.98 -9.00 14.75
N GLN H 8 13.44 -9.27 13.56
CA GLN H 8 13.44 -10.65 13.09
C GLN H 8 14.78 -11.11 12.53
N THR H 9 15.69 -10.20 12.20
CA THR H 9 16.86 -10.59 11.41
C THR H 9 17.67 -11.74 12.02
N PRO H 10 18.05 -11.72 13.32
CA PRO H 10 18.86 -12.83 13.85
C PRO H 10 18.16 -14.19 13.77
N ARG H 11 16.88 -14.28 14.13
CA ARG H 11 16.23 -15.58 14.09
C ARG H 11 15.95 -16.04 12.66
N LEU H 12 15.76 -15.10 11.73
CA LEU H 12 15.62 -15.52 10.33
C LEU H 12 16.94 -16.03 9.79
N ALA H 13 18.06 -15.41 10.19
CA ALA H 13 19.35 -15.92 9.79
C ALA H 13 19.62 -17.30 10.39
N LEU H 14 19.19 -17.52 11.64
CA LEU H 14 19.31 -18.85 12.21
C LEU H 14 18.46 -19.86 11.46
N ALA H 15 17.22 -19.48 11.11
CA ALA H 15 16.37 -20.37 10.32
C ALA H 15 17.03 -20.68 8.98
N ASP H 16 17.67 -19.69 8.35
CA ASP H 16 18.43 -19.98 7.13
C ASP H 16 19.47 -21.08 7.36
N THR H 17 20.21 -20.98 8.47
CA THR H 17 21.22 -22.00 8.75
C THR H 17 20.57 -23.36 8.99
N VAL H 18 19.44 -23.40 9.69
CA VAL H 18 18.75 -24.67 9.94
C VAL H 18 18.37 -25.33 8.62
N ILE H 19 17.74 -24.57 7.72
CA ILE H 19 17.33 -25.12 6.44
C ILE H 19 18.53 -25.72 5.70
N ASP H 20 19.65 -25.01 5.69
CA ASP H 20 20.83 -25.48 4.97
C ASP H 20 21.42 -26.74 5.62
N LEU H 21 21.63 -26.71 6.93
CA LEU H 21 22.22 -27.88 7.61
C LEU H 21 21.28 -29.08 7.54
N LYS H 22 19.97 -28.83 7.70
CA LYS H 22 18.99 -29.90 7.55
C LYS H 22 19.10 -30.55 6.18
N ALA H 23 19.27 -29.74 5.13
CA ALA H 23 19.41 -30.32 3.80
C ALA H 23 20.73 -31.06 3.66
N ARG H 24 21.82 -30.50 4.18
CA ARG H 24 23.12 -31.18 4.05
C ARG H 24 23.11 -32.54 4.74
N LYS H 25 22.45 -32.63 5.89
CA LYS H 25 22.37 -33.88 6.64
C LYS H 25 21.17 -34.73 6.27
N ASN H 26 20.37 -34.29 5.30
CA ASN H 26 19.20 -35.03 4.83
C ASN H 26 18.27 -35.40 5.99
N LEU H 27 18.02 -34.43 6.87
CA LEU H 27 17.14 -34.67 8.00
C LEU H 27 15.72 -34.23 7.67
N SER H 28 14.78 -34.74 8.45
CA SER H 28 13.38 -34.34 8.38
C SER H 28 13.02 -33.47 9.59
N TRP H 29 11.92 -32.72 9.46
CA TRP H 29 11.41 -31.98 10.60
C TRP H 29 11.00 -32.93 11.72
N GLN H 30 10.45 -34.09 11.36
CA GLN H 30 10.07 -35.06 12.37
C GLN H 30 11.28 -35.54 13.16
N ALA H 31 12.40 -35.80 12.47
CA ALA H 31 13.60 -36.25 13.15
C ALA H 31 14.14 -35.19 14.12
N LEU H 32 14.03 -33.90 13.76
CA LEU H 32 14.48 -32.85 14.66
C LEU H 32 13.57 -32.71 15.87
N THR H 33 12.27 -32.96 15.71
CA THR H 33 11.34 -32.87 16.83
C THR H 33 11.45 -34.06 17.77
N ASP H 34 11.63 -35.25 17.21
CA ASP H 34 11.66 -36.47 18.01
C ASP H 34 12.78 -36.40 19.05
N GLY H 35 12.43 -36.67 20.30
CA GLY H 35 13.35 -36.62 21.41
C GLY H 35 13.31 -35.34 22.21
N THR H 36 12.60 -34.31 21.74
CA THR H 36 12.42 -33.09 22.53
C THR H 36 11.28 -33.16 23.52
N GLY H 37 10.35 -34.10 23.34
CA GLY H 37 9.11 -34.13 24.10
C GLY H 37 8.08 -33.10 23.69
N LEU H 38 8.33 -32.37 22.60
CA LEU H 38 7.41 -31.33 22.12
C LEU H 38 6.81 -31.74 20.79
N SER H 39 5.75 -31.03 20.41
N SER H 39 5.76 -31.01 20.41
CA SER H 39 5.01 -31.35 19.20
CA SER H 39 4.98 -31.32 19.21
C SER H 39 5.78 -30.89 17.96
C SER H 39 5.68 -30.82 17.95
N LEU H 40 5.50 -31.58 16.86
CA LEU H 40 6.14 -31.25 15.58
C LEU H 40 5.86 -29.81 15.14
N ALA H 41 4.60 -29.37 15.26
CA ALA H 41 4.29 -28.01 14.80
C ALA H 41 4.98 -26.95 15.65
N PHE H 42 5.13 -27.20 16.96
CA PHE H 42 5.76 -26.20 17.81
C PHE H 42 7.25 -26.11 17.54
N VAL H 43 7.92 -27.26 17.47
CA VAL H 43 9.37 -27.25 17.27
C VAL H 43 9.71 -26.74 15.87
N THR H 44 8.95 -27.15 14.86
CA THR H 44 9.21 -26.66 13.52
C THR H 44 9.05 -25.14 13.46
N ALA H 45 7.97 -24.64 14.07
CA ALA H 45 7.75 -23.19 14.13
C ALA H 45 8.89 -22.47 14.84
N ALA H 46 9.38 -23.05 15.94
CA ALA H 46 10.50 -22.46 16.66
C ALA H 46 11.73 -22.35 15.77
N LEU H 47 12.07 -23.44 15.07
CA LEU H 47 13.24 -23.44 14.21
C LEU H 47 13.11 -22.44 13.07
N LEU H 48 11.89 -22.21 12.58
CA LEU H 48 11.63 -21.24 11.52
C LEU H 48 11.47 -19.81 12.06
N GLY H 49 11.78 -19.58 13.33
CA GLY H 49 11.82 -18.25 13.91
C GLY H 49 10.57 -17.79 14.64
N GLN H 50 9.64 -18.69 14.97
CA GLN H 50 8.33 -18.25 15.43
C GLN H 50 8.03 -18.62 16.88
N HIS H 51 8.95 -19.26 17.58
CA HIS H 51 8.77 -19.59 18.99
C HIS H 51 10.13 -19.71 19.63
N PRO H 52 10.24 -19.49 20.95
CA PRO H 52 11.45 -19.90 21.65
C PRO H 52 11.34 -21.36 22.04
N LEU H 53 12.49 -22.02 22.14
CA LEU H 53 12.51 -23.36 22.68
C LEU H 53 13.05 -23.33 24.11
N PRO H 54 12.58 -24.21 24.99
CA PRO H 54 13.24 -24.38 26.29
C PRO H 54 14.68 -24.86 26.10
N LYS H 55 15.51 -24.62 27.11
CA LYS H 55 16.93 -24.94 27.00
C LYS H 55 17.19 -26.40 26.61
N GLU H 56 16.50 -27.35 27.25
CA GLU H 56 16.79 -28.74 26.96
C GLU H 56 16.51 -29.07 25.50
N ALA H 57 15.37 -28.61 24.98
CA ALA H 57 15.01 -28.90 23.59
C ALA H 57 15.93 -28.15 22.63
N ALA H 58 16.26 -26.89 22.95
CA ALA H 58 17.16 -26.14 22.08
C ALA H 58 18.50 -26.85 21.94
N ASP H 59 19.05 -27.34 23.05
CA ASP H 59 20.34 -28.02 22.93
C ASP H 59 20.22 -29.31 22.13
N ILE H 60 19.11 -30.04 22.30
CA ILE H 60 18.93 -31.29 21.57
C ILE H 60 18.88 -31.04 20.06
N VAL H 61 18.04 -30.10 19.61
N VAL H 61 18.04 -30.11 19.63
CA VAL H 61 17.97 -29.88 18.17
CA VAL H 61 17.94 -29.82 18.20
C VAL H 61 19.27 -29.27 17.66
C VAL H 61 19.27 -29.29 17.67
N CYS H 62 19.94 -28.44 18.46
CA CYS H 62 21.21 -27.88 18.01
C CYS H 62 22.25 -28.99 17.86
N GLY H 63 22.22 -29.98 18.75
CA GLY H 63 23.12 -31.11 18.61
C GLY H 63 22.89 -31.90 17.33
N LYS H 64 21.63 -32.07 16.93
CA LYS H 64 21.33 -32.81 15.71
C LYS H 64 21.78 -32.08 14.46
N LEU H 65 21.76 -30.74 14.47
CA LEU H 65 22.09 -29.95 13.31
C LEU H 65 23.56 -29.55 13.26
N GLY H 66 24.29 -29.71 14.36
CA GLY H 66 25.66 -29.26 14.42
C GLY H 66 25.78 -27.78 14.70
N LEU H 67 24.79 -27.20 15.36
CA LEU H 67 24.82 -25.78 15.71
C LEU H 67 25.42 -25.59 17.09
N ASP H 68 26.06 -24.43 17.29
CA ASP H 68 26.83 -24.22 18.52
C ASP H 68 25.97 -23.59 19.61
N GLU H 69 26.60 -23.29 20.74
CA GLU H 69 25.84 -22.79 21.89
C GLU H 69 25.33 -21.36 21.68
N ASP H 70 26.00 -20.58 20.83
CA ASP H 70 25.45 -19.28 20.44
C ASP H 70 24.11 -19.44 19.74
N ALA H 71 24.01 -20.41 18.83
CA ALA H 71 22.76 -20.66 18.14
C ALA H 71 21.68 -21.12 19.13
N SER H 72 22.05 -21.98 20.08
CA SER H 72 21.06 -22.47 21.04
C SER H 72 20.53 -21.33 21.90
N ARG H 73 21.43 -20.43 22.33
CA ARG H 73 20.98 -19.28 23.12
C ARG H 73 19.98 -18.44 22.33
N LEU H 74 20.25 -18.23 21.05
CA LEU H 74 19.33 -17.47 20.20
C LEU H 74 17.98 -18.18 20.04
N LEU H 75 18.00 -19.50 19.88
CA LEU H 75 16.78 -20.29 19.78
C LEU H 75 15.94 -20.26 21.06
N GLN H 76 16.58 -19.98 22.20
CA GLN H 76 15.87 -19.84 23.46
C GLN H 76 15.28 -18.45 23.68
N SER H 77 15.63 -17.47 22.84
N SER H 77 15.63 -17.49 22.84
CA SER H 77 15.11 -16.11 22.98
CA SER H 77 15.09 -16.14 22.97
C SER H 77 13.72 -15.99 22.37
C SER H 77 13.67 -16.06 22.41
N VAL H 78 12.87 -15.18 23.02
CA VAL H 78 11.50 -14.95 22.52
C VAL H 78 11.60 -14.16 21.23
N PRO H 79 11.06 -14.66 20.12
CA PRO H 79 11.22 -13.97 18.84
C PRO H 79 10.21 -12.86 18.61
N LEU H 80 10.51 -12.04 17.62
CA LEU H 80 9.53 -11.15 17.01
C LEU H 80 8.84 -11.95 15.91
N ARG H 81 7.59 -12.32 16.14
CA ARG H 81 6.91 -13.34 15.34
C ARG H 81 6.28 -12.76 14.09
N GLY H 82 6.10 -13.62 13.09
CA GLY H 82 5.38 -13.30 11.87
C GLY H 82 6.07 -13.96 10.68
N SER H 83 5.43 -14.94 10.04
CA SER H 83 6.13 -15.64 8.98
C SER H 83 5.91 -15.02 7.60
N PHE H 84 4.99 -14.08 7.43
CA PHE H 84 4.92 -13.32 6.17
C PHE H 84 4.69 -11.85 6.47
N PRO H 85 5.74 -11.14 6.94
CA PRO H 85 5.60 -9.72 7.28
C PRO H 85 5.61 -8.78 6.07
N SER H 86 5.92 -9.27 4.88
CA SER H 86 6.15 -8.42 3.72
C SER H 86 5.05 -8.56 2.66
N GLY H 87 3.87 -9.01 3.03
CA GLY H 87 2.73 -9.05 2.13
C GLY H 87 2.07 -10.41 2.11
N VAL H 88 0.88 -10.46 1.50
CA VAL H 88 0.18 -11.74 1.34
C VAL H 88 1.11 -12.72 0.63
N PRO H 89 1.17 -13.99 1.02
CA PRO H 89 2.11 -14.92 0.37
C PRO H 89 1.83 -15.06 -1.13
N THR H 90 2.90 -15.16 -1.92
CA THR H 90 2.76 -15.59 -3.29
C THR H 90 2.90 -17.09 -3.44
N ASP H 91 3.53 -17.77 -2.48
CA ASP H 91 3.75 -19.20 -2.60
C ASP H 91 2.41 -19.96 -2.59
N PRO H 92 2.15 -20.81 -3.58
CA PRO H 92 0.83 -21.47 -3.63
C PRO H 92 0.48 -22.23 -2.36
N THR H 93 1.44 -22.96 -1.79
CA THR H 93 1.16 -23.77 -0.60
C THR H 93 0.71 -22.90 0.58
N MET H 94 1.43 -21.80 0.82
CA MET H 94 1.06 -20.90 1.91
C MET H 94 -0.24 -20.18 1.56
N TYR H 95 -0.38 -19.81 0.28
CA TYR H 95 -1.52 -19.00 -0.11
C TYR H 95 -2.86 -19.72 0.11
N ARG H 96 -2.91 -21.04 -0.09
CA ARG H 96 -4.19 -21.74 0.08
C ARG H 96 -4.74 -21.55 1.48
N PHE H 97 -3.87 -21.51 2.49
CA PHE H 97 -4.38 -21.29 3.84
C PHE H 97 -4.95 -19.89 4.00
N TYR H 98 -4.31 -18.91 3.36
CA TYR H 98 -4.88 -17.57 3.32
C TYR H 98 -6.22 -17.55 2.59
N GLU H 99 -6.33 -18.31 1.49
CA GLU H 99 -7.59 -18.36 0.74
C GLU H 99 -8.68 -18.98 1.60
N MET H 100 -8.32 -19.98 2.39
CA MET H 100 -9.29 -20.58 3.31
C MET H 100 -9.88 -19.53 4.22
N LEU H 101 -9.04 -18.63 4.73
CA LEU H 101 -9.55 -17.57 5.58
C LEU H 101 -10.35 -16.55 4.77
N GLN H 102 -9.94 -16.26 3.53
CA GLN H 102 -10.76 -15.35 2.71
C GLN H 102 -12.17 -15.90 2.52
N VAL H 103 -12.30 -17.21 2.27
CA VAL H 103 -13.63 -17.75 2.00
C VAL H 103 -14.44 -17.89 3.28
N TYR H 104 -13.81 -18.31 4.36
CA TYR H 104 -14.53 -18.69 5.57
C TYR H 104 -14.34 -17.73 6.75
N GLY H 105 -13.62 -16.62 6.55
CA GLY H 105 -13.33 -15.74 7.67
C GLY H 105 -14.59 -15.17 8.33
N SER H 106 -15.52 -14.68 7.52
CA SER H 106 -16.75 -14.13 8.10
C SER H 106 -17.61 -15.22 8.71
N THR H 107 -17.55 -16.43 8.16
CA THR H 107 -18.27 -17.58 8.74
C THR H 107 -17.71 -17.95 10.11
N LEU H 108 -16.39 -17.99 10.23
CA LEU H 108 -15.78 -18.28 11.52
C LEU H 108 -16.20 -17.24 12.56
N LYS H 109 -16.19 -15.95 12.20
CA LYS H 109 -16.64 -14.95 13.16
C LYS H 109 -18.10 -15.21 13.55
N ALA H 110 -18.96 -15.43 12.55
CA ALA H 110 -20.38 -15.62 12.81
C ALA H 110 -20.62 -16.81 13.73
N LEU H 111 -19.95 -17.94 13.47
CA LEU H 111 -20.22 -19.13 14.26
C LEU H 111 -19.56 -19.09 15.63
N VAL H 112 -18.44 -18.39 15.78
CA VAL H 112 -17.87 -18.20 17.11
C VAL H 112 -18.84 -17.44 18.01
N HIS H 113 -19.43 -16.36 17.49
CA HIS H 113 -20.33 -15.58 18.34
C HIS H 113 -21.60 -16.36 18.64
N GLU H 114 -22.02 -17.23 17.72
CA GLU H 114 -23.22 -18.03 17.97
C GLU H 114 -22.97 -19.14 18.97
N GLN H 115 -21.87 -19.89 18.82
CA GLN H 115 -21.64 -21.07 19.65
C GLN H 115 -20.92 -20.75 20.96
N PHE H 116 -20.21 -19.62 21.02
CA PHE H 116 -19.45 -19.24 22.21
C PHE H 116 -19.94 -17.92 22.80
N GLY H 117 -20.07 -16.87 21.98
CA GLY H 117 -20.48 -15.57 22.45
C GLY H 117 -19.54 -14.51 21.93
N ASP H 118 -19.66 -13.30 22.46
CA ASP H 118 -18.72 -12.25 22.09
C ASP H 118 -17.32 -12.56 22.62
N GLY H 119 -16.31 -12.33 21.80
CA GLY H 119 -14.98 -12.63 22.25
C GLY H 119 -14.18 -13.19 21.11
N ILE H 120 -13.17 -14.01 21.42
CA ILE H 120 -12.27 -14.52 20.40
C ILE H 120 -11.99 -15.98 20.69
N ILE H 121 -11.54 -16.68 19.65
CA ILE H 121 -10.84 -17.95 19.81
C ILE H 121 -9.35 -17.62 19.79
N SER H 122 -8.64 -17.99 20.86
CA SER H 122 -7.27 -17.54 21.06
C SER H 122 -6.29 -18.12 20.05
N ALA H 123 -5.32 -17.31 19.64
CA ALA H 123 -4.15 -17.76 18.92
C ALA H 123 -2.95 -17.97 19.84
N ILE H 124 -3.12 -17.74 21.14
CA ILE H 124 -2.04 -17.88 22.10
C ILE H 124 -2.25 -19.10 22.98
N ASN H 125 -3.41 -19.22 23.61
CA ASN H 125 -3.80 -20.44 24.29
C ASN H 125 -4.35 -21.35 23.20
N PHE H 126 -3.42 -22.03 22.52
CA PHE H 126 -3.69 -22.51 21.17
C PHE H 126 -2.73 -23.62 20.80
N LYS H 127 -3.26 -24.66 20.15
CA LYS H 127 -2.43 -25.72 19.58
C LYS H 127 -2.89 -26.03 18.16
N LEU H 128 -1.92 -26.38 17.32
CA LEU H 128 -2.14 -26.72 15.93
C LEU H 128 -1.48 -28.06 15.64
N ASP H 129 -2.15 -28.88 14.82
CA ASP H 129 -1.50 -30.10 14.38
C ASP H 129 -1.98 -30.42 12.97
N ILE H 130 -1.16 -31.16 12.24
CA ILE H 130 -1.49 -31.57 10.87
C ILE H 130 -1.40 -33.08 10.79
N LYS H 131 -2.36 -33.67 10.08
CA LYS H 131 -2.54 -35.11 10.02
C LYS H 131 -2.80 -35.50 8.59
N LYS H 132 -2.10 -36.53 8.11
CA LYS H 132 -2.29 -37.02 6.76
C LYS H 132 -3.27 -38.18 6.81
N VAL H 133 -4.32 -38.12 5.99
CA VAL H 133 -5.31 -39.18 5.93
C VAL H 133 -5.53 -39.58 4.47
N GLU H 134 -5.86 -40.85 4.26
CA GLU H 134 -6.12 -41.28 2.89
C GLU H 134 -7.52 -40.90 2.45
N ASP H 135 -7.63 -40.48 1.16
CA ASP H 135 -8.89 -40.10 0.56
C ASP H 135 -9.54 -41.31 -0.09
N PRO H 136 -10.82 -41.57 0.18
CA PRO H 136 -11.50 -42.69 -0.46
C PRO H 136 -11.43 -42.64 -1.97
N ASP H 137 -11.47 -41.43 -2.53
CA ASP H 137 -11.44 -41.22 -3.98
C ASP H 137 -10.00 -41.22 -4.48
N GLY H 138 -9.12 -41.99 -3.83
CA GLY H 138 -7.72 -42.02 -4.19
C GLY H 138 -6.97 -40.78 -3.74
N GLY H 139 -5.72 -40.95 -3.33
CA GLY H 139 -4.91 -39.83 -2.88
C GLY H 139 -4.94 -39.66 -1.38
N SER H 140 -4.57 -38.46 -0.95
CA SER H 140 -4.51 -38.16 0.47
C SER H 140 -5.07 -36.77 0.73
N ARG H 141 -5.37 -36.52 2.00
CA ARG H 141 -5.89 -35.25 2.49
C ARG H 141 -5.10 -34.83 3.71
N ALA H 142 -5.00 -33.53 3.94
CA ALA H 142 -4.47 -33.02 5.19
C ALA H 142 -5.61 -32.58 6.07
N VAL H 143 -5.58 -33.01 7.31
CA VAL H 143 -6.53 -32.56 8.32
C VAL H 143 -5.73 -31.70 9.30
N ILE H 144 -5.97 -30.40 9.26
CA ILE H 144 -5.26 -29.44 10.11
C ILE H 144 -6.23 -29.02 11.20
N THR H 145 -5.84 -29.18 12.45
CA THR H 145 -6.70 -28.87 13.59
C THR H 145 -6.19 -27.62 14.28
N LEU H 146 -7.06 -26.62 14.39
CA LEU H 146 -6.78 -25.41 15.16
C LEU H 146 -7.57 -25.51 16.45
N ASP H 147 -6.88 -25.46 17.59
CA ASP H 147 -7.51 -25.72 18.88
C ASP H 147 -7.22 -24.54 19.83
N GLY H 148 -8.17 -23.65 19.98
CA GLY H 148 -7.96 -22.42 20.74
C GLY H 148 -8.99 -22.17 21.81
N LYS H 149 -8.54 -21.60 22.92
CA LYS H 149 -9.41 -21.25 24.02
C LYS H 149 -10.33 -20.10 23.64
N TYR H 150 -11.59 -20.19 24.07
CA TYR H 150 -12.52 -19.07 23.93
C TYR H 150 -12.28 -18.08 25.05
N LEU H 151 -12.00 -16.82 24.69
CA LEU H 151 -11.88 -15.73 25.67
C LEU H 151 -13.04 -14.78 25.45
N PRO H 152 -13.96 -14.67 26.40
CA PRO H 152 -15.14 -13.82 26.20
C PRO H 152 -14.83 -12.34 26.38
N THR H 153 -15.53 -11.54 25.59
CA THR H 153 -15.64 -10.10 25.77
C THR H 153 -16.83 -9.80 26.67
N LYS H 154 -16.56 -9.30 27.89
CA LYS H 154 -17.62 -8.95 28.84
C LYS H 154 -17.70 -7.44 29.01
N PRO H 155 -18.90 -6.89 29.18
CA PRO H 155 -19.01 -5.48 29.52
C PRO H 155 -18.27 -5.19 30.83
N PHE H 156 -17.72 -3.99 30.92
CA PHE H 156 -17.13 -3.56 32.19
C PHE H 156 -17.60 -2.14 32.50
N MET I 1 15.05 -37.57 1.86
CA MET I 1 13.93 -36.82 2.40
C MET I 1 13.81 -35.53 1.55
N LEU I 2 12.62 -35.25 1.01
CA LEU I 2 12.44 -34.01 0.24
C LEU I 2 12.66 -32.81 1.15
N GLN I 3 13.41 -31.83 0.67
CA GLN I 3 13.70 -30.61 1.44
C GLN I 3 12.90 -29.46 0.84
N SER I 4 12.69 -28.43 1.65
CA SER I 4 11.94 -27.27 1.20
C SER I 4 12.55 -25.99 1.75
N GLN I 5 12.30 -24.90 1.05
CA GLN I 5 12.76 -23.57 1.44
C GLN I 5 11.66 -22.83 2.19
N PHE I 6 12.08 -21.97 3.13
CA PHE I 6 11.13 -21.09 3.77
C PHE I 6 11.29 -19.64 3.34
N ALA I 7 12.35 -19.32 2.61
CA ALA I 7 12.58 -17.98 2.12
C ALA I 7 13.07 -18.06 0.69
N GLN I 8 12.83 -17.01 -0.11
CA GLN I 8 13.26 -17.04 -1.51
C GLN I 8 14.75 -16.76 -1.70
N THR I 9 15.43 -16.18 -0.72
CA THR I 9 16.77 -15.67 -0.95
C THR I 9 17.75 -16.69 -1.53
N PRO I 10 17.88 -17.91 -0.98
CA PRO I 10 18.85 -18.86 -1.55
C PRO I 10 18.57 -19.22 -3.00
N ARG I 11 17.30 -19.49 -3.35
CA ARG I 11 17.03 -19.87 -4.73
C ARG I 11 17.12 -18.69 -5.68
N LEU I 12 16.83 -17.46 -5.20
CA LEU I 12 17.04 -16.29 -6.04
C LEU I 12 18.53 -16.06 -6.28
N ALA I 13 19.36 -16.32 -5.26
CA ALA I 13 20.80 -16.24 -5.47
C ALA I 13 21.27 -17.30 -6.44
N LEU I 14 20.70 -18.50 -6.36
CA LEU I 14 21.07 -19.53 -7.34
C LEU I 14 20.66 -19.13 -8.75
N ALA I 15 19.46 -18.58 -8.90
CA ALA I 15 19.03 -18.09 -10.20
C ALA I 15 19.97 -17.01 -10.73
N ASP I 16 20.42 -16.11 -9.85
CA ASP I 16 21.42 -15.12 -10.24
C ASP I 16 22.64 -15.80 -10.85
N THR I 17 23.11 -16.86 -10.18
CA THR I 17 24.28 -17.59 -10.67
C THR I 17 23.99 -18.26 -12.00
N VAL I 18 22.79 -18.84 -12.15
CA VAL I 18 22.42 -19.43 -13.43
C VAL I 18 22.48 -18.39 -14.54
N ILE I 19 21.89 -17.21 -14.33
CA ILE I 19 21.87 -16.18 -15.37
C ILE I 19 23.30 -15.80 -15.77
N ASP I 20 24.17 -15.63 -14.80
CA ASP I 20 25.55 -15.21 -15.08
C ASP I 20 26.31 -16.28 -15.86
N LEU I 21 26.23 -17.53 -15.41
CA LEU I 21 26.98 -18.61 -16.05
C LEU I 21 26.44 -18.88 -17.44
N LYS I 22 25.11 -18.80 -17.59
CA LYS I 22 24.50 -18.99 -18.90
C LYS I 22 25.02 -17.97 -19.89
N ALA I 23 25.15 -16.72 -19.45
CA ALA I 23 25.65 -15.67 -20.33
C ALA I 23 27.12 -15.90 -20.66
N ARG I 24 27.90 -16.28 -19.65
CA ARG I 24 29.33 -16.52 -19.86
C ARG I 24 29.56 -17.65 -20.85
N LYS I 25 28.73 -18.68 -20.80
CA LYS I 25 28.86 -19.81 -21.71
C LYS I 25 28.04 -19.65 -22.99
N ASN I 26 27.33 -18.52 -23.15
CA ASN I 26 26.51 -18.28 -24.34
C ASN I 26 25.53 -19.41 -24.58
N LEU I 27 24.87 -19.85 -23.51
CA LEU I 27 23.91 -20.95 -23.58
C LEU I 27 22.49 -20.43 -23.73
N SER I 28 21.61 -21.30 -24.23
CA SER I 28 20.20 -21.02 -24.32
C SER I 28 19.43 -21.81 -23.27
N TRP I 29 18.21 -21.34 -22.97
CA TRP I 29 17.35 -22.10 -22.07
C TRP I 29 17.01 -23.45 -22.67
N GLN I 30 16.87 -23.52 -24.00
CA GLN I 30 16.60 -24.80 -24.64
C GLN I 30 17.75 -25.78 -24.42
N ALA I 31 18.99 -25.28 -24.50
CA ALA I 31 20.15 -26.15 -24.26
C ALA I 31 20.16 -26.69 -22.84
N LEU I 32 19.76 -25.88 -21.85
CA LEU I 32 19.71 -26.38 -20.48
C LEU I 32 18.62 -27.43 -20.28
N THR I 33 17.53 -27.31 -21.03
CA THR I 33 16.45 -28.30 -20.95
C THR I 33 16.81 -29.60 -21.68
N ASP I 34 17.55 -29.52 -22.79
CA ASP I 34 17.91 -30.70 -23.57
C ASP I 34 18.57 -31.75 -22.70
N GLY I 35 18.06 -32.98 -22.78
CA GLY I 35 18.61 -34.10 -22.04
C GLY I 35 18.01 -34.32 -20.68
N THR I 36 17.16 -33.41 -20.19
CA THR I 36 16.53 -33.62 -18.90
C THR I 36 15.28 -34.49 -18.99
N GLY I 37 14.69 -34.61 -20.18
CA GLY I 37 13.41 -35.25 -20.35
C GLY I 37 12.20 -34.43 -19.93
N LEU I 38 12.39 -33.18 -19.51
CA LEU I 38 11.32 -32.32 -19.04
C LEU I 38 11.07 -31.18 -20.02
N SER I 39 9.96 -30.48 -19.81
CA SER I 39 9.57 -29.42 -20.74
C SER I 39 10.36 -28.14 -20.49
N LEU I 40 10.59 -27.39 -21.57
CA LEU I 40 11.33 -26.13 -21.49
C LEU I 40 10.76 -25.21 -20.41
N ALA I 41 9.44 -25.05 -20.37
CA ALA I 41 8.86 -24.10 -19.41
C ALA I 41 9.08 -24.58 -17.97
N PHE I 42 9.06 -25.88 -17.75
CA PHE I 42 9.21 -26.38 -16.38
C PHE I 42 10.65 -26.22 -15.90
N VAL I 43 11.63 -26.62 -16.73
CA VAL I 43 13.03 -26.51 -16.35
C VAL I 43 13.44 -25.04 -16.19
N THR I 44 12.97 -24.19 -17.10
CA THR I 44 13.32 -22.78 -17.01
C THR I 44 12.77 -22.18 -15.73
N ALA I 45 11.51 -22.48 -15.41
CA ALA I 45 10.94 -22.00 -14.16
C ALA I 45 11.71 -22.52 -12.96
N ALA I 46 12.12 -23.80 -12.99
CA ALA I 46 12.89 -24.32 -11.88
C ALA I 46 14.18 -23.54 -11.68
N LEU I 47 14.92 -23.29 -12.76
CA LEU I 47 16.18 -22.58 -12.65
C LEU I 47 15.99 -21.15 -12.15
N LEU I 48 14.88 -20.51 -12.50
CA LEU I 48 14.54 -19.17 -12.01
C LEU I 48 13.88 -19.20 -10.63
N GLY I 49 13.90 -20.34 -9.95
CA GLY I 49 13.53 -20.43 -8.55
C GLY I 49 12.11 -20.84 -8.26
N GLN I 50 11.37 -21.36 -9.23
CA GLN I 50 9.93 -21.55 -9.09
C GLN I 50 9.48 -23.01 -9.06
N HIS I 51 10.41 -23.97 -9.14
CA HIS I 51 10.10 -25.39 -9.06
C HIS I 51 11.33 -26.12 -8.55
N PRO I 52 11.16 -27.29 -7.93
CA PRO I 52 12.30 -28.18 -7.73
C PRO I 52 12.50 -29.03 -8.95
N LEU I 53 13.75 -29.39 -9.18
CA LEU I 53 14.04 -30.39 -10.21
C LEU I 53 14.33 -31.73 -9.54
N PRO I 54 13.97 -32.85 -10.16
CA PRO I 54 14.43 -34.16 -9.66
C PRO I 54 15.94 -34.26 -9.75
N LYS I 55 16.51 -35.19 -8.96
CA LYS I 55 17.96 -35.29 -8.86
C LYS I 55 18.64 -35.43 -10.22
N GLU I 56 18.15 -36.34 -11.06
CA GLU I 56 18.78 -36.58 -12.36
C GLU I 56 18.84 -35.31 -13.20
N ALA I 57 17.71 -34.61 -13.31
CA ALA I 57 17.67 -33.37 -14.10
C ALA I 57 18.52 -32.29 -13.46
N ALA I 58 18.47 -32.16 -12.12
CA ALA I 58 19.28 -31.16 -11.43
C ALA I 58 20.76 -31.38 -11.70
N ASP I 59 21.20 -32.63 -11.65
CA ASP I 59 22.61 -32.91 -11.92
C ASP I 59 22.98 -32.58 -13.36
N ILE I 60 22.08 -32.87 -14.33
CA ILE I 60 22.40 -32.59 -15.73
C ILE I 60 22.57 -31.10 -15.98
N VAL I 61 21.62 -30.28 -15.50
CA VAL I 61 21.72 -28.84 -15.77
C VAL I 61 22.89 -28.24 -15.01
N CYS I 62 23.18 -28.74 -13.81
CA CYS I 62 24.31 -28.21 -13.06
C CYS I 62 25.62 -28.53 -13.77
N GLY I 63 25.70 -29.70 -14.39
CA GLY I 63 26.87 -30.06 -15.18
C GLY I 63 27.09 -29.12 -16.35
N LYS I 64 26.01 -28.71 -17.01
CA LYS I 64 26.15 -27.80 -18.16
C LYS I 64 26.57 -26.40 -17.75
N LEU I 65 26.18 -25.96 -16.57
CA LEU I 65 26.48 -24.61 -16.14
C LEU I 65 27.76 -24.52 -15.32
N GLY I 66 28.32 -25.65 -14.91
CA GLY I 66 29.45 -25.65 -14.01
C GLY I 66 29.11 -25.46 -12.56
N LEU I 67 27.92 -25.87 -12.13
CA LEU I 67 27.49 -25.74 -10.75
C LEU I 67 27.82 -27.01 -9.97
N ASP I 68 28.10 -26.85 -8.67
CA ASP I 68 28.57 -27.96 -7.86
C ASP I 68 27.39 -28.67 -7.16
N GLU I 69 27.72 -29.65 -6.32
CA GLU I 69 26.70 -30.45 -5.65
C GLU I 69 25.84 -29.61 -4.72
N ASP I 70 26.40 -28.58 -4.09
CA ASP I 70 25.59 -27.70 -3.23
C ASP I 70 24.50 -27.00 -4.03
N ALA I 71 24.83 -26.52 -5.24
CA ALA I 71 23.82 -25.90 -6.08
C ALA I 71 22.78 -26.91 -6.50
N SER I 72 23.19 -28.13 -6.84
CA SER I 72 22.24 -29.14 -7.26
C SER I 72 21.29 -29.54 -6.13
N ARG I 73 21.81 -29.67 -4.90
CA ARG I 73 20.93 -29.96 -3.77
C ARG I 73 19.88 -28.87 -3.57
N LEU I 74 20.30 -27.60 -3.72
CA LEU I 74 19.35 -26.51 -3.57
C LEU I 74 18.31 -26.53 -4.68
N LEU I 75 18.72 -26.84 -5.92
CA LEU I 75 17.79 -26.95 -7.05
C LEU I 75 16.75 -28.06 -6.84
N GLN I 76 17.07 -29.06 -6.03
CA GLN I 76 16.15 -30.14 -5.72
C GLN I 76 15.20 -29.83 -4.57
N SER I 77 15.41 -28.71 -3.88
N SER I 77 15.41 -28.72 -3.88
CA SER I 77 14.56 -28.33 -2.76
CA SER I 77 14.55 -28.36 -2.76
C SER I 77 13.31 -27.62 -3.24
C SER I 77 13.30 -27.64 -3.25
N VAL I 78 12.21 -27.81 -2.52
CA VAL I 78 10.95 -27.18 -2.91
C VAL I 78 11.02 -25.69 -2.60
N PRO I 79 10.83 -24.82 -3.58
CA PRO I 79 10.98 -23.39 -3.34
C PRO I 79 9.77 -22.75 -2.69
N LEU I 80 10.02 -21.55 -2.17
CA LEU I 80 8.97 -20.60 -1.83
C LEU I 80 8.68 -19.80 -3.10
N ARG I 81 7.54 -20.09 -3.73
CA ARG I 81 7.35 -19.64 -5.11
C ARG I 81 6.83 -18.22 -5.18
N GLY I 82 7.08 -17.59 -6.33
CA GLY I 82 6.54 -16.28 -6.62
C GLY I 82 7.56 -15.44 -7.37
N SER I 83 7.30 -15.13 -8.65
CA SER I 83 8.32 -14.45 -9.44
C SER I 83 8.21 -12.92 -9.37
N PHE I 84 7.11 -12.35 -8.87
CA PHE I 84 7.07 -10.91 -8.58
C PHE I 84 6.40 -10.65 -7.23
N PRO I 85 7.13 -10.92 -6.13
CA PRO I 85 6.57 -10.72 -4.79
C PRO I 85 6.54 -9.29 -4.31
N SER I 86 7.15 -8.35 -5.04
CA SER I 86 7.33 -6.99 -4.56
C SER I 86 6.53 -5.97 -5.36
N GLY I 87 5.45 -6.40 -6.00
CA GLY I 87 4.57 -5.48 -6.70
C GLY I 87 4.31 -5.93 -8.13
N VAL I 88 3.32 -5.28 -8.73
CA VAL I 88 2.99 -5.50 -10.13
C VAL I 88 4.22 -5.25 -10.98
N PRO I 89 4.53 -6.06 -11.99
CA PRO I 89 5.78 -5.86 -12.74
C PRO I 89 5.80 -4.49 -13.41
N THR I 90 7.01 -3.87 -13.43
CA THR I 90 7.27 -2.72 -14.27
C THR I 90 7.81 -3.11 -15.62
N ASP I 91 8.38 -4.29 -15.74
CA ASP I 91 8.98 -4.71 -17.00
C ASP I 91 7.91 -4.89 -18.06
N PRO I 92 8.04 -4.25 -19.23
CA PRO I 92 7.00 -4.36 -20.26
C PRO I 92 6.65 -5.78 -20.65
N THR I 93 7.65 -6.66 -20.80
CA THR I 93 7.38 -8.02 -21.25
C THR I 93 6.51 -8.77 -20.24
N MET I 94 6.85 -8.68 -18.96
CA MET I 94 6.05 -9.34 -17.93
C MET I 94 4.69 -8.65 -17.79
N TYR I 95 4.69 -7.32 -17.90
CA TYR I 95 3.45 -6.58 -17.65
C TYR I 95 2.35 -6.96 -18.64
N ARG I 96 2.70 -7.22 -19.89
CA ARG I 96 1.66 -7.52 -20.87
C ARG I 96 0.82 -8.71 -20.45
N PHE I 97 1.43 -9.70 -19.80
CA PHE I 97 0.66 -10.84 -19.33
C PHE I 97 -0.27 -10.44 -18.19
N TYR I 98 0.20 -9.56 -17.31
CA TYR I 98 -0.67 -9.00 -16.29
C TYR I 98 -1.82 -8.21 -16.90
N GLU I 99 -1.54 -7.42 -17.95
CA GLU I 99 -2.61 -6.69 -18.63
C GLU I 99 -3.64 -7.61 -19.25
N MET I 100 -3.17 -8.73 -19.80
CA MET I 100 -4.06 -9.74 -20.37
C MET I 100 -5.06 -10.19 -19.32
N LEU I 101 -4.58 -10.41 -18.09
CA LEU I 101 -5.44 -10.76 -16.99
C LEU I 101 -6.34 -9.60 -16.56
N GLN I 102 -5.83 -8.36 -16.57
CA GLN I 102 -6.73 -7.24 -16.27
C GLN I 102 -7.88 -7.15 -17.27
N VAL I 103 -7.62 -7.35 -18.55
CA VAL I 103 -8.69 -7.16 -19.51
C VAL I 103 -9.67 -8.33 -19.49
N TYR I 104 -9.15 -9.56 -19.36
CA TYR I 104 -9.95 -10.77 -19.54
C TYR I 104 -10.22 -11.55 -18.26
N GLY I 105 -9.77 -11.04 -17.11
CA GLY I 105 -9.90 -11.78 -15.87
C GLY I 105 -11.35 -12.08 -15.50
N SER I 106 -12.22 -11.08 -15.58
CA SER I 106 -13.63 -11.31 -15.27
C SER I 106 -14.28 -12.21 -16.31
N THR I 107 -13.83 -12.14 -17.55
CA THR I 107 -14.33 -13.02 -18.61
C THR I 107 -13.93 -14.46 -18.35
N LEU I 108 -12.68 -14.68 -17.96
CA LEU I 108 -12.24 -16.04 -17.65
C LEU I 108 -13.09 -16.65 -16.54
N LYS I 109 -13.34 -15.89 -15.48
CA LYS I 109 -14.19 -16.39 -14.40
C LYS I 109 -15.59 -16.74 -14.93
N ALA I 110 -16.20 -15.81 -15.67
CA ALA I 110 -17.55 -16.01 -16.19
C ALA I 110 -17.63 -17.26 -17.06
N LEU I 111 -16.66 -17.42 -17.96
CA LEU I 111 -16.72 -18.55 -18.88
C LEU I 111 -16.35 -19.88 -18.21
N VAL I 112 -15.48 -19.86 -17.20
CA VAL I 112 -15.22 -21.10 -16.46
C VAL I 112 -16.51 -21.59 -15.78
N HIS I 113 -17.24 -20.66 -15.14
CA HIS I 113 -18.45 -21.07 -14.44
C HIS I 113 -19.53 -21.54 -15.41
N GLU I 114 -19.54 -20.98 -16.61
CA GLU I 114 -20.53 -21.40 -17.60
C GLU I 114 -20.17 -22.76 -18.18
N GLN I 115 -18.91 -22.96 -18.57
CA GLN I 115 -18.53 -24.19 -19.27
C GLN I 115 -18.14 -25.33 -18.35
N PHE I 116 -17.71 -25.04 -17.13
CA PHE I 116 -17.28 -26.09 -16.20
C PHE I 116 -18.17 -26.17 -14.97
N GLY I 117 -18.42 -25.05 -14.32
CA GLY I 117 -19.21 -25.01 -13.12
C GLY I 117 -18.52 -24.19 -12.07
N ASP I 118 -19.03 -24.26 -10.84
CA ASP I 118 -18.39 -23.56 -9.75
C ASP I 118 -17.09 -24.28 -9.41
N GLY I 119 -16.03 -23.51 -9.18
CA GLY I 119 -14.74 -24.13 -8.92
C GLY I 119 -13.65 -23.33 -9.57
N ILE I 120 -12.53 -23.98 -9.88
CA ILE I 120 -11.36 -23.28 -10.39
C ILE I 120 -10.75 -24.08 -11.53
N ILE I 121 -9.97 -23.39 -12.34
CA ILE I 121 -8.99 -24.02 -13.21
C ILE I 121 -7.67 -24.04 -12.45
N SER I 122 -7.09 -25.21 -12.28
CA SER I 122 -5.93 -25.37 -11.42
C SER I 122 -4.69 -24.69 -11.98
N ALA I 123 -3.93 -24.08 -11.08
CA ALA I 123 -2.57 -23.62 -11.39
C ALA I 123 -1.52 -24.63 -10.94
N ILE I 124 -1.94 -25.76 -10.38
CA ILE I 124 -1.05 -26.80 -9.87
C ILE I 124 -1.06 -28.04 -10.76
N ASN I 125 -2.24 -28.59 -11.03
CA ASN I 125 -2.42 -29.61 -12.07
C ASN I 125 -2.56 -28.84 -13.38
N PHE I 126 -1.40 -28.50 -13.95
CA PHE I 126 -1.32 -27.39 -14.88
C PHE I 126 -0.07 -27.53 -15.71
N LYS I 127 -0.17 -27.23 -17.01
CA LYS I 127 0.97 -27.21 -17.91
C LYS I 127 0.95 -25.92 -18.70
N LEU I 128 2.13 -25.39 -18.98
CA LEU I 128 2.28 -24.17 -19.75
C LEU I 128 3.24 -24.44 -20.90
N ASP I 129 2.93 -23.86 -22.07
CA ASP I 129 3.71 -24.00 -23.28
C ASP I 129 3.69 -22.71 -24.09
N ILE I 130 4.82 -22.33 -24.69
N ILE I 130 4.83 -22.36 -24.67
CA ILE I 130 4.86 -21.19 -25.60
CA ILE I 130 4.93 -21.23 -25.61
C ILE I 130 5.41 -21.64 -26.95
C ILE I 130 5.36 -21.76 -26.96
N LYS I 131 4.70 -21.30 -28.01
CA LYS I 131 5.04 -21.66 -29.38
C LYS I 131 5.14 -20.38 -30.21
N LYS I 132 6.03 -20.38 -31.19
CA LYS I 132 6.21 -19.25 -32.09
C LYS I 132 5.64 -19.60 -33.47
N VAL I 133 4.82 -18.71 -34.02
CA VAL I 133 4.23 -18.92 -35.35
C VAL I 133 4.59 -17.72 -36.21
N GLU I 134 4.89 -17.96 -37.47
CA GLU I 134 5.34 -16.91 -38.38
C GLU I 134 4.10 -16.38 -39.08
N ASP I 135 3.62 -15.18 -38.65
CA ASP I 135 2.26 -14.75 -39.00
C ASP I 135 2.23 -14.07 -40.38
N PRO I 136 1.17 -14.31 -41.17
CA PRO I 136 1.09 -13.77 -42.55
C PRO I 136 1.26 -12.27 -42.64
N ASP I 137 0.92 -11.52 -41.59
CA ASP I 137 1.05 -10.06 -41.63
C ASP I 137 2.55 -9.58 -41.58
N GLY I 138 3.54 -10.46 -41.61
CA GLY I 138 4.93 -10.10 -41.38
C GLY I 138 5.26 -10.17 -39.90
N GLY I 139 6.41 -10.75 -39.55
CA GLY I 139 6.77 -10.90 -38.15
C GLY I 139 6.36 -12.23 -37.56
N SER I 140 5.99 -12.26 -36.28
CA SER I 140 5.66 -13.53 -35.63
C SER I 140 4.70 -13.27 -34.47
N ARG I 141 4.10 -14.36 -34.01
CA ARG I 141 3.18 -14.35 -32.87
C ARG I 141 3.60 -15.44 -31.90
N ALA I 142 3.29 -15.20 -30.63
CA ALA I 142 3.44 -16.20 -29.58
C ALA I 142 2.07 -16.79 -29.29
N VAL I 143 2.01 -18.11 -29.27
CA VAL I 143 0.80 -18.83 -28.88
C VAL I 143 1.14 -19.51 -27.57
N ILE I 144 0.57 -19.02 -26.47
CA ILE I 144 0.84 -19.53 -25.14
C ILE I 144 -0.38 -20.32 -24.69
N THR I 145 -0.17 -21.59 -24.33
CA THR I 145 -1.24 -22.47 -23.91
C THR I 145 -1.17 -22.67 -22.40
N LEU I 146 -2.27 -22.35 -21.72
CA LEU I 146 -2.47 -22.63 -20.31
C LEU I 146 -3.43 -23.82 -20.24
N ASP I 147 -2.99 -24.91 -19.63
CA ASP I 147 -3.74 -26.16 -19.64
C ASP I 147 -3.89 -26.62 -18.18
N GLY I 148 -5.06 -26.37 -17.59
CA GLY I 148 -5.26 -26.63 -16.17
C GLY I 148 -6.48 -27.48 -15.91
N LYS I 149 -6.36 -28.35 -14.92
CA LYS I 149 -7.49 -29.20 -14.52
C LYS I 149 -8.61 -28.38 -13.89
N TYR I 150 -9.86 -28.75 -14.21
CA TYR I 150 -11.00 -28.14 -13.52
C TYR I 150 -11.21 -28.85 -12.19
N LEU I 151 -11.21 -28.08 -11.09
CA LEU I 151 -11.50 -28.62 -9.76
C LEU I 151 -12.80 -28.00 -9.30
N PRO I 152 -13.87 -28.80 -9.13
CA PRO I 152 -15.17 -28.23 -8.75
C PRO I 152 -15.30 -27.91 -7.27
N THR I 153 -16.07 -26.86 -7.00
CA THR I 153 -16.55 -26.54 -5.65
C THR I 153 -17.89 -27.22 -5.43
N LYS I 154 -17.94 -28.16 -4.48
CA LYS I 154 -19.18 -28.88 -4.21
C LYS I 154 -19.66 -28.61 -2.79
N PRO I 155 -20.98 -28.50 -2.59
CA PRO I 155 -21.50 -28.34 -1.22
C PRO I 155 -21.01 -29.46 -0.32
N PHE I 156 -20.87 -29.14 0.96
CA PHE I 156 -20.62 -30.17 1.96
C PHE I 156 -21.55 -29.91 3.15
N MET J 1 -18.90 9.73 -34.56
CA MET J 1 -17.67 9.93 -33.80
C MET J 1 -17.58 8.84 -32.72
N LEU J 2 -16.49 8.09 -32.70
CA LEU J 2 -16.30 7.09 -31.64
C LEU J 2 -16.22 7.82 -30.31
N GLN J 3 -16.95 7.30 -29.32
CA GLN J 3 -16.99 7.90 -27.99
C GLN J 3 -16.16 7.05 -27.03
N SER J 4 -15.72 7.67 -25.94
CA SER J 4 -14.93 6.93 -24.96
C SER J 4 -15.30 7.35 -23.55
N GLN J 5 -15.01 6.46 -22.60
CA GLN J 5 -15.26 6.64 -21.19
C GLN J 5 -13.97 7.12 -20.52
N PHE J 6 -14.13 7.97 -19.50
CA PHE J 6 -13.00 8.35 -18.68
C PHE J 6 -13.06 7.76 -17.28
N ALA J 7 -14.17 7.15 -16.87
CA ALA J 7 -14.32 6.50 -15.58
C ALA J 7 -15.01 5.15 -15.79
N GLN J 8 -14.77 4.20 -14.88
CA GLN J 8 -15.36 2.87 -15.09
C GLN J 8 -16.82 2.78 -14.69
N THR J 9 -17.31 3.72 -13.88
CA THR J 9 -18.60 3.55 -13.22
C THR J 9 -19.75 3.28 -14.19
N PRO J 10 -19.93 4.03 -15.28
CA PRO J 10 -21.07 3.73 -16.17
C PRO J 10 -21.01 2.33 -16.77
N ARG J 11 -19.85 1.87 -17.24
CA ARG J 11 -19.81 0.53 -17.83
C ARG J 11 -19.90 -0.57 -16.78
N LEU J 12 -19.41 -0.34 -15.56
CA LEU J 12 -19.62 -1.33 -14.50
C LEU J 12 -21.08 -1.41 -14.12
N ALA J 13 -21.78 -0.28 -14.10
CA ALA J 13 -23.20 -0.31 -13.83
C ALA J 13 -23.95 -1.04 -14.93
N LEU J 14 -23.55 -0.83 -16.19
CA LEU J 14 -24.17 -1.58 -17.26
C LEU J 14 -23.89 -3.07 -17.14
N ALA J 15 -22.65 -3.43 -16.79
CA ALA J 15 -22.33 -4.84 -16.55
C ALA J 15 -23.21 -5.42 -15.45
N ASP J 16 -23.45 -4.63 -14.40
CA ASP J 16 -24.33 -5.08 -13.31
C ASP J 16 -25.70 -5.44 -13.84
N THR J 17 -26.26 -4.58 -14.70
N THR J 17 -26.27 -4.60 -14.72
CA THR J 17 -27.56 -4.82 -15.31
CA THR J 17 -27.60 -4.89 -15.23
C THR J 17 -27.55 -6.09 -16.14
C THR J 17 -27.59 -6.08 -16.19
N VAL J 18 -26.52 -6.25 -16.96
CA VAL J 18 -26.40 -7.45 -17.80
C VAL J 18 -26.42 -8.71 -16.96
N ILE J 19 -25.61 -8.73 -15.88
CA ILE J 19 -25.56 -9.89 -15.01
C ILE J 19 -26.94 -10.20 -14.45
N ASP J 20 -27.65 -9.17 -14.01
CA ASP J 20 -28.97 -9.39 -13.40
C ASP J 20 -29.99 -9.88 -14.44
N LEU J 21 -30.03 -9.25 -15.61
CA LEU J 21 -30.99 -9.66 -16.64
C LEU J 21 -30.66 -11.04 -17.18
N LYS J 22 -29.38 -11.34 -17.35
CA LYS J 22 -28.95 -12.67 -17.79
C LYS J 22 -29.48 -13.74 -16.85
N ALA J 23 -29.39 -13.50 -15.54
CA ALA J 23 -29.86 -14.46 -14.56
C ALA J 23 -31.37 -14.58 -14.60
N ARG J 24 -32.07 -13.43 -14.74
CA ARG J 24 -33.53 -13.46 -14.76
C ARG J 24 -34.07 -14.26 -15.94
N LYS J 25 -33.47 -14.09 -17.11
CA LYS J 25 -33.92 -14.76 -18.32
C LYS J 25 -33.25 -16.11 -18.54
N ASN J 26 -32.43 -16.57 -17.59
CA ASN J 26 -31.72 -17.85 -17.68
C ASN J 26 -30.91 -17.95 -18.96
N LEU J 27 -30.17 -16.88 -19.28
CA LEU J 27 -29.36 -16.85 -20.48
C LEU J 27 -27.92 -17.24 -20.16
N SER J 28 -27.22 -17.69 -21.19
CA SER J 28 -25.80 -17.99 -21.13
C SER J 28 -25.00 -16.93 -21.86
N TRP J 29 -23.70 -16.87 -21.55
CA TRP J 29 -22.82 -16.01 -22.31
C TRP J 29 -22.76 -16.45 -23.77
N GLN J 30 -22.83 -17.76 -24.02
CA GLN J 30 -22.83 -18.26 -25.38
C GLN J 30 -24.06 -17.75 -26.13
N ALA J 31 -25.22 -17.76 -25.48
CA ALA J 31 -26.43 -17.25 -26.11
C ALA J 31 -26.31 -15.78 -26.47
N LEU J 32 -25.67 -14.98 -25.61
CA LEU J 32 -25.52 -13.56 -25.92
C LEU J 32 -24.51 -13.32 -27.04
N THR J 33 -23.50 -14.18 -27.17
CA THR J 33 -22.55 -14.06 -28.27
C THR J 33 -23.15 -14.54 -29.60
N ASP J 34 -24.02 -15.54 -29.57
CA ASP J 34 -24.62 -16.06 -30.80
C ASP J 34 -25.29 -14.96 -31.59
N GLY J 35 -25.00 -14.91 -32.89
CA GLY J 35 -25.60 -13.95 -33.77
C GLY J 35 -24.83 -12.67 -33.97
N THR J 36 -23.75 -12.44 -33.19
CA THR J 36 -22.92 -11.25 -33.36
C THR J 36 -21.83 -11.42 -34.39
N GLY J 37 -21.47 -12.66 -34.73
CA GLY J 37 -20.31 -12.89 -35.56
C GLY J 37 -18.98 -12.67 -34.87
N LEU J 38 -19.00 -12.44 -33.56
CA LEU J 38 -17.80 -12.19 -32.77
C LEU J 38 -17.56 -13.35 -31.81
N SER J 39 -16.35 -13.40 -31.26
CA SER J 39 -15.95 -14.51 -30.41
C SER J 39 -16.55 -14.38 -29.01
N LEU J 40 -16.77 -15.53 -28.39
CA LEU J 40 -17.32 -15.60 -27.05
C LEU J 40 -16.50 -14.76 -26.07
N ALA J 41 -15.17 -14.89 -26.14
CA ALA J 41 -14.34 -14.17 -25.18
C ALA J 41 -14.43 -12.67 -25.38
N PHE J 42 -14.53 -12.20 -26.63
CA PHE J 42 -14.56 -10.76 -26.86
C PHE J 42 -15.89 -10.15 -26.44
N VAL J 43 -17.01 -10.77 -26.83
CA VAL J 43 -18.32 -10.23 -26.47
C VAL J 43 -18.53 -10.27 -24.96
N THR J 44 -18.13 -11.36 -24.32
CA THR J 44 -18.28 -11.46 -22.87
C THR J 44 -17.47 -10.36 -22.18
N ALA J 45 -16.23 -10.16 -22.61
CA ALA J 45 -15.43 -9.08 -22.03
C ALA J 45 -16.07 -7.72 -22.25
N ALA J 46 -16.63 -7.50 -23.45
CA ALA J 46 -17.31 -6.23 -23.71
C ALA J 46 -18.45 -6.00 -22.74
N LEU J 47 -19.30 -7.02 -22.55
CA LEU J 47 -20.44 -6.89 -21.66
C LEU J 47 -20.01 -6.64 -20.22
N LEU J 48 -18.86 -7.19 -19.83
CA LEU J 48 -18.32 -6.98 -18.49
C LEU J 48 -17.51 -5.68 -18.38
N GLY J 49 -17.56 -4.83 -19.39
CA GLY J 49 -17.02 -3.49 -19.35
C GLY J 49 -15.63 -3.32 -19.91
N GLN J 50 -15.11 -4.29 -20.66
CA GLN J 50 -13.71 -4.29 -21.03
C GLN J 50 -13.43 -4.10 -22.52
N HIS J 51 -14.46 -3.96 -23.35
CA HIS J 51 -14.32 -3.69 -24.78
C HIS J 51 -15.55 -2.92 -25.25
N PRO J 52 -15.44 -2.14 -26.31
CA PRO J 52 -16.64 -1.63 -26.99
C PRO J 52 -17.13 -2.66 -27.99
N LEU J 53 -18.42 -2.65 -28.23
CA LEU J 53 -18.96 -3.47 -29.31
C LEU J 53 -19.25 -2.58 -30.52
N PRO J 54 -19.12 -3.10 -31.74
CA PRO J 54 -19.64 -2.38 -32.91
C PRO J 54 -21.16 -2.22 -32.80
N LYS J 55 -21.70 -1.23 -33.50
CA LYS J 55 -23.12 -0.90 -33.34
C LYS J 55 -24.02 -2.11 -33.56
N GLU J 56 -23.79 -2.85 -34.65
CA GLU J 56 -24.68 -3.96 -34.98
C GLU J 56 -24.70 -5.00 -33.87
N ALA J 57 -23.51 -5.42 -33.41
CA ALA J 57 -23.43 -6.40 -32.33
C ALA J 57 -24.04 -5.86 -31.06
N ALA J 58 -23.80 -4.58 -30.75
CA ALA J 58 -24.37 -4.00 -29.53
C ALA J 58 -25.89 -4.04 -29.56
N ASP J 59 -26.50 -3.71 -30.69
CA ASP J 59 -27.96 -3.74 -30.77
C ASP J 59 -28.49 -5.16 -30.65
N ILE J 60 -27.79 -6.14 -31.22
CA ILE J 60 -28.25 -7.53 -31.13
C ILE J 60 -28.25 -8.00 -29.68
N VAL J 61 -27.11 -7.85 -28.99
N VAL J 61 -27.11 -7.86 -28.99
CA VAL J 61 -27.05 -8.33 -27.59
CA VAL J 61 -27.04 -8.31 -27.59
C VAL J 61 -28.01 -7.53 -26.72
C VAL J 61 -28.05 -7.54 -26.76
N CYS J 62 -28.23 -6.25 -27.04
CA CYS J 62 -29.12 -5.44 -26.25
C CYS J 62 -30.56 -5.90 -26.45
N GLY J 63 -30.89 -6.30 -27.68
CA GLY J 63 -32.21 -6.86 -27.94
C GLY J 63 -32.49 -8.13 -27.15
N LYS J 64 -31.48 -8.99 -27.00
CA LYS J 64 -31.70 -10.24 -26.25
C LYS J 64 -31.93 -9.98 -24.77
N LEU J 65 -31.33 -8.93 -24.22
CA LEU J 65 -31.44 -8.63 -22.80
C LEU J 65 -32.60 -7.68 -22.49
N GLY J 66 -33.18 -7.05 -23.51
CA GLY J 66 -34.21 -6.05 -23.29
C GLY J 66 -33.67 -4.69 -22.91
N LEU J 67 -32.44 -4.39 -23.31
CA LEU J 67 -31.82 -3.12 -22.99
C LEU J 67 -32.12 -2.10 -24.09
N ASP J 68 -32.18 -0.83 -23.72
CA ASP J 68 -32.63 0.20 -24.64
C ASP J 68 -31.45 0.83 -25.39
N GLU J 69 -31.75 1.90 -26.15
CA GLU J 69 -30.72 2.55 -26.96
C GLU J 69 -29.64 3.20 -26.11
N ASP J 70 -29.97 3.64 -24.90
CA ASP J 70 -28.96 4.25 -24.04
C ASP J 70 -27.92 3.22 -23.63
N ALA J 71 -28.36 2.03 -23.26
CA ALA J 71 -27.41 0.98 -22.91
C ALA J 71 -26.57 0.61 -24.13
N SER J 72 -27.20 0.50 -25.30
CA SER J 72 -26.45 0.12 -26.49
C SER J 72 -25.40 1.16 -26.85
N ARG J 73 -25.74 2.45 -26.72
CA ARG J 73 -24.76 3.50 -27.00
C ARG J 73 -23.57 3.41 -26.04
N LEU J 74 -23.85 3.13 -24.77
CA LEU J 74 -22.77 2.98 -23.79
C LEU J 74 -21.90 1.77 -24.11
N LEU J 75 -22.52 0.67 -24.51
CA LEU J 75 -21.78 -0.52 -24.93
C LEU J 75 -20.88 -0.26 -26.14
N GLN J 76 -21.19 0.77 -26.94
CA GLN J 76 -20.37 1.10 -28.09
C GLN J 76 -19.24 2.07 -27.77
N SER J 77 -19.20 2.59 -26.55
N SER J 77 -19.18 2.58 -26.55
CA SER J 77 -18.14 3.50 -26.13
CA SER J 77 -18.14 3.54 -26.16
C SER J 77 -16.88 2.71 -25.78
C SER J 77 -16.91 2.81 -25.65
N VAL J 78 -15.73 3.34 -25.98
CA VAL J 78 -14.46 2.73 -25.58
C VAL J 78 -14.32 2.81 -24.05
N PRO J 79 -14.13 1.70 -23.35
CA PRO J 79 -14.12 1.74 -21.90
C PRO J 79 -12.77 2.15 -21.34
N LEU J 80 -12.80 2.53 -20.06
CA LEU J 80 -11.60 2.56 -19.24
C LEU J 80 -11.42 1.16 -18.68
N ARG J 81 -10.42 0.44 -19.18
CA ARG J 81 -10.35 -1.00 -18.95
C ARG J 81 -9.67 -1.35 -17.64
N GLY J 82 -9.99 -2.56 -17.15
CA GLY J 82 -9.35 -3.14 -15.98
C GLY J 82 -10.37 -3.87 -15.15
N SER J 83 -10.28 -5.21 -15.08
CA SER J 83 -11.31 -5.95 -14.37
C SER J 83 -11.01 -6.13 -12.88
N PHE J 84 -9.80 -5.83 -12.40
CA PHE J 84 -9.54 -5.77 -10.96
C PHE J 84 -8.66 -4.57 -10.62
N PRO J 85 -9.25 -3.36 -10.61
CA PRO J 85 -8.46 -2.16 -10.31
C PRO J 85 -8.20 -1.94 -8.83
N SER J 86 -8.83 -2.71 -7.94
CA SER J 86 -8.73 -2.44 -6.51
C SER J 86 -8.02 -3.53 -5.73
N GLY J 87 -7.06 -4.21 -6.35
CA GLY J 87 -6.20 -5.14 -5.64
C GLY J 87 -6.16 -6.49 -6.32
N VAL J 88 -5.17 -7.27 -5.90
CA VAL J 88 -5.06 -8.65 -6.40
C VAL J 88 -6.37 -9.37 -6.10
N PRO J 89 -6.90 -10.18 -7.01
CA PRO J 89 -8.21 -10.80 -6.74
C PRO J 89 -8.16 -11.67 -5.50
N THR J 90 -9.27 -11.64 -4.73
CA THR J 90 -9.48 -12.64 -3.69
C THR J 90 -10.26 -13.83 -4.22
N ASP J 91 -10.97 -13.67 -5.31
CA ASP J 91 -11.79 -14.78 -5.81
C ASP J 91 -10.89 -15.93 -6.27
N PRO J 92 -11.09 -17.15 -5.76
CA PRO J 92 -10.19 -18.25 -6.15
C PRO J 92 -10.11 -18.48 -7.65
N THR J 93 -11.23 -18.38 -8.38
CA THR J 93 -11.20 -18.63 -9.82
C THR J 93 -10.30 -17.64 -10.54
N MET J 94 -10.47 -16.33 -10.27
CA MET J 94 -9.57 -15.38 -10.89
C MET J 94 -8.16 -15.48 -10.33
N TYR J 95 -8.04 -15.75 -9.03
CA TYR J 95 -6.71 -15.77 -8.43
C TYR J 95 -5.79 -16.81 -9.11
N ARG J 96 -6.33 -17.98 -9.50
CA ARG J 96 -5.45 -19.01 -10.08
C ARG J 96 -4.71 -18.51 -11.32
N PHE J 97 -5.37 -17.67 -12.13
CA PHE J 97 -4.68 -17.11 -13.29
C PHE J 97 -3.60 -16.14 -12.86
N TYR J 98 -3.84 -15.37 -11.80
CA TYR J 98 -2.77 -14.56 -11.23
C TYR J 98 -1.63 -15.44 -10.71
N GLU J 99 -1.96 -16.56 -10.07
CA GLU J 99 -0.92 -17.47 -9.60
C GLU J 99 -0.10 -18.04 -10.74
N MET J 100 -0.75 -18.35 -11.87
CA MET J 100 0.02 -18.85 -13.00
C MET J 100 1.08 -17.83 -13.41
N LEU J 101 0.71 -16.55 -13.37
CA LEU J 101 1.65 -15.50 -13.69
C LEU J 101 2.74 -15.39 -12.63
N GLN J 102 2.38 -15.54 -11.35
CA GLN J 102 3.43 -15.53 -10.32
C GLN J 102 4.43 -16.66 -10.52
N VAL J 103 3.95 -17.86 -10.85
CA VAL J 103 4.87 -18.98 -10.98
C VAL J 103 5.66 -18.89 -12.27
N TYR J 104 5.03 -18.49 -13.38
CA TYR J 104 5.68 -18.58 -14.69
C TYR J 104 6.05 -17.24 -15.31
N GLY J 105 5.85 -16.13 -14.61
CA GLY J 105 6.09 -14.81 -15.18
C GLY J 105 7.52 -14.62 -15.64
N SER J 106 8.48 -15.00 -14.77
CA SER J 106 9.87 -14.81 -15.16
C SER J 106 10.25 -15.76 -16.28
N THR J 107 9.62 -16.95 -16.31
CA THR J 107 9.86 -17.89 -17.40
C THR J 107 9.33 -17.36 -18.73
N LEU J 108 8.13 -16.79 -18.73
CA LEU J 108 7.60 -16.24 -19.97
C LEU J 108 8.52 -15.16 -20.52
N LYS J 109 9.01 -14.26 -19.66
CA LYS J 109 9.94 -13.24 -20.12
C LYS J 109 11.18 -13.87 -20.72
N ALA J 110 11.78 -14.81 -19.98
CA ALA J 110 13.02 -15.44 -20.43
C ALA J 110 12.83 -16.11 -21.78
N LEU J 111 11.72 -16.84 -21.94
CA LEU J 111 11.50 -17.56 -23.17
C LEU J 111 11.09 -16.64 -24.31
N VAL J 112 10.38 -15.55 -24.03
CA VAL J 112 10.10 -14.62 -25.11
C VAL J 112 11.40 -14.05 -25.65
N HIS J 113 12.33 -13.66 -24.78
CA HIS J 113 13.54 -13.03 -25.30
C HIS J 113 14.39 -14.06 -26.04
N GLU J 114 14.31 -15.32 -25.65
CA GLU J 114 15.12 -16.32 -26.33
C GLU J 114 14.53 -16.68 -27.69
N GLN J 115 13.21 -16.90 -27.76
CA GLN J 115 12.59 -17.38 -29.00
C GLN J 115 12.19 -16.26 -29.95
N PHE J 116 11.98 -15.05 -29.46
CA PHE J 116 11.56 -13.94 -30.30
C PHE J 116 12.59 -12.83 -30.31
N GLY J 117 13.03 -12.39 -29.13
CA GLY J 117 13.99 -11.32 -29.00
C GLY J 117 13.54 -10.31 -27.99
N ASP J 118 14.24 -9.18 -27.97
CA ASP J 118 13.84 -8.10 -27.09
C ASP J 118 12.54 -7.48 -27.59
N GLY J 119 11.62 -7.24 -26.68
CA GLY J 119 10.33 -6.72 -27.05
C GLY J 119 9.27 -7.35 -26.19
N ILE J 120 8.05 -7.39 -26.69
CA ILE J 120 6.92 -7.87 -25.91
C ILE J 120 6.07 -8.78 -26.78
N ILE J 121 5.26 -9.59 -26.11
CA ILE J 121 4.11 -10.24 -26.73
C ILE J 121 2.92 -9.34 -26.44
N SER J 122 2.24 -8.89 -27.49
CA SER J 122 1.22 -7.86 -27.35
C SER J 122 -0.03 -8.34 -26.62
N ALA J 123 -0.59 -7.45 -25.79
CA ALA J 123 -1.91 -7.67 -25.22
C ALA J 123 -3.00 -6.95 -25.98
N ILE J 124 -2.64 -6.26 -27.07
CA ILE J 124 -3.56 -5.48 -27.89
C ILE J 124 -3.82 -6.16 -29.23
N ASN J 125 -2.75 -6.48 -29.97
CA ASN J 125 -2.86 -7.35 -31.14
C ASN J 125 -2.85 -8.77 -30.57
N PHE J 126 -4.02 -9.23 -30.17
CA PHE J 126 -4.10 -10.31 -29.19
C PHE J 126 -5.47 -10.97 -29.27
N LYS J 127 -5.48 -12.30 -29.18
CA LYS J 127 -6.70 -13.10 -29.14
C LYS J 127 -6.62 -14.07 -27.98
N LEU J 128 -7.76 -14.32 -27.34
CA LEU J 128 -7.87 -15.25 -26.24
C LEU J 128 -9.03 -16.20 -26.51
N ASP J 129 -8.85 -17.48 -26.19
CA ASP J 129 -9.98 -18.39 -26.28
C ASP J 129 -9.81 -19.47 -25.21
N ILE J 130 -10.93 -20.04 -24.77
CA ILE J 130 -10.93 -21.10 -23.79
C ILE J 130 -11.68 -22.30 -24.37
N LYS J 131 -11.09 -23.48 -24.24
CA LYS J 131 -11.68 -24.74 -24.69
C LYS J 131 -11.75 -25.69 -23.52
N LYS J 132 -12.76 -26.56 -23.54
CA LYS J 132 -12.92 -27.59 -22.53
C LYS J 132 -12.59 -28.94 -23.17
N VAL J 133 -11.73 -29.72 -22.51
CA VAL J 133 -11.36 -31.04 -22.99
C VAL J 133 -11.50 -32.06 -21.86
N GLU J 134 -11.79 -33.30 -22.22
CA GLU J 134 -11.93 -34.31 -21.18
C GLU J 134 -10.54 -34.75 -20.72
N ASP J 135 -10.38 -34.92 -19.40
CA ASP J 135 -9.09 -35.37 -18.89
C ASP J 135 -9.07 -36.90 -18.88
N PRO J 136 -8.02 -37.53 -19.42
CA PRO J 136 -7.97 -39.01 -19.43
C PRO J 136 -8.10 -39.63 -18.05
N ASP J 137 -7.70 -38.93 -17.00
CA ASP J 137 -7.84 -39.38 -15.62
C ASP J 137 -9.26 -39.16 -15.08
N GLY J 138 -10.19 -38.79 -15.94
CA GLY J 138 -11.50 -38.40 -15.45
C GLY J 138 -11.54 -36.92 -15.11
N GLY J 139 -12.72 -36.33 -15.33
CA GLY J 139 -12.88 -34.90 -15.17
C GLY J 139 -12.56 -34.18 -16.46
N SER J 140 -12.32 -32.88 -16.34
CA SER J 140 -12.08 -32.07 -17.54
C SER J 140 -10.96 -31.09 -17.26
N ARG J 141 -10.44 -30.53 -18.36
CA ARG J 141 -9.38 -29.52 -18.31
C ARG J 141 -9.82 -28.31 -19.11
N ALA J 142 -9.32 -27.14 -18.73
CA ALA J 142 -9.48 -25.95 -19.55
C ALA J 142 -8.16 -25.71 -20.28
N VAL J 143 -8.25 -25.50 -21.59
CA VAL J 143 -7.10 -25.16 -22.41
C VAL J 143 -7.33 -23.71 -22.87
N ILE J 144 -6.56 -22.79 -22.33
CA ILE J 144 -6.70 -21.36 -22.59
C ILE J 144 -5.54 -20.96 -23.49
N THR J 145 -5.85 -20.38 -24.64
CA THR J 145 -4.84 -19.98 -25.62
C THR J 145 -4.70 -18.46 -25.62
N LEU J 146 -3.48 -17.99 -25.38
CA LEU J 146 -3.11 -16.59 -25.51
C LEU J 146 -2.31 -16.43 -26.79
N ASP J 147 -2.79 -15.60 -27.71
CA ASP J 147 -2.22 -15.48 -29.04
C ASP J 147 -1.91 -14.01 -29.30
N GLY J 148 -0.65 -13.62 -29.15
CA GLY J 148 -0.27 -12.22 -29.22
C GLY J 148 0.85 -11.98 -30.21
N LYS J 149 0.78 -10.84 -30.88
CA LYS J 149 1.83 -10.43 -31.81
C LYS J 149 3.11 -10.10 -31.05
N TYR J 150 4.25 -10.53 -31.60
CA TYR J 150 5.53 -10.11 -31.06
C TYR J 150 5.86 -8.71 -31.59
N LEU J 151 6.09 -7.76 -30.68
CA LEU J 151 6.50 -6.41 -31.04
C LEU J 151 7.93 -6.20 -30.59
N PRO J 152 8.90 -6.06 -31.50
CA PRO J 152 10.29 -5.94 -31.08
C PRO J 152 10.66 -4.55 -30.57
N THR J 153 11.58 -4.56 -29.61
CA THR J 153 12.30 -3.37 -29.17
C THR J 153 13.55 -3.25 -30.04
N LYS J 154 13.60 -2.21 -30.85
CA LYS J 154 14.76 -1.92 -31.68
C LYS J 154 15.44 -0.63 -31.26
N PRO J 155 16.77 -0.55 -31.33
CA PRO J 155 17.45 0.70 -31.00
C PRO J 155 16.98 1.84 -31.90
N PHE J 156 17.03 3.05 -31.37
CA PHE J 156 16.82 4.21 -32.23
C PHE J 156 17.94 5.21 -31.98
#